data_9BWE
#
_entry.id   9BWE
#
_cell.length_a   1.00
_cell.length_b   1.00
_cell.length_c   1.00
_cell.angle_alpha   90.00
_cell.angle_beta   90.00
_cell.angle_gamma   90.00
#
_symmetry.space_group_name_H-M   'P 1'
#
loop_
_entity.id
_entity.type
_entity.pdbx_description
1 polymer 'Glycine receptor subunit alpha-3'
2 branched 2-acetamido-2-deoxy-beta-D-glucopyranose-(1-4)-2-acetamido-2-deoxy-beta-D-glucopyranose
3 non-polymer '[(2R)-2-octanoyloxy-3-[oxidanyl-[(1R,2R,3S,4R,5R,6S)-2,3,6-tris(oxidanyl)-4,5-diphosphonooxy-cyclohexyl]oxy-phosphoryl]oxy-propyl] octanoate'
4 non-polymer 1,2-DIMYRISTOYL-SN-GLYCERO-3-PHOSPHOCHOLINE
5 non-polymer GLYCINE
#
_entity_poly.entity_id   1
_entity_poly.type   'polypeptide(L)'
_entity_poly.pdbx_seq_one_letter_code
;MAHVRHFRTLVSGFYFWEAALLLSLVATKETDSARSRSAPMSPSDFLDKLMGRTSGYDARIRPNFKGPPVNVTCNIFINS
FGSIAETTMDYRVNIFLRQKWNDPRLAYSEYPDDSLDLDPSMLDSIWKPDLFFANEKGANFHEVTTDNKLLRIFKNGNVL
YSIRLTLTLSCPMDLKNFPMDVQTCIMQLESFGYTMNDLIFEWQDEAPVQVAEGLTLPQFLLKEEKDLRYCTKHYNTGKF
TCIEVRFHLERQMGYYLIQMYIPSLLIVILSWVSFWINMDAAPARVALGITTVLTMTTQSSGSRASLPKVSYVKAIDIWM
AVCLLFVFSALLEYAAVNFVSRQHKELLRFRRKRKNKTEAFALEKFYRFSDMDDEVRESRFSFTAYGMGPCLQAKDGMTP
KGPNHPVQVMPKSPDEMRKVFIDRAKKIDTISRACFPLAFLIFNIFYWVIYKILRHEDIHQQQDLVPRGSHHHHHHHH
;
_entity_poly.pdbx_strand_id   A,B,C,D,E
#
loop_
_chem_comp.id
_chem_comp.type
_chem_comp.name
_chem_comp.formula
NAG D-saccharide, beta linking 2-acetamido-2-deoxy-beta-D-glucopyranose 'C8 H15 N O6'
PIO non-polymer '[(2R)-2-octanoyloxy-3-[oxidanyl-[(1R,2R,3S,4R,5R,6S)-2,3,6-tris(oxidanyl)-4,5-diphosphonooxy-cyclohexyl]oxy-phosphoryl]oxy-propyl] octanoate' 'C25 H49 O19 P3'
PX4 non-polymer 1,2-DIMYRISTOYL-SN-GLYCERO-3-PHOSPHOCHOLINE 'C36 H73 N O8 P 1'
#
# COMPACT_ATOMS: atom_id res chain seq x y z
N MET A 41 -29.30 44.18 -23.90
CA MET A 41 -28.42 43.28 -24.65
C MET A 41 -28.36 41.90 -24.00
N SER A 42 -28.58 40.86 -24.80
CA SER A 42 -28.56 39.50 -24.29
C SER A 42 -27.16 39.07 -23.88
N PRO A 43 -27.05 38.26 -22.83
CA PRO A 43 -25.74 37.73 -22.39
C PRO A 43 -25.21 36.59 -23.26
N SER A 44 -26.12 35.82 -23.84
CA SER A 44 -25.75 34.62 -24.58
C SER A 44 -25.05 34.91 -25.89
N ASP A 45 -25.59 35.82 -26.71
CA ASP A 45 -25.01 36.06 -28.03
C ASP A 45 -23.69 36.82 -28.01
N PHE A 46 -23.41 37.56 -26.93
CA PHE A 46 -22.16 38.31 -26.88
C PHE A 46 -20.95 37.40 -26.94
N LEU A 47 -21.05 36.21 -26.33
CA LEU A 47 -19.99 35.22 -26.46
C LEU A 47 -19.84 34.75 -27.91
N ASP A 48 -20.93 34.74 -28.67
CA ASP A 48 -20.87 34.27 -30.04
C ASP A 48 -20.21 35.31 -30.94
N LYS A 49 -20.58 36.58 -30.76
CA LYS A 49 -19.97 37.64 -31.54
C LYS A 49 -18.53 37.91 -31.15
N LEU A 50 -18.18 37.71 -29.87
CA LEU A 50 -16.80 37.90 -29.43
C LEU A 50 -15.87 36.83 -29.98
N MET A 51 -16.35 35.58 -30.04
CA MET A 51 -15.54 34.45 -30.49
C MET A 51 -16.44 33.40 -31.13
N GLY A 52 -15.95 32.78 -32.19
CA GLY A 52 -16.70 31.76 -32.86
C GLY A 52 -16.51 31.86 -34.36
N ARG A 53 -17.36 31.13 -35.08
CA ARG A 53 -17.27 31.13 -36.54
C ARG A 53 -17.62 32.50 -37.11
N THR A 54 -18.58 33.19 -36.50
CA THR A 54 -18.99 34.50 -37.01
C THR A 54 -17.85 35.50 -36.96
N SER A 55 -17.09 35.52 -35.86
CA SER A 55 -15.98 36.45 -35.70
C SER A 55 -14.66 35.90 -36.23
N GLY A 56 -14.61 34.62 -36.62
CA GLY A 56 -13.40 34.04 -37.14
C GLY A 56 -12.36 33.69 -36.09
N TYR A 57 -12.72 33.69 -34.81
CA TYR A 57 -11.78 33.33 -33.76
C TYR A 57 -11.46 31.84 -33.80
N ASP A 58 -10.17 31.52 -33.71
CA ASP A 58 -9.69 30.14 -33.70
C ASP A 58 -8.91 29.88 -32.43
N ALA A 59 -9.25 28.79 -31.73
CA ALA A 59 -8.54 28.41 -30.52
C ALA A 59 -7.21 27.73 -30.80
N ARG A 60 -6.93 27.39 -32.05
CA ARG A 60 -5.70 26.71 -32.42
C ARG A 60 -4.60 27.68 -32.83
N ILE A 61 -4.86 28.98 -32.80
CA ILE A 61 -3.90 30.00 -33.20
C ILE A 61 -3.62 30.90 -32.01
N ARG A 62 -2.34 31.11 -31.72
CA ARG A 62 -1.94 32.01 -30.64
C ARG A 62 -2.28 33.45 -31.02
N PRO A 63 -2.46 34.35 -30.01
CA PRO A 63 -2.93 35.72 -30.29
C PRO A 63 -2.11 36.49 -31.31
N ASN A 64 -0.81 36.66 -31.06
CA ASN A 64 0.09 37.31 -32.00
C ASN A 64 0.81 36.20 -32.77
N PHE A 65 0.23 35.79 -33.89
CA PHE A 65 0.73 34.63 -34.62
C PHE A 65 2.11 34.90 -35.23
N LYS A 66 2.26 36.03 -35.90
CA LYS A 66 3.52 36.39 -36.56
C LYS A 66 4.05 37.72 -36.02
N GLY A 67 3.94 37.91 -34.72
CA GLY A 67 4.43 39.11 -34.07
C GLY A 67 5.33 38.79 -32.88
N PRO A 68 5.28 39.64 -31.86
CA PRO A 68 6.09 39.40 -30.67
C PRO A 68 5.58 38.18 -29.92
N PRO A 69 6.44 37.50 -29.16
CA PRO A 69 5.99 36.33 -28.39
C PRO A 69 4.97 36.70 -27.33
N VAL A 70 4.08 35.76 -27.04
CA VAL A 70 3.06 35.98 -26.03
C VAL A 70 3.69 35.87 -24.64
N ASN A 71 3.50 36.91 -23.83
CA ASN A 71 4.06 36.95 -22.49
C ASN A 71 2.99 36.51 -21.50
N VAL A 72 3.18 35.34 -20.90
CA VAL A 72 2.23 34.78 -19.95
C VAL A 72 2.79 34.96 -18.55
N THR A 73 2.05 35.67 -17.71
CA THR A 73 2.45 35.97 -16.34
C THR A 73 1.75 34.99 -15.39
N CYS A 74 2.53 34.22 -14.64
CA CYS A 74 1.98 33.14 -13.82
C CYS A 74 2.24 33.40 -12.35
N ASN A 75 1.36 32.85 -11.51
CA ASN A 75 1.56 32.85 -10.06
C ASN A 75 0.78 31.70 -9.44
N ILE A 76 1.21 31.28 -8.24
CA ILE A 76 0.58 30.14 -7.60
C ILE A 76 0.14 30.51 -6.18
N PHE A 77 -0.76 29.68 -5.66
CA PHE A 77 -1.25 29.83 -4.29
C PHE A 77 -1.32 28.43 -3.69
N ILE A 78 -0.36 28.10 -2.83
CA ILE A 78 -0.26 26.77 -2.25
C ILE A 78 -1.40 26.58 -1.25
N ASN A 79 -2.41 25.80 -1.63
CA ASN A 79 -3.54 25.57 -0.74
C ASN A 79 -3.17 24.56 0.35
N SER A 80 -2.37 23.56 0.00
CA SER A 80 -1.94 22.54 0.96
C SER A 80 -0.56 22.05 0.59
N PHE A 81 0.15 21.50 1.57
CA PHE A 81 1.51 21.01 1.37
C PHE A 81 1.69 19.82 2.31
N GLY A 82 2.29 18.74 1.83
CA GLY A 82 2.55 17.61 2.69
C GLY A 82 2.85 16.34 1.91
N SER A 83 2.78 15.22 2.63
CA SER A 83 3.04 13.87 2.08
C SER A 83 4.42 13.78 1.43
N ILE A 84 5.41 14.36 2.10
CA ILE A 84 6.80 14.35 1.62
C ILE A 84 7.45 13.02 1.98
N ALA A 85 7.40 12.08 1.04
CA ALA A 85 7.94 10.74 1.24
C ALA A 85 9.41 10.75 0.85
N GLU A 86 10.28 10.36 1.77
CA GLU A 86 11.71 10.31 1.46
C GLU A 86 12.06 9.10 0.62
N THR A 87 11.35 7.98 0.82
CA THR A 87 11.66 6.75 0.08
C THR A 87 11.38 6.92 -1.41
N THR A 88 10.26 7.57 -1.74
CA THR A 88 9.87 7.77 -3.13
C THR A 88 10.50 9.02 -3.74
N MET A 89 11.15 9.86 -2.92
CA MET A 89 11.87 11.07 -3.37
C MET A 89 10.94 12.05 -4.08
N ASP A 90 9.77 12.29 -3.49
CA ASP A 90 8.82 13.25 -4.05
C ASP A 90 7.99 13.86 -2.92
N TYR A 91 7.11 14.79 -3.30
CA TYR A 91 6.20 15.40 -2.35
C TYR A 91 4.91 15.79 -3.06
N ARG A 92 3.85 15.95 -2.27
CA ARG A 92 2.53 16.27 -2.78
C ARG A 92 2.16 17.70 -2.43
N VAL A 93 1.49 18.38 -3.37
CA VAL A 93 1.15 19.78 -3.17
C VAL A 93 -0.14 20.06 -3.95
N ASN A 94 -0.99 20.91 -3.39
CA ASN A 94 -2.23 21.31 -4.03
C ASN A 94 -2.17 22.82 -4.20
N ILE A 95 -2.26 23.29 -5.44
CA ILE A 95 -2.01 24.69 -5.73
C ILE A 95 -3.16 25.29 -6.54
N PHE A 96 -3.23 26.61 -6.52
CA PHE A 96 -4.11 27.39 -7.38
C PHE A 96 -3.23 28.12 -8.39
N LEU A 97 -3.19 27.60 -9.63
CA LEU A 97 -2.35 28.17 -10.67
C LEU A 97 -3.13 29.26 -11.40
N ARG A 98 -2.60 30.47 -11.42
CA ARG A 98 -3.24 31.59 -12.11
C ARG A 98 -2.32 32.03 -13.24
N GLN A 99 -2.89 32.27 -14.42
CA GLN A 99 -2.16 32.70 -15.60
C GLN A 99 -2.86 33.91 -16.19
N LYS A 100 -2.07 34.88 -16.65
CA LYS A 100 -2.60 36.11 -17.22
C LYS A 100 -1.89 36.39 -18.54
N TRP A 101 -2.67 36.70 -19.58
CA TRP A 101 -2.05 37.04 -20.87
C TRP A 101 -3.00 37.93 -21.67
N ASN A 102 -2.45 38.55 -22.71
CA ASN A 102 -3.23 39.47 -23.53
C ASN A 102 -3.61 38.82 -24.85
N ASP A 103 -4.89 38.89 -25.19
CA ASP A 103 -5.41 38.41 -26.47
C ASP A 103 -6.10 39.56 -27.19
N PRO A 104 -5.49 40.13 -28.24
CA PRO A 104 -6.13 41.27 -28.94
C PRO A 104 -7.47 40.92 -29.56
N ARG A 105 -7.66 39.67 -29.98
CA ARG A 105 -8.92 39.29 -30.62
C ARG A 105 -10.08 39.24 -29.62
N LEU A 106 -9.78 39.13 -28.33
CA LEU A 106 -10.81 39.05 -27.31
C LEU A 106 -11.15 40.41 -26.71
N ALA A 107 -10.60 41.49 -27.25
CA ALA A 107 -10.91 42.83 -26.76
C ALA A 107 -12.37 43.16 -27.08
N TYR A 108 -13.08 43.67 -26.08
CA TYR A 108 -14.50 43.97 -26.23
C TYR A 108 -14.80 45.33 -25.63
N SER A 109 -15.81 45.99 -26.18
CA SER A 109 -16.24 47.30 -25.68
C SER A 109 -17.74 47.41 -25.58
N GLU A 110 -18.49 46.42 -26.09
CA GLU A 110 -19.95 46.49 -26.12
C GLU A 110 -20.54 46.50 -24.70
N TYR A 111 -20.16 45.54 -23.86
CA TYR A 111 -20.66 45.52 -22.49
C TYR A 111 -19.90 46.50 -21.60
N PRO A 112 -20.61 47.39 -20.89
CA PRO A 112 -19.92 48.42 -20.10
C PRO A 112 -19.15 47.86 -18.92
N ASP A 113 -19.39 46.60 -18.54
CA ASP A 113 -18.68 45.97 -17.43
C ASP A 113 -17.20 45.89 -17.74
N ASP A 114 -16.36 46.33 -16.79
CA ASP A 114 -14.92 46.28 -17.02
C ASP A 114 -14.41 44.84 -17.10
N SER A 115 -14.91 43.96 -16.25
CA SER A 115 -14.55 42.55 -16.28
C SER A 115 -15.72 41.68 -16.71
N LEU A 116 -15.39 40.47 -17.18
CA LEU A 116 -16.37 39.49 -17.66
C LEU A 116 -16.04 38.14 -17.04
N ASP A 117 -16.64 37.87 -15.89
CA ASP A 117 -16.50 36.59 -15.19
C ASP A 117 -17.20 35.50 -15.99
N LEU A 118 -16.45 34.64 -16.68
CA LEU A 118 -17.04 33.65 -17.57
C LEU A 118 -16.88 32.25 -16.98
N ASP A 119 -17.93 31.44 -17.10
CA ASP A 119 -17.87 30.06 -16.65
C ASP A 119 -16.90 29.25 -17.53
N PRO A 120 -16.38 28.10 -17.05
CA PRO A 120 -15.37 27.38 -17.85
C PRO A 120 -15.90 26.62 -19.06
N SER A 121 -17.11 26.95 -19.51
CA SER A 121 -17.71 26.25 -20.64
C SER A 121 -17.03 26.58 -21.97
N MET A 122 -16.43 27.75 -22.10
CA MET A 122 -15.70 28.05 -23.31
C MET A 122 -14.19 27.99 -23.10
N LEU A 123 -13.73 27.49 -21.94
CA LEU A 123 -12.28 27.39 -21.74
C LEU A 123 -11.62 26.43 -22.73
N ASP A 124 -12.37 25.47 -23.26
CA ASP A 124 -11.88 24.58 -24.30
C ASP A 124 -11.94 25.18 -25.70
N SER A 125 -12.50 26.39 -25.86
CA SER A 125 -12.60 27.03 -27.17
C SER A 125 -11.86 28.35 -27.25
N ILE A 126 -11.01 28.67 -26.29
CA ILE A 126 -10.10 29.80 -26.40
C ILE A 126 -8.68 29.28 -26.33
N TRP A 127 -7.74 30.11 -26.78
CA TRP A 127 -6.33 29.72 -26.77
C TRP A 127 -5.79 29.76 -25.35
N LYS A 128 -5.12 28.69 -24.94
CA LYS A 128 -4.51 28.61 -23.62
C LYS A 128 -3.07 28.13 -23.75
N PRO A 129 -2.18 28.59 -22.87
CA PRO A 129 -0.80 28.11 -22.91
C PRO A 129 -0.70 26.64 -22.53
N ASP A 130 0.26 25.95 -23.13
CA ASP A 130 0.45 24.52 -22.88
C ASP A 130 1.50 24.29 -21.78
N LEU A 131 1.22 24.87 -20.62
CA LEU A 131 2.10 24.76 -19.46
C LEU A 131 2.13 23.32 -18.95
N PHE A 132 3.29 22.92 -18.43
CA PHE A 132 3.40 21.60 -17.81
C PHE A 132 4.53 21.67 -16.77
N PHE A 133 4.48 20.75 -15.83
CA PHE A 133 5.45 20.69 -14.74
C PHE A 133 6.47 19.60 -15.08
N ALA A 134 7.74 20.01 -15.18
CA ALA A 134 8.78 19.10 -15.65
C ALA A 134 9.09 18.02 -14.62
N ASN A 135 9.05 18.35 -13.33
CA ASN A 135 9.38 17.41 -12.28
C ASN A 135 8.17 16.68 -11.72
N GLU A 136 7.07 16.64 -12.46
CA GLU A 136 5.83 16.06 -11.97
C GLU A 136 5.76 14.57 -12.31
N LYS A 137 5.50 13.74 -11.30
CA LYS A 137 5.28 12.31 -11.49
C LYS A 137 3.82 11.94 -11.70
N GLY A 138 2.89 12.74 -11.16
CA GLY A 138 1.47 12.43 -11.21
C GLY A 138 0.63 13.62 -10.83
N ALA A 139 -0.36 13.95 -11.67
CA ALA A 139 -1.21 15.11 -11.41
C ALA A 139 -2.60 14.85 -11.96
N ASN A 140 -3.57 15.61 -11.42
CA ASN A 140 -4.96 15.49 -11.82
C ASN A 140 -5.68 16.80 -11.50
N PHE A 141 -6.83 16.98 -12.15
CA PHE A 141 -7.67 18.14 -11.91
C PHE A 141 -8.60 17.87 -10.73
N HIS A 142 -9.58 18.74 -10.53
CA HIS A 142 -10.58 18.55 -9.48
C HIS A 142 -11.95 18.85 -10.06
N GLU A 143 -12.88 17.92 -9.87
CA GLU A 143 -14.24 18.02 -10.40
C GLU A 143 -15.25 17.57 -9.35
N VAL A 144 -15.09 18.08 -8.11
CA VAL A 144 -15.86 17.56 -6.99
C VAL A 144 -17.36 17.86 -7.16
N THR A 145 -17.71 19.05 -7.66
CA THR A 145 -19.07 19.32 -8.08
C THR A 145 -19.13 19.77 -9.53
N THR A 146 -18.30 20.73 -9.91
CA THR A 146 -18.16 21.18 -11.30
C THR A 146 -16.67 21.29 -11.62
N ASP A 147 -16.34 21.83 -12.79
CA ASP A 147 -14.94 22.05 -13.13
C ASP A 147 -14.37 23.15 -12.23
N ASN A 148 -13.23 22.88 -11.61
CA ASN A 148 -12.58 23.85 -10.73
C ASN A 148 -11.71 24.81 -11.54
N LYS A 149 -12.38 25.65 -12.32
CA LYS A 149 -11.71 26.60 -13.20
C LYS A 149 -12.37 27.97 -13.07
N LEU A 150 -11.58 29.00 -13.38
CA LEU A 150 -12.02 30.39 -13.36
C LEU A 150 -11.49 31.05 -14.62
N LEU A 151 -12.31 31.92 -15.20
CA LEU A 151 -11.96 32.66 -16.41
C LEU A 151 -12.55 34.06 -16.32
N ARG A 152 -11.71 35.06 -16.59
CA ARG A 152 -12.12 36.46 -16.61
C ARG A 152 -11.52 37.13 -17.83
N ILE A 153 -12.34 37.97 -18.49
CA ILE A 153 -11.90 38.71 -19.67
C ILE A 153 -12.14 40.19 -19.42
N PHE A 154 -11.09 41.00 -19.56
CA PHE A 154 -11.18 42.44 -19.33
C PHE A 154 -11.33 43.21 -20.65
N LYS A 155 -11.52 44.54 -20.51
CA LYS A 155 -11.84 45.38 -21.67
C LYS A 155 -10.66 45.46 -22.64
N ASN A 156 -9.44 45.54 -22.10
CA ASN A 156 -8.26 45.69 -22.93
C ASN A 156 -7.92 44.43 -23.69
N GLY A 157 -8.60 43.32 -23.38
CA GLY A 157 -8.36 42.05 -24.02
C GLY A 157 -7.57 41.08 -23.18
N ASN A 158 -7.16 41.48 -21.96
CA ASN A 158 -6.46 40.54 -21.11
C ASN A 158 -7.39 39.43 -20.63
N VAL A 159 -6.76 38.30 -20.29
CA VAL A 159 -7.42 37.09 -19.86
C VAL A 159 -6.76 36.61 -18.57
N LEU A 160 -7.60 36.34 -17.57
CA LEU A 160 -7.21 35.73 -16.30
C LEU A 160 -7.75 34.31 -16.27
N TYR A 161 -6.87 33.34 -16.01
CA TYR A 161 -7.19 31.92 -16.08
C TYR A 161 -6.68 31.25 -14.81
N SER A 162 -7.59 30.89 -13.92
CA SER A 162 -7.24 30.25 -12.66
C SER A 162 -7.72 28.80 -12.66
N ILE A 163 -6.91 27.92 -12.08
CA ILE A 163 -7.22 26.49 -12.06
C ILE A 163 -6.69 25.90 -10.75
N ARG A 164 -7.30 24.79 -10.34
CA ARG A 164 -6.91 24.07 -9.13
C ARG A 164 -6.22 22.77 -9.54
N LEU A 165 -5.04 22.53 -8.98
CA LEU A 165 -4.24 21.38 -9.40
C LEU A 165 -3.69 20.66 -8.18
N THR A 166 -3.57 19.35 -8.31
CA THR A 166 -2.89 18.51 -7.33
C THR A 166 -1.69 17.86 -8.01
N LEU A 167 -0.51 18.04 -7.43
CA LEU A 167 0.74 17.61 -8.04
C LEU A 167 1.49 16.69 -7.08
N THR A 168 2.25 15.77 -7.66
CA THR A 168 3.19 14.90 -6.95
C THR A 168 4.54 15.12 -7.61
N LEU A 169 5.27 16.13 -7.14
CA LEU A 169 6.49 16.56 -7.78
C LEU A 169 7.70 15.84 -7.18
N SER A 170 8.55 15.32 -8.07
CA SER A 170 9.77 14.64 -7.66
C SER A 170 10.76 15.67 -7.13
N CYS A 171 11.52 15.25 -6.13
CA CYS A 171 12.51 16.11 -5.50
C CYS A 171 13.80 15.34 -5.29
N PRO A 172 14.90 15.74 -5.93
CA PRO A 172 16.19 15.11 -5.65
C PRO A 172 16.69 15.59 -4.31
N MET A 173 16.70 14.68 -3.35
CA MET A 173 17.05 14.97 -1.98
C MET A 173 18.43 14.43 -1.61
N ASP A 174 19.15 15.23 -0.82
CA ASP A 174 20.46 14.85 -0.29
C ASP A 174 20.24 14.58 1.18
N LEU A 175 20.50 13.35 1.60
CA LEU A 175 20.19 12.95 2.97
C LEU A 175 21.39 13.01 3.89
N LYS A 176 22.53 13.53 3.43
CA LYS A 176 23.63 13.71 4.36
C LYS A 176 23.19 14.72 5.40
N ASN A 177 23.76 14.61 6.60
CA ASN A 177 23.35 15.42 7.76
C ASN A 177 21.87 15.14 8.03
N PHE A 178 21.47 13.86 7.98
CA PHE A 178 20.04 13.50 8.03
C PHE A 178 19.23 14.10 9.17
N PRO A 179 19.59 13.98 10.45
CA PRO A 179 18.70 14.53 11.48
C PRO A 179 18.58 16.04 11.43
N MET A 180 19.56 16.74 10.86
CA MET A 180 19.60 18.19 10.84
C MET A 180 19.91 18.67 9.41
N ASP A 181 18.96 18.55 8.49
CA ASP A 181 19.25 18.89 7.10
C ASP A 181 18.23 19.89 6.55
N VAL A 182 18.74 20.84 5.77
CA VAL A 182 17.92 21.81 5.05
C VAL A 182 17.71 21.25 3.64
N GLN A 183 16.49 20.83 3.33
CA GLN A 183 16.25 20.38 1.97
C GLN A 183 15.74 21.53 1.10
N THR A 184 15.76 21.29 -0.22
CA THR A 184 15.29 22.25 -1.20
C THR A 184 14.35 21.55 -2.18
N CYS A 185 13.08 21.90 -2.17
CA CYS A 185 12.16 21.31 -3.14
C CYS A 185 12.07 22.22 -4.36
N ILE A 186 11.66 21.61 -5.47
CA ILE A 186 11.77 22.21 -6.80
C ILE A 186 10.40 22.22 -7.46
N MET A 187 10.18 23.21 -8.32
CA MET A 187 8.94 23.30 -9.09
C MET A 187 9.18 24.10 -10.35
N GLN A 188 9.07 23.43 -11.50
CA GLN A 188 9.36 24.01 -12.81
C GLN A 188 8.06 24.09 -13.61
N LEU A 189 7.84 25.23 -14.26
CA LEU A 189 6.69 25.52 -15.10
C LEU A 189 7.21 25.84 -16.49
N GLU A 190 7.07 24.90 -17.42
CA GLU A 190 7.69 24.99 -18.74
C GLU A 190 6.69 24.68 -19.84
N SER A 191 6.80 25.38 -20.96
CA SER A 191 5.94 25.15 -22.12
C SER A 191 6.40 23.91 -22.87
N PHE A 192 5.44 23.20 -23.47
CA PHE A 192 5.73 21.96 -24.18
C PHE A 192 5.86 22.13 -25.69
N GLY A 193 5.04 22.97 -26.31
CA GLY A 193 5.02 23.06 -27.76
C GLY A 193 5.57 24.33 -28.35
N TYR A 194 5.50 25.43 -27.61
CA TYR A 194 5.91 26.73 -28.11
C TYR A 194 7.31 27.07 -27.63
N THR A 195 8.08 27.72 -28.49
CA THR A 195 9.48 28.07 -28.23
C THR A 195 9.57 29.50 -27.70
N MET A 196 10.81 30.02 -27.63
CA MET A 196 11.02 31.35 -27.08
C MET A 196 10.40 32.44 -27.93
N ASN A 197 10.33 32.26 -29.25
CA ASN A 197 9.74 33.26 -30.12
C ASN A 197 8.22 33.25 -30.08
N ASP A 198 7.62 32.31 -29.36
CA ASP A 198 6.16 32.23 -29.26
C ASP A 198 5.65 32.47 -27.85
N LEU A 199 6.17 31.75 -26.86
CA LEU A 199 5.63 31.80 -25.50
C LEU A 199 6.74 32.16 -24.52
N ILE A 200 6.47 33.09 -23.60
CA ILE A 200 7.42 33.50 -22.58
C ILE A 200 6.69 33.50 -21.23
N PHE A 201 7.29 32.84 -20.23
CA PHE A 201 6.69 32.75 -18.91
C PHE A 201 7.38 33.73 -17.96
N GLU A 202 6.59 34.45 -17.17
CA GLU A 202 7.14 35.45 -16.26
C GLU A 202 6.38 35.41 -14.94
N TRP A 203 6.98 36.00 -13.91
CA TRP A 203 6.29 36.24 -12.64
C TRP A 203 5.90 37.71 -12.53
N GLN A 204 5.04 38.02 -11.57
CA GLN A 204 4.73 39.41 -11.24
C GLN A 204 5.80 40.01 -10.34
N ASP A 205 5.68 41.31 -10.12
CA ASP A 205 6.60 41.92 -9.15
C ASP A 205 5.91 41.70 -7.82
N GLU A 206 4.66 41.25 -7.86
CA GLU A 206 3.90 41.15 -6.60
C GLU A 206 3.58 39.70 -6.22
N ALA A 207 4.29 39.17 -5.22
CA ALA A 207 3.93 37.85 -4.67
C ALA A 207 3.68 36.75 -5.70
N PRO A 208 4.67 36.26 -6.45
CA PRO A 208 4.39 35.15 -7.32
C PRO A 208 3.94 33.94 -6.51
N VAL A 209 4.56 33.62 -5.39
CA VAL A 209 4.15 32.39 -4.67
C VAL A 209 3.51 32.77 -3.34
N GLN A 210 2.20 32.55 -3.17
CA GLN A 210 1.52 32.84 -1.92
C GLN A 210 1.17 31.51 -1.25
N VAL A 211 1.29 31.48 0.08
CA VAL A 211 1.00 30.31 0.88
C VAL A 211 -0.21 30.60 1.76
N ALA A 212 -1.09 29.62 1.90
CA ALA A 212 -2.30 29.78 2.70
C ALA A 212 -1.93 30.00 4.17
N GLU A 213 -2.69 30.88 4.82
CA GLU A 213 -2.46 31.19 6.22
C GLU A 213 -2.76 29.98 7.11
N GLY A 214 -1.92 29.77 8.11
CA GLY A 214 -2.12 28.64 9.01
C GLY A 214 -1.64 27.30 8.51
N LEU A 215 -0.94 27.23 7.37
CA LEU A 215 -0.46 25.96 6.87
C LEU A 215 0.83 25.59 7.60
N THR A 216 0.73 24.60 8.49
CA THR A 216 1.87 24.14 9.27
C THR A 216 2.18 22.69 8.93
N LEU A 217 3.41 22.42 8.59
CA LEU A 217 3.74 21.08 8.13
C LEU A 217 4.22 20.22 9.30
N PRO A 218 3.97 18.90 9.29
CA PRO A 218 4.31 18.09 10.47
C PRO A 218 5.79 18.04 10.79
N GLN A 219 6.65 17.80 9.80
CA GLN A 219 8.03 17.40 10.06
C GLN A 219 9.06 18.42 9.60
N PHE A 220 8.65 19.52 8.99
CA PHE A 220 9.58 20.50 8.43
C PHE A 220 9.02 21.89 8.68
N LEU A 221 9.80 22.91 8.28
CA LEU A 221 9.40 24.31 8.42
C LEU A 221 9.66 25.04 7.11
N LEU A 222 8.60 25.58 6.52
CA LEU A 222 8.68 26.29 5.24
C LEU A 222 9.21 27.70 5.47
N LYS A 223 10.30 28.05 4.82
CA LYS A 223 10.87 29.39 4.96
C LYS A 223 9.97 30.43 4.30
N GLU A 224 9.94 31.62 4.90
CA GLU A 224 9.13 32.71 4.34
C GLU A 224 9.63 33.14 2.98
N GLU A 225 10.94 33.25 2.82
CA GLU A 225 11.54 33.69 1.56
C GLU A 225 11.55 32.55 0.55
N LYS A 226 11.55 32.92 -0.73
CA LYS A 226 11.60 31.94 -1.81
C LYS A 226 12.52 32.46 -2.90
N ASP A 227 13.09 31.52 -3.67
CA ASP A 227 13.99 31.82 -4.76
C ASP A 227 13.28 31.56 -6.07
N LEU A 228 13.34 32.53 -6.98
CA LEU A 228 12.71 32.44 -8.30
C LEU A 228 13.80 32.45 -9.35
N ARG A 229 14.21 31.26 -9.81
CA ARG A 229 15.26 31.19 -10.80
C ARG A 229 14.65 31.27 -12.20
N TYR A 230 15.44 31.32 -13.27
CA TYR A 230 14.80 31.36 -14.62
C TYR A 230 15.37 30.27 -15.52
N CYS A 231 15.02 29.01 -15.31
CA CYS A 231 15.42 27.86 -16.10
C CYS A 231 15.10 28.07 -17.58
N THR A 232 15.81 27.35 -18.44
CA THR A 232 15.55 27.38 -19.89
C THR A 232 16.00 26.05 -20.49
N LYS A 233 15.05 25.18 -20.81
CA LYS A 233 15.39 23.86 -21.35
C LYS A 233 15.97 23.99 -22.75
N HIS A 234 16.99 23.16 -23.03
CA HIS A 234 17.66 23.13 -24.34
C HIS A 234 17.68 21.69 -24.82
N TYR A 235 16.63 21.29 -25.53
CA TYR A 235 16.54 19.96 -26.12
C TYR A 235 16.99 20.02 -27.58
N ASN A 236 17.04 18.84 -28.21
CA ASN A 236 17.35 18.78 -29.63
C ASN A 236 16.23 19.33 -30.50
N THR A 237 15.02 19.47 -29.96
CA THR A 237 13.90 20.02 -30.71
C THR A 237 13.89 21.55 -30.72
N GLY A 238 14.69 22.19 -29.89
CA GLY A 238 14.79 23.63 -29.88
C GLY A 238 14.87 24.16 -28.46
N LYS A 239 14.55 25.44 -28.32
CA LYS A 239 14.57 26.14 -27.05
C LYS A 239 13.14 26.27 -26.53
N PHE A 240 13.00 26.21 -25.20
CA PHE A 240 11.70 26.32 -24.55
C PHE A 240 11.81 27.20 -23.31
N THR A 241 10.72 27.89 -23.00
CA THR A 241 10.71 28.74 -21.83
C THR A 241 10.49 27.89 -20.59
N CYS A 242 10.88 28.44 -19.44
CA CYS A 242 10.76 27.74 -18.18
C CYS A 242 10.89 28.76 -17.06
N ILE A 243 10.17 28.50 -15.96
CA ILE A 243 10.30 29.29 -14.73
C ILE A 243 10.35 28.32 -13.55
N GLU A 244 11.10 28.69 -12.52
CA GLU A 244 11.39 27.76 -11.43
C GLU A 244 11.32 28.46 -10.08
N VAL A 245 10.70 27.77 -9.10
CA VAL A 245 10.71 28.24 -7.71
C VAL A 245 11.47 27.25 -6.85
N ARG A 246 11.92 27.73 -5.70
CA ARG A 246 12.66 26.93 -4.72
C ARG A 246 11.99 27.05 -3.37
N PHE A 247 11.74 25.91 -2.71
CA PHE A 247 11.21 25.89 -1.35
C PHE A 247 12.25 25.30 -0.40
N HIS A 248 12.62 26.06 0.62
CA HIS A 248 13.59 25.61 1.61
C HIS A 248 12.86 25.06 2.83
N LEU A 249 13.14 23.81 3.16
CA LEU A 249 12.50 23.11 4.26
C LEU A 249 13.53 22.69 5.29
N GLU A 250 13.23 22.91 6.57
CA GLU A 250 14.11 22.48 7.66
C GLU A 250 13.42 21.37 8.43
N ARG A 251 14.11 20.24 8.58
CA ARG A 251 13.60 19.13 9.36
C ARG A 251 13.60 19.46 10.84
N GLN A 252 12.62 18.90 11.57
CA GLN A 252 12.55 19.09 13.00
C GLN A 252 13.28 17.93 13.68
N MET A 253 14.21 18.26 14.57
CA MET A 253 15.09 17.27 15.19
C MET A 253 14.47 16.56 16.40
N GLY A 254 13.49 17.18 17.07
CA GLY A 254 12.95 16.66 18.32
C GLY A 254 12.62 15.17 18.32
N TYR A 255 12.01 14.70 17.22
CA TYR A 255 11.56 13.31 17.16
C TYR A 255 12.76 12.39 17.26
N TYR A 256 13.85 12.77 16.58
CA TYR A 256 15.03 11.95 16.47
C TYR A 256 15.78 11.90 17.80
N LEU A 257 15.90 13.03 18.50
CA LEU A 257 16.53 13.00 19.82
C LEU A 257 15.72 12.17 20.80
N ILE A 258 14.38 12.22 20.73
CA ILE A 258 13.56 11.33 21.57
C ILE A 258 13.74 9.86 21.18
N GLN A 259 14.08 9.56 19.93
CA GLN A 259 14.09 8.15 19.48
C GLN A 259 15.47 7.50 19.40
N MET A 260 16.47 8.11 18.77
CA MET A 260 17.75 7.44 18.55
C MET A 260 18.97 8.17 19.11
N TYR A 261 18.78 9.21 19.92
CA TYR A 261 19.92 9.80 20.62
C TYR A 261 19.82 9.64 22.13
N ILE A 262 18.69 9.99 22.74
CA ILE A 262 18.51 9.81 24.18
C ILE A 262 18.52 8.34 24.59
N PRO A 263 17.76 7.42 23.95
CA PRO A 263 17.91 6.00 24.31
C PRO A 263 19.29 5.42 24.07
N SER A 264 19.98 5.84 23.01
CA SER A 264 21.36 5.39 22.82
C SER A 264 22.28 5.97 23.89
N LEU A 265 22.05 7.21 24.31
CA LEU A 265 22.83 7.75 25.41
C LEU A 265 22.57 6.98 26.70
N LEU A 266 21.32 6.58 26.92
CA LEU A 266 20.99 5.81 28.11
C LEU A 266 21.68 4.45 28.06
N ILE A 267 21.75 3.85 26.87
CA ILE A 267 22.39 2.55 26.71
C ILE A 267 23.89 2.64 27.00
N VAL A 268 24.54 3.71 26.50
CA VAL A 268 25.97 3.90 26.77
C VAL A 268 26.23 4.14 28.26
N ILE A 269 25.38 4.96 28.90
CA ILE A 269 25.50 5.15 30.35
C ILE A 269 25.27 3.83 31.07
N LEU A 270 24.34 3.02 30.58
CA LEU A 270 24.09 1.71 31.18
C LEU A 270 25.32 0.82 31.06
N SER A 271 26.02 0.91 29.93
CA SER A 271 27.24 0.11 29.78
C SER A 271 28.32 0.60 30.73
N TRP A 272 28.30 1.89 31.06
CA TRP A 272 29.25 2.45 32.02
C TRP A 272 29.02 1.95 33.44
N VAL A 273 27.88 1.29 33.71
CA VAL A 273 27.61 0.72 35.01
C VAL A 273 28.57 -0.43 35.32
N SER A 274 29.01 -1.16 34.28
CA SER A 274 29.86 -2.34 34.47
C SER A 274 31.18 -2.01 35.14
N PHE A 275 31.64 -0.77 35.07
CA PHE A 275 32.86 -0.41 35.79
C PHE A 275 32.62 -0.41 37.30
N TRP A 276 31.41 -0.10 37.73
CA TRP A 276 31.08 -0.08 39.15
C TRP A 276 30.70 -1.46 39.69
N ILE A 277 30.43 -2.42 38.82
CA ILE A 277 30.10 -3.78 39.27
C ILE A 277 31.38 -4.49 39.67
N ASN A 278 31.26 -5.47 40.56
CA ASN A 278 32.41 -6.22 41.06
C ASN A 278 33.10 -6.93 39.91
N MET A 279 34.43 -6.80 39.86
CA MET A 279 35.22 -7.36 38.76
C MET A 279 35.22 -8.88 38.77
N ASP A 280 34.95 -9.51 39.92
CA ASP A 280 34.92 -10.97 39.99
C ASP A 280 33.68 -11.54 39.31
N ALA A 281 32.54 -10.85 39.43
CA ALA A 281 31.28 -11.38 38.94
C ALA A 281 31.23 -11.38 37.41
N ALA A 282 31.74 -12.44 36.82
CA ALA A 282 31.82 -12.57 35.36
C ALA A 282 30.46 -12.58 34.65
N PRO A 283 29.44 -13.38 35.06
CA PRO A 283 28.18 -13.34 34.30
C PRO A 283 27.46 -12.01 34.35
N ALA A 284 27.62 -11.23 35.43
CA ALA A 284 26.93 -9.95 35.50
C ALA A 284 27.56 -8.95 34.53
N ARG A 285 28.89 -8.93 34.48
CA ARG A 285 29.56 -7.94 33.65
C ARG A 285 29.39 -8.31 32.18
N VAL A 286 29.48 -9.61 31.86
CA VAL A 286 29.29 -9.93 30.45
C VAL A 286 27.84 -9.69 30.06
N ALA A 287 26.87 -9.92 30.97
CA ALA A 287 25.49 -9.66 30.61
C ALA A 287 25.27 -8.17 30.35
N LEU A 288 25.96 -7.31 31.11
CA LEU A 288 25.93 -5.87 30.83
C LEU A 288 26.64 -5.50 29.55
N GLY A 289 27.46 -6.39 29.00
CA GLY A 289 28.16 -6.02 27.79
C GLY A 289 27.27 -6.43 26.63
N ILE A 290 26.90 -7.70 26.68
CA ILE A 290 26.28 -8.34 25.54
C ILE A 290 24.88 -7.82 25.33
N THR A 291 24.11 -7.62 26.40
CA THR A 291 22.75 -7.15 26.21
C THR A 291 22.73 -5.73 25.66
N THR A 292 23.78 -4.97 25.98
CA THR A 292 23.93 -3.61 25.48
C THR A 292 24.14 -3.63 23.96
N VAL A 293 25.05 -4.49 23.50
CA VAL A 293 25.28 -4.52 22.05
C VAL A 293 24.12 -5.22 21.34
N LEU A 294 23.42 -6.13 22.05
CA LEU A 294 22.23 -6.78 21.54
C LEU A 294 21.15 -5.75 21.21
N THR A 295 20.98 -4.76 22.08
CA THR A 295 19.93 -3.78 21.81
C THR A 295 20.44 -2.73 20.84
N MET A 296 21.76 -2.50 20.85
CA MET A 296 22.32 -1.42 20.04
C MET A 296 22.29 -1.78 18.56
N THR A 297 22.55 -3.06 18.23
CA THR A 297 22.51 -3.45 16.82
C THR A 297 21.09 -3.29 16.26
N THR A 298 20.08 -3.64 17.06
CA THR A 298 18.69 -3.45 16.63
C THR A 298 18.37 -1.96 16.47
N GLN A 299 18.91 -1.12 17.36
CA GLN A 299 18.63 0.31 17.25
C GLN A 299 19.32 0.91 16.03
N SER A 300 20.53 0.43 15.72
CA SER A 300 21.26 0.92 14.56
C SER A 300 20.56 0.51 13.27
N SER A 301 20.05 -0.73 13.21
CA SER A 301 19.31 -1.13 12.01
C SER A 301 17.96 -0.43 11.93
N GLY A 302 17.30 -0.18 13.06
CA GLY A 302 16.01 0.49 13.09
C GLY A 302 16.04 1.99 12.94
N SER A 303 17.21 2.62 13.00
CA SER A 303 17.28 4.06 12.79
C SER A 303 17.15 4.47 11.34
N ARG A 304 17.23 3.52 10.40
CA ARG A 304 17.15 3.77 8.97
C ARG A 304 15.91 3.11 8.38
N ALA A 305 14.80 3.20 9.13
CA ALA A 305 13.53 2.63 8.68
C ALA A 305 13.00 3.37 7.45
N SER A 306 12.89 4.69 7.51
CA SER A 306 12.29 5.41 6.40
C SER A 306 13.31 5.84 5.35
N LEU A 307 14.58 5.96 5.72
CA LEU A 307 15.59 6.47 4.81
C LEU A 307 15.74 5.56 3.60
N PRO A 308 15.71 6.08 2.38
CA PRO A 308 15.98 5.22 1.22
C PRO A 308 17.45 4.84 1.27
N LYS A 309 17.76 3.58 0.94
CA LYS A 309 19.14 3.10 0.91
C LYS A 309 20.05 4.08 0.17
N VAL A 310 21.04 4.63 0.86
CA VAL A 310 21.95 5.61 0.26
C VAL A 310 23.40 5.21 0.52
N SER A 311 24.24 5.25 -0.54
CA SER A 311 25.61 4.79 -0.42
C SER A 311 26.44 5.63 0.57
N TYR A 312 26.27 6.95 0.56
CA TYR A 312 27.00 7.80 1.50
C TYR A 312 26.56 7.53 2.94
N VAL A 313 27.40 7.99 3.88
CA VAL A 313 27.10 7.78 5.29
C VAL A 313 26.40 9.04 5.80
N LYS A 314 25.56 8.86 6.82
CA LYS A 314 24.80 9.95 7.43
C LYS A 314 25.34 10.27 8.81
N ALA A 315 24.89 11.41 9.35
CA ALA A 315 25.33 11.80 10.68
C ALA A 315 24.78 10.86 11.75
N ILE A 316 23.62 10.25 11.49
CA ILE A 316 23.07 9.29 12.42
C ILE A 316 23.93 8.04 12.44
N ASP A 317 24.48 7.65 11.29
CA ASP A 317 25.34 6.48 11.28
C ASP A 317 26.64 6.76 12.01
N ILE A 318 27.15 7.99 11.90
CA ILE A 318 28.37 8.35 12.62
C ILE A 318 28.12 8.27 14.13
N TRP A 319 26.96 8.78 14.56
CA TRP A 319 26.61 8.79 15.97
C TRP A 319 26.49 7.38 16.54
N MET A 320 25.74 6.52 15.85
CA MET A 320 25.51 5.18 16.38
C MET A 320 26.69 4.25 16.14
N ALA A 321 27.59 4.59 15.21
CA ALA A 321 28.81 3.82 15.06
C ALA A 321 29.80 4.17 16.16
N VAL A 322 29.93 5.45 16.51
CA VAL A 322 30.82 5.79 17.61
C VAL A 322 30.28 5.23 18.93
N CYS A 323 28.97 5.35 19.16
CA CYS A 323 28.41 4.77 20.39
C CYS A 323 28.54 3.25 20.44
N LEU A 324 28.43 2.57 19.28
CA LEU A 324 28.66 1.13 19.25
C LEU A 324 30.11 0.80 19.51
N LEU A 325 31.04 1.64 19.05
CA LEU A 325 32.45 1.39 19.36
C LEU A 325 32.71 1.61 20.85
N PHE A 326 32.01 2.56 21.46
CA PHE A 326 32.20 2.81 22.89
C PHE A 326 31.72 1.62 23.73
N VAL A 327 30.56 1.04 23.38
CA VAL A 327 30.09 -0.05 24.23
C VAL A 327 30.82 -1.35 23.89
N PHE A 328 31.29 -1.49 22.65
CA PHE A 328 32.08 -2.68 22.33
C PHE A 328 33.44 -2.58 23.00
N SER A 329 34.00 -1.38 23.11
CA SER A 329 35.29 -1.24 23.78
C SER A 329 35.11 -1.45 25.28
N ALA A 330 33.93 -1.14 25.81
CA ALA A 330 33.67 -1.37 27.24
C ALA A 330 33.68 -2.86 27.55
N LEU A 331 33.05 -3.66 26.68
CA LEU A 331 33.13 -5.11 26.87
C LEU A 331 34.53 -5.64 26.59
N LEU A 332 35.25 -5.07 25.60
CA LEU A 332 36.62 -5.54 25.40
C LEU A 332 37.51 -5.14 26.58
N GLU A 333 37.15 -4.06 27.29
CA GLU A 333 37.91 -3.72 28.48
C GLU A 333 37.70 -4.79 29.53
N TYR A 334 36.47 -5.32 29.62
CA TYR A 334 36.30 -6.37 30.62
C TYR A 334 37.08 -7.60 30.19
N ALA A 335 37.12 -7.86 28.87
CA ALA A 335 37.86 -9.00 28.35
C ALA A 335 39.35 -8.88 28.63
N ALA A 336 39.81 -7.65 28.88
CA ALA A 336 41.20 -7.41 29.23
C ALA A 336 41.46 -7.61 30.73
N VAL A 337 40.60 -7.02 31.57
CA VAL A 337 40.79 -7.12 33.02
C VAL A 337 40.59 -8.56 33.52
N ASN A 338 39.67 -9.31 32.91
CA ASN A 338 39.46 -10.71 33.30
C ASN A 338 40.67 -11.57 32.99
N PHE A 339 41.32 -11.36 31.84
CA PHE A 339 42.55 -12.10 31.54
C PHE A 339 43.73 -11.61 32.38
N VAL A 340 43.77 -10.33 32.73
CA VAL A 340 44.85 -9.81 33.57
C VAL A 340 44.75 -10.37 34.99
N SER A 341 43.52 -10.53 35.49
CA SER A 341 43.31 -10.98 36.87
C SER A 341 43.85 -12.38 37.13
N ARG A 342 43.88 -13.25 36.12
CA ARG A 342 44.39 -14.62 36.28
C ARG A 342 45.78 -14.72 35.65
N GLN A 343 46.81 -14.53 36.47
CA GLN A 343 48.19 -14.69 36.02
C GLN A 343 49.01 -15.45 37.06
N HIS A 344 48.39 -16.43 37.71
CA HIS A 344 49.08 -17.20 38.75
C HIS A 344 48.76 -18.68 38.63
N LYS A 419 50.64 -9.75 45.51
CA LYS A 419 49.63 -9.81 44.47
C LYS A 419 49.55 -8.52 43.65
N VAL A 420 50.57 -8.30 42.81
CA VAL A 420 50.60 -7.11 41.96
C VAL A 420 49.62 -7.17 40.80
N PHE A 421 49.08 -8.35 40.48
CA PHE A 421 48.09 -8.46 39.42
C PHE A 421 46.67 -8.14 39.87
N ILE A 422 46.43 -7.99 41.17
CA ILE A 422 45.10 -7.67 41.67
C ILE A 422 44.84 -6.16 41.66
N ASP A 423 45.77 -5.39 42.22
CA ASP A 423 45.61 -3.94 42.20
C ASP A 423 45.73 -3.39 40.79
N ARG A 424 46.54 -4.04 39.95
CA ARG A 424 46.61 -3.62 38.55
C ARG A 424 45.26 -3.84 37.87
N ALA A 425 44.57 -4.95 38.20
CA ALA A 425 43.25 -5.19 37.64
C ALA A 425 42.25 -4.15 38.12
N LYS A 426 42.35 -3.73 39.39
CA LYS A 426 41.41 -2.72 39.89
C LYS A 426 41.71 -1.35 39.33
N LYS A 427 42.98 -1.10 38.95
CA LYS A 427 43.35 0.22 38.44
C LYS A 427 42.70 0.52 37.11
N ILE A 428 42.49 -0.49 36.26
CA ILE A 428 41.81 -0.26 34.99
C ILE A 428 40.36 0.13 35.23
N ASP A 429 39.71 -0.49 36.22
CA ASP A 429 38.33 -0.15 36.53
C ASP A 429 38.23 1.27 37.08
N THR A 430 39.17 1.65 37.94
CA THR A 430 39.14 2.99 38.51
C THR A 430 39.42 4.05 37.45
N ILE A 431 40.35 3.78 36.53
CA ILE A 431 40.64 4.74 35.48
C ILE A 431 39.46 4.86 34.53
N SER A 432 38.89 3.72 34.10
CA SER A 432 37.78 3.73 33.17
C SER A 432 36.51 4.33 33.76
N ARG A 433 36.39 4.39 35.09
CA ARG A 433 35.24 5.07 35.68
C ARG A 433 35.24 6.56 35.35
N ALA A 434 36.43 7.17 35.25
CA ALA A 434 36.57 8.60 34.97
C ALA A 434 37.26 8.86 33.63
N CYS A 435 37.26 7.89 32.73
CA CYS A 435 37.83 8.04 31.39
C CYS A 435 36.79 7.90 30.29
N PHE A 436 35.93 6.88 30.36
CA PHE A 436 34.87 6.72 29.37
C PHE A 436 33.87 7.90 29.34
N PRO A 437 33.35 8.42 30.47
CA PRO A 437 32.53 9.64 30.34
C PRO A 437 33.30 10.85 29.82
N LEU A 438 34.60 10.97 30.13
CA LEU A 438 35.36 12.10 29.60
C LEU A 438 35.59 11.97 28.11
N ALA A 439 35.90 10.75 27.64
CA ALA A 439 36.08 10.51 26.22
C ALA A 439 34.77 10.50 25.47
N PHE A 440 33.63 10.43 26.16
CA PHE A 440 32.37 10.54 25.45
C PHE A 440 31.87 11.96 25.44
N LEU A 441 32.14 12.73 26.50
CA LEU A 441 31.77 14.13 26.52
C LEU A 441 32.58 14.90 25.48
N ILE A 442 33.85 14.51 25.28
CA ILE A 442 34.63 15.18 24.24
C ILE A 442 34.03 14.90 22.87
N PHE A 443 33.60 13.66 22.64
CA PHE A 443 32.98 13.34 21.35
C PHE A 443 31.67 14.10 21.18
N ASN A 444 30.92 14.28 22.28
CA ASN A 444 29.68 15.04 22.19
C ASN A 444 29.95 16.48 21.80
N ILE A 445 31.04 17.06 22.31
CA ILE A 445 31.42 18.40 21.90
C ILE A 445 31.83 18.39 20.43
N PHE A 446 32.57 17.35 20.02
CA PHE A 446 33.04 17.28 18.65
C PHE A 446 31.99 16.76 17.68
N TYR A 447 30.76 16.64 18.12
CA TYR A 447 29.65 16.20 17.27
C TYR A 447 28.53 17.22 17.22
N TRP A 448 28.28 17.89 18.34
CA TRP A 448 27.23 18.88 18.44
C TRP A 448 27.72 20.30 18.15
N VAL A 449 29.00 20.47 17.82
CA VAL A 449 29.53 21.74 17.38
C VAL A 449 29.89 21.73 15.89
N ILE A 450 30.47 20.63 15.41
CA ILE A 450 30.80 20.52 13.99
C ILE A 450 29.57 20.39 13.11
N TYR A 451 28.41 20.13 13.71
CA TYR A 451 27.17 20.06 12.97
C TYR A 451 26.30 21.30 13.14
N LYS A 452 26.50 22.08 14.20
CA LYS A 452 25.84 23.37 14.31
C LYS A 452 26.62 24.48 13.63
N ILE A 453 27.82 24.19 13.14
CA ILE A 453 28.62 25.13 12.36
C ILE A 453 28.33 24.99 10.87
N LEU A 454 28.44 23.73 10.41
CA LEU A 454 28.33 23.40 8.96
C LEU A 454 26.89 23.38 8.47
N ARG A 455 25.96 22.86 9.26
CA ARG A 455 24.54 22.95 8.84
C ARG A 455 24.16 24.43 8.78
N HIS A 456 24.68 25.22 9.71
CA HIS A 456 24.41 26.68 9.65
C HIS A 456 24.96 27.21 8.32
N GLU A 457 26.12 26.69 7.89
CA GLU A 457 26.70 27.10 6.59
C GLU A 457 25.84 26.51 5.46
N ASP A 458 25.97 27.04 4.24
CA ASP A 458 25.12 26.57 3.11
C ASP A 458 23.65 26.82 3.44
N ILE A 459 23.29 28.07 3.77
CA ILE A 459 21.86 28.42 4.06
C ILE A 459 21.05 28.12 2.79
N HIS A 460 21.61 28.46 1.63
CA HIS A 460 20.94 28.15 0.34
C HIS A 460 21.71 27.04 -0.37
N MET B 41 -2.88 35.37 -45.99
CA MET B 41 -3.44 34.01 -45.97
C MET B 41 -3.84 33.62 -44.55
N SER B 42 -5.08 33.14 -44.39
CA SER B 42 -5.57 32.74 -43.09
C SER B 42 -4.87 31.48 -42.58
N PRO B 43 -4.65 31.38 -41.26
CA PRO B 43 -4.04 30.19 -40.67
C PRO B 43 -4.99 29.01 -40.53
N SER B 44 -6.27 29.30 -40.37
CA SER B 44 -7.27 28.27 -40.09
C SER B 44 -7.55 27.36 -41.28
N ASP B 45 -7.78 27.94 -42.47
CA ASP B 45 -8.17 27.13 -43.62
C ASP B 45 -7.02 26.31 -44.21
N PHE B 46 -5.76 26.69 -43.96
CA PHE B 46 -4.64 25.94 -44.51
C PHE B 46 -4.63 24.50 -44.00
N LEU B 47 -5.02 24.30 -42.73
CA LEU B 47 -5.16 22.95 -42.21
C LEU B 47 -6.26 22.18 -42.93
N ASP B 48 -7.29 22.88 -43.41
CA ASP B 48 -8.39 22.21 -44.08
C ASP B 48 -7.98 21.78 -45.48
N LYS B 49 -7.29 22.67 -46.20
CA LYS B 49 -6.83 22.33 -47.54
C LYS B 49 -5.69 21.31 -47.52
N LEU B 50 -4.84 21.33 -46.49
CA LEU B 50 -3.76 20.35 -46.39
C LEU B 50 -4.29 18.96 -46.09
N MET B 51 -5.32 18.84 -45.26
CA MET B 51 -5.86 17.56 -44.84
C MET B 51 -7.35 17.71 -44.52
N GLY B 52 -8.12 16.71 -44.88
CA GLY B 52 -9.54 16.73 -44.63
C GLY B 52 -10.30 16.15 -45.79
N ARG B 53 -11.62 16.36 -45.75
CA ARG B 53 -12.48 15.82 -46.81
C ARG B 53 -12.18 16.50 -48.15
N THR B 54 -11.87 17.79 -48.13
CA THR B 54 -11.61 18.51 -49.38
C THR B 54 -10.39 17.95 -50.10
N SER B 55 -9.32 17.64 -49.36
CA SER B 55 -8.10 17.10 -49.95
C SER B 55 -8.09 15.58 -50.04
N GLY B 56 -9.08 14.91 -49.44
CA GLY B 56 -9.14 13.47 -49.48
C GLY B 56 -8.17 12.76 -48.55
N TYR B 57 -7.57 13.47 -47.60
CA TYR B 57 -6.65 12.84 -46.64
C TYR B 57 -7.42 11.96 -45.67
N ASP B 58 -6.91 10.74 -45.47
CA ASP B 58 -7.50 9.79 -44.53
C ASP B 58 -6.46 9.42 -43.48
N ALA B 59 -6.86 9.49 -42.21
CA ALA B 59 -5.98 9.10 -41.11
C ALA B 59 -5.90 7.60 -40.92
N ARG B 60 -6.73 6.82 -41.60
CA ARG B 60 -6.74 5.38 -41.48
C ARG B 60 -5.86 4.69 -42.51
N ILE B 61 -5.18 5.44 -43.36
CA ILE B 61 -4.34 4.91 -44.42
C ILE B 61 -2.92 5.40 -44.19
N ARG B 62 -1.96 4.47 -44.20
CA ARG B 62 -0.56 4.82 -44.06
C ARG B 62 -0.10 5.57 -45.31
N PRO B 63 0.98 6.41 -45.20
CA PRO B 63 1.40 7.27 -46.32
C PRO B 63 1.65 6.55 -47.64
N ASN B 64 2.56 5.58 -47.64
CA ASN B 64 2.83 4.77 -48.83
C ASN B 64 2.06 3.47 -48.65
N PHE B 65 0.82 3.46 -49.16
CA PHE B 65 -0.09 2.34 -48.91
C PHE B 65 0.40 1.06 -49.61
N LYS B 66 0.75 1.17 -50.89
CA LYS B 66 1.19 0.03 -51.69
C LYS B 66 2.59 0.27 -52.24
N GLY B 67 3.46 0.86 -51.42
CA GLY B 67 4.82 1.10 -51.82
C GLY B 67 5.81 0.59 -50.80
N PRO B 68 6.94 1.29 -50.65
CA PRO B 68 7.94 0.87 -49.66
C PRO B 68 7.40 1.05 -48.25
N PRO B 69 7.91 0.28 -47.28
CA PRO B 69 7.44 0.43 -45.90
C PRO B 69 7.82 1.79 -45.33
N VAL B 70 6.98 2.27 -44.41
CA VAL B 70 7.21 3.55 -43.78
C VAL B 70 8.32 3.40 -42.75
N ASN B 71 9.36 4.23 -42.86
CA ASN B 71 10.50 4.19 -41.95
C ASN B 71 10.29 5.25 -40.86
N VAL B 72 10.05 4.80 -39.64
CA VAL B 72 9.83 5.70 -38.51
C VAL B 72 11.09 5.72 -37.66
N THR B 73 11.65 6.91 -37.50
CA THR B 73 12.89 7.10 -36.74
C THR B 73 12.53 7.62 -35.35
N CYS B 74 12.92 6.87 -34.32
CA CYS B 74 12.50 7.17 -32.96
C CYS B 74 13.69 7.51 -32.07
N ASN B 75 13.44 8.31 -31.04
CA ASN B 75 14.44 8.59 -30.01
C ASN B 75 13.74 9.00 -28.72
N ILE B 76 14.44 8.83 -27.59
CA ILE B 76 13.83 9.12 -26.31
C ILE B 76 14.70 10.09 -25.51
N PHE B 77 14.07 10.70 -24.51
CA PHE B 77 14.75 11.61 -23.59
C PHE B 77 14.25 11.29 -22.20
N ILE B 78 15.07 10.61 -21.40
CA ILE B 78 14.68 10.16 -20.07
C ILE B 78 14.59 11.38 -19.15
N ASN B 79 13.38 11.82 -18.83
CA ASN B 79 13.23 12.98 -17.96
C ASN B 79 13.47 12.60 -16.50
N SER B 80 13.06 11.39 -16.10
CA SER B 80 13.26 10.93 -14.74
C SER B 80 13.43 9.41 -14.75
N PHE B 81 14.06 8.90 -13.70
CA PHE B 81 14.34 7.47 -13.59
C PHE B 81 14.29 7.13 -12.10
N GLY B 82 13.64 6.02 -11.74
CA GLY B 82 13.62 5.62 -10.35
C GLY B 82 12.53 4.61 -10.06
N SER B 83 12.26 4.44 -8.76
CA SER B 83 11.24 3.51 -8.25
C SER B 83 11.48 2.08 -8.72
N ILE B 84 12.75 1.67 -8.72
CA ILE B 84 13.15 0.33 -9.13
C ILE B 84 12.89 -0.66 -8.00
N ALA B 85 11.72 -1.29 -8.01
CA ALA B 85 11.31 -2.22 -6.98
C ALA B 85 11.81 -3.61 -7.35
N GLU B 86 12.59 -4.23 -6.47
CA GLU B 86 13.09 -5.57 -6.74
C GLU B 86 12.02 -6.62 -6.53
N THR B 87 11.11 -6.41 -5.58
CA THR B 87 10.08 -7.40 -5.29
C THR B 87 9.12 -7.55 -6.45
N THR B 88 8.73 -6.44 -7.08
CA THR B 88 7.79 -6.45 -8.19
C THR B 88 8.49 -6.69 -9.53
N MET B 89 9.83 -6.65 -9.56
CA MET B 89 10.64 -6.92 -10.76
C MET B 89 10.33 -5.95 -11.90
N ASP B 90 10.25 -4.66 -11.57
CA ASP B 90 10.01 -3.64 -12.58
C ASP B 90 10.64 -2.32 -12.14
N TYR B 91 10.52 -1.31 -12.99
CA TYR B 91 11.02 0.01 -12.68
C TYR B 91 10.17 1.06 -13.38
N ARG B 92 10.22 2.28 -12.86
CA ARG B 92 9.42 3.39 -13.37
C ARG B 92 10.32 4.39 -14.08
N VAL B 93 9.82 4.94 -15.19
CA VAL B 93 10.60 5.86 -16.00
C VAL B 93 9.65 6.83 -16.68
N ASN B 94 10.07 8.09 -16.81
CA ASN B 94 9.29 9.12 -17.48
C ASN B 94 10.12 9.63 -18.64
N ILE B 95 9.60 9.49 -19.86
CA ILE B 95 10.39 9.75 -21.05
C ILE B 95 9.66 10.72 -21.97
N PHE B 96 10.44 11.33 -22.87
CA PHE B 96 9.93 12.12 -23.98
C PHE B 96 10.19 11.33 -25.25
N LEU B 97 9.14 10.71 -25.79
CA LEU B 97 9.27 9.89 -26.98
C LEU B 97 9.07 10.77 -28.22
N ARG B 98 10.05 10.80 -29.11
CA ARG B 98 9.98 11.58 -30.34
C ARG B 98 10.02 10.61 -31.50
N GLN B 99 9.14 10.83 -32.49
CA GLN B 99 9.04 10.00 -33.68
C GLN B 99 9.06 10.90 -34.90
N LYS B 100 9.76 10.46 -35.95
CA LYS B 100 9.87 11.23 -37.18
C LYS B 100 9.58 10.32 -38.36
N TRP B 101 8.74 10.79 -39.28
CA TRP B 101 8.46 10.00 -40.48
C TRP B 101 8.02 10.91 -41.61
N ASN B 102 8.02 10.37 -42.83
CA ASN B 102 7.68 11.15 -44.01
C ASN B 102 6.28 10.80 -44.49
N ASP B 103 5.47 11.83 -44.71
CA ASP B 103 4.13 11.69 -45.27
C ASP B 103 4.04 12.51 -46.55
N PRO B 104 4.03 11.89 -47.73
CA PRO B 104 3.96 12.68 -48.98
C PRO B 104 2.69 13.50 -49.12
N ARG B 105 1.58 13.03 -48.55
CA ARG B 105 0.32 13.76 -48.67
C ARG B 105 0.33 15.05 -47.85
N LEU B 106 1.19 15.15 -46.85
CA LEU B 106 1.27 16.33 -45.99
C LEU B 106 2.28 17.36 -46.49
N ALA B 107 2.88 17.14 -47.66
CA ALA B 107 3.83 18.11 -48.21
C ALA B 107 3.10 19.38 -48.57
N TYR B 108 3.67 20.53 -48.18
CA TYR B 108 3.04 21.82 -48.40
C TYR B 108 4.07 22.80 -48.90
N SER B 109 3.62 23.77 -49.68
CA SER B 109 4.50 24.81 -50.19
C SER B 109 3.87 26.20 -50.11
N GLU B 110 2.58 26.28 -49.76
CA GLU B 110 1.86 27.56 -49.73
C GLU B 110 2.44 28.51 -48.69
N TYR B 111 2.59 28.05 -47.43
CA TYR B 111 3.17 28.91 -46.39
C TYR B 111 4.69 28.94 -46.48
N PRO B 112 5.31 30.12 -46.55
CA PRO B 112 6.77 30.18 -46.73
C PRO B 112 7.55 29.66 -45.54
N ASP B 113 6.89 29.49 -44.37
CA ASP B 113 7.56 28.96 -43.18
C ASP B 113 8.07 27.56 -43.44
N ASP B 114 9.34 27.32 -43.11
CA ASP B 114 9.89 25.98 -43.32
C ASP B 114 9.24 24.94 -42.43
N SER B 115 8.98 25.29 -41.17
CA SER B 115 8.31 24.40 -40.23
C SER B 115 6.92 24.92 -39.87
N LEU B 116 6.07 24.02 -39.40
CA LEU B 116 4.68 24.31 -39.02
C LEU B 116 4.41 23.68 -37.66
N ASP B 117 4.65 24.44 -36.60
CA ASP B 117 4.39 24.03 -35.23
C ASP B 117 2.88 23.94 -35.01
N LEU B 118 2.32 22.74 -34.96
CA LEU B 118 0.87 22.56 -34.88
C LEU B 118 0.47 22.06 -33.51
N ASP B 119 -0.62 22.60 -32.96
CA ASP B 119 -1.14 22.13 -31.70
C ASP B 119 -1.68 20.70 -31.83
N PRO B 120 -1.82 19.94 -30.72
CA PRO B 120 -2.23 18.53 -30.84
C PRO B 120 -3.70 18.31 -31.18
N SER B 121 -4.40 19.34 -31.65
CA SER B 121 -5.83 19.22 -31.96
C SER B 121 -6.09 18.35 -33.17
N MET B 122 -5.17 18.27 -34.12
CA MET B 122 -5.36 17.37 -35.24
C MET B 122 -4.51 16.12 -35.13
N LEU B 123 -3.86 15.88 -33.99
CA LEU B 123 -3.07 14.67 -33.86
C LEU B 123 -3.92 13.40 -33.94
N ASP B 124 -5.21 13.50 -33.63
CA ASP B 124 -6.14 12.39 -33.79
C ASP B 124 -6.67 12.24 -35.21
N SER B 125 -6.33 13.16 -36.12
CA SER B 125 -6.80 13.10 -37.49
C SER B 125 -5.68 12.96 -38.52
N ILE B 126 -4.46 12.65 -38.08
CA ILE B 126 -3.39 12.29 -39.01
C ILE B 126 -2.94 10.88 -38.68
N TRP B 127 -2.25 10.26 -39.63
CA TRP B 127 -1.77 8.90 -39.43
C TRP B 127 -0.58 8.89 -38.48
N LYS B 128 -0.64 8.01 -37.48
CA LYS B 128 0.43 7.86 -36.51
C LYS B 128 0.79 6.40 -36.35
N PRO B 129 2.06 6.09 -36.10
CA PRO B 129 2.45 4.69 -35.88
C PRO B 129 1.85 4.15 -34.59
N ASP B 130 1.55 2.85 -34.59
CA ASP B 130 0.93 2.19 -33.45
C ASP B 130 2.00 1.54 -32.56
N LEU B 131 2.93 2.38 -32.11
CA LEU B 131 4.02 1.94 -31.24
C LEU B 131 3.49 1.50 -29.88
N PHE B 132 4.15 0.49 -29.29
CA PHE B 132 3.81 0.06 -27.95
C PHE B 132 5.05 -0.56 -27.31
N PHE B 133 5.05 -0.57 -25.99
CA PHE B 133 6.18 -1.10 -25.23
C PHE B 133 5.83 -2.52 -24.79
N ALA B 134 6.65 -3.48 -25.21
CA ALA B 134 6.35 -4.89 -24.98
C ALA B 134 6.48 -5.27 -23.51
N ASN B 135 7.46 -4.70 -22.81
CA ASN B 135 7.71 -5.03 -21.41
C ASN B 135 7.00 -4.11 -20.44
N GLU B 136 5.97 -3.40 -20.88
CA GLU B 136 5.29 -2.41 -20.05
C GLU B 136 4.14 -3.06 -19.27
N LYS B 137 4.14 -2.85 -17.95
CA LYS B 137 3.04 -3.29 -17.08
C LYS B 137 1.96 -2.24 -16.91
N GLY B 138 2.30 -0.96 -16.99
CA GLY B 138 1.37 0.12 -16.74
C GLY B 138 1.89 1.44 -17.25
N ALA B 139 1.08 2.16 -18.02
CA ALA B 139 1.51 3.44 -18.58
C ALA B 139 0.32 4.37 -18.71
N ASN B 140 0.61 5.66 -18.80
CA ASN B 140 -0.41 6.70 -18.92
C ASN B 140 0.20 7.93 -19.55
N PHE B 141 -0.66 8.80 -20.07
CA PHE B 141 -0.24 10.06 -20.65
C PHE B 141 -0.15 11.12 -19.56
N HIS B 142 0.01 12.38 -19.95
CA HIS B 142 0.04 13.49 -19.01
C HIS B 142 -0.83 14.61 -19.55
N GLU B 143 -1.75 15.10 -18.72
CA GLU B 143 -2.70 16.14 -19.08
C GLU B 143 -2.83 17.16 -17.95
N VAL B 144 -1.68 17.61 -17.43
CA VAL B 144 -1.69 18.43 -16.21
C VAL B 144 -2.37 19.78 -16.46
N THR B 145 -2.14 20.39 -17.62
CA THR B 145 -2.91 21.55 -18.03
C THR B 145 -3.58 21.33 -19.38
N THR B 146 -2.82 20.87 -20.37
CA THR B 146 -3.35 20.50 -21.68
C THR B 146 -2.71 19.17 -22.08
N ASP B 147 -2.95 18.73 -23.31
CA ASP B 147 -2.31 17.51 -23.80
C ASP B 147 -0.81 17.75 -23.95
N ASN B 148 -0.01 16.84 -23.38
CA ASN B 148 1.45 16.95 -23.45
C ASN B 148 1.96 16.32 -24.75
N LYS B 149 1.65 16.99 -25.85
CA LYS B 149 2.02 16.53 -27.18
C LYS B 149 2.59 17.68 -27.99
N LEU B 150 3.41 17.32 -28.97
CA LEU B 150 4.05 18.26 -29.88
C LEU B 150 3.94 17.67 -31.29
N LEU B 151 3.69 18.55 -32.26
CA LEU B 151 3.56 18.16 -33.66
C LEU B 151 4.16 19.25 -34.53
N ARG B 152 5.02 18.85 -35.46
CA ARG B 152 5.65 19.77 -36.42
C ARG B 152 5.60 19.14 -37.80
N ILE B 153 5.29 19.97 -38.80
CA ILE B 153 5.23 19.52 -40.19
C ILE B 153 6.16 20.40 -41.02
N PHE B 154 7.09 19.77 -41.74
CA PHE B 154 8.04 20.50 -42.56
C PHE B 154 7.63 20.53 -44.04
N LYS B 155 8.40 21.27 -44.84
CA LYS B 155 8.04 21.51 -46.25
C LYS B 155 8.09 20.23 -47.06
N ASN B 156 9.09 19.38 -46.80
CA ASN B 156 9.27 18.16 -47.57
C ASN B 156 8.19 17.12 -47.27
N GLY B 157 7.37 17.36 -46.25
CA GLY B 157 6.34 16.46 -45.84
C GLY B 157 6.69 15.65 -44.61
N ASN B 158 7.87 15.83 -44.04
CA ASN B 158 8.19 15.11 -42.81
C ASN B 158 7.35 15.63 -41.64
N VAL B 159 7.19 14.73 -40.66
CA VAL B 159 6.39 14.95 -39.47
C VAL B 159 7.24 14.60 -38.25
N LEU B 160 7.27 15.52 -37.29
CA LEU B 160 7.89 15.34 -35.98
C LEU B 160 6.78 15.25 -34.94
N TYR B 161 6.79 14.19 -34.14
CA TYR B 161 5.72 13.87 -33.20
C TYR B 161 6.37 13.55 -31.85
N SER B 162 6.25 14.48 -30.90
CA SER B 162 6.81 14.32 -29.57
C SER B 162 5.70 14.14 -28.54
N ILE B 163 5.94 13.27 -27.56
CA ILE B 163 4.93 12.97 -26.55
C ILE B 163 5.65 12.70 -25.23
N ARG B 164 4.93 12.90 -24.13
CA ARG B 164 5.43 12.66 -22.78
C ARG B 164 4.74 11.41 -22.23
N LEU B 165 5.54 10.47 -21.73
CA LEU B 165 5.00 9.20 -21.28
C LEU B 165 5.60 8.81 -19.94
N THR B 166 4.79 8.14 -19.13
CA THR B 166 5.22 7.53 -17.88
C THR B 166 5.03 6.02 -17.99
N LEU B 167 6.08 5.25 -17.77
CA LEU B 167 6.08 3.82 -17.98
C LEU B 167 6.50 3.11 -16.70
N THR B 168 5.98 1.90 -16.54
CA THR B 168 6.35 0.97 -15.48
C THR B 168 6.77 -0.32 -16.18
N LEU B 169 8.02 -0.38 -16.58
CA LEU B 169 8.52 -1.47 -17.41
C LEU B 169 9.05 -2.61 -16.56
N SER B 170 8.62 -3.82 -16.89
CA SER B 170 9.09 -5.02 -16.21
C SER B 170 10.54 -5.29 -16.58
N CYS B 171 11.28 -5.81 -15.61
CA CYS B 171 12.69 -6.12 -15.82
C CYS B 171 13.01 -7.47 -15.20
N PRO B 172 13.41 -8.46 -16.01
CA PRO B 172 13.85 -9.74 -15.45
C PRO B 172 15.22 -9.56 -14.85
N MET B 173 15.27 -9.64 -13.51
CA MET B 173 16.48 -9.39 -12.75
C MET B 173 17.07 -10.67 -12.20
N ASP B 174 18.40 -10.73 -12.22
CA ASP B 174 19.16 -11.84 -11.66
C ASP B 174 19.81 -11.30 -10.39
N LEU B 175 19.45 -11.88 -9.25
CA LEU B 175 19.90 -11.34 -7.98
C LEU B 175 21.10 -12.07 -7.43
N LYS B 176 21.72 -12.98 -8.19
CA LYS B 176 22.96 -13.57 -7.70
C LYS B 176 23.99 -12.46 -7.62
N ASN B 177 24.96 -12.62 -6.71
CA ASN B 177 25.94 -11.58 -6.41
C ASN B 177 25.19 -10.33 -5.94
N PHE B 178 24.18 -10.52 -5.06
CA PHE B 178 23.28 -9.42 -4.70
C PHE B 178 23.93 -8.12 -4.25
N PRO B 179 24.83 -8.08 -3.25
CA PRO B 179 25.36 -6.77 -2.83
C PRO B 179 26.17 -6.07 -3.90
N MET B 180 26.74 -6.82 -4.85
CA MET B 180 27.62 -6.28 -5.88
C MET B 180 27.18 -6.79 -7.26
N ASP B 181 26.06 -6.31 -7.78
CA ASP B 181 25.56 -6.85 -9.04
C ASP B 181 25.30 -5.76 -10.07
N VAL B 182 25.65 -6.05 -11.31
CA VAL B 182 25.37 -5.19 -12.45
C VAL B 182 24.07 -5.66 -13.07
N GLN B 183 23.00 -4.89 -12.93
CA GLN B 183 21.77 -5.29 -13.59
C GLN B 183 21.67 -4.67 -14.98
N THR B 184 20.73 -5.19 -15.77
CA THR B 184 20.45 -4.71 -17.12
C THR B 184 18.95 -4.50 -17.27
N CYS B 185 18.53 -3.24 -17.43
CA CYS B 185 17.11 -2.99 -17.67
C CYS B 185 16.85 -2.94 -19.18
N ILE B 186 15.60 -3.18 -19.54
CA ILE B 186 15.20 -3.45 -20.92
C ILE B 186 14.09 -2.47 -21.31
N MET B 187 14.05 -2.15 -22.62
CA MET B 187 13.00 -1.29 -23.15
C MET B 187 12.82 -1.57 -24.64
N GLN B 188 11.66 -2.10 -24.99
CA GLN B 188 11.34 -2.53 -26.34
C GLN B 188 10.24 -1.63 -26.91
N LEU B 189 10.43 -1.19 -28.15
CA LEU B 189 9.50 -0.34 -28.89
C LEU B 189 9.10 -1.10 -30.14
N GLU B 190 7.88 -1.65 -30.17
CA GLU B 190 7.44 -2.56 -31.21
C GLU B 190 6.05 -2.16 -31.72
N SER B 191 5.84 -2.32 -33.03
CA SER B 191 4.56 -2.04 -33.65
C SER B 191 3.58 -3.17 -33.36
N PHE B 192 2.29 -2.82 -33.25
CA PHE B 192 1.25 -3.79 -32.92
C PHE B 192 0.49 -4.31 -34.15
N GLY B 193 0.21 -3.46 -35.13
CA GLY B 193 -0.66 -3.85 -36.22
C GLY B 193 0.03 -4.00 -37.57
N TYR B 194 1.11 -3.28 -37.79
CA TYR B 194 1.79 -3.27 -39.07
C TYR B 194 3.00 -4.18 -39.03
N THR B 195 3.25 -4.85 -40.15
CA THR B 195 4.32 -5.83 -40.29
C THR B 195 5.56 -5.17 -40.90
N MET B 196 6.55 -6.00 -41.28
CA MET B 196 7.80 -5.49 -41.82
C MET B 196 7.62 -4.78 -43.14
N ASN B 197 6.66 -5.21 -43.96
CA ASN B 197 6.44 -4.57 -45.24
C ASN B 197 5.67 -3.25 -45.12
N ASP B 198 5.24 -2.88 -43.92
CA ASP B 198 4.52 -1.63 -43.71
C ASP B 198 5.28 -0.65 -42.82
N LEU B 199 5.73 -1.07 -41.64
CA LEU B 199 6.33 -0.17 -40.67
C LEU B 199 7.70 -0.68 -40.27
N ILE B 200 8.69 0.22 -40.23
CA ILE B 200 10.05 -0.10 -39.83
C ILE B 200 10.51 0.94 -38.82
N PHE B 201 11.03 0.48 -37.68
CA PHE B 201 11.50 1.37 -36.62
C PHE B 201 13.01 1.46 -36.66
N GLU B 202 13.55 2.67 -36.54
CA GLU B 202 14.98 2.89 -36.60
C GLU B 202 15.39 3.94 -35.57
N TRP B 203 16.69 3.99 -35.29
CA TRP B 203 17.27 5.07 -34.49
C TRP B 203 18.03 6.03 -35.40
N GLN B 204 18.38 7.19 -34.87
CA GLN B 204 19.25 8.12 -35.57
C GLN B 204 20.71 7.73 -35.40
N ASP B 205 21.57 8.41 -36.14
CA ASP B 205 23.00 8.17 -35.91
C ASP B 205 23.35 9.10 -34.74
N GLU B 206 22.41 9.98 -34.40
CA GLU B 206 22.75 10.98 -33.37
C GLU B 206 21.96 10.80 -32.08
N ALA B 207 22.61 10.28 -31.04
CA ALA B 207 21.97 10.25 -29.70
C ALA B 207 20.55 9.70 -29.68
N PRO B 208 20.29 8.42 -29.94
CA PRO B 208 18.94 7.94 -29.79
C PRO B 208 18.48 8.09 -28.34
N VAL B 209 19.30 7.78 -27.35
CA VAL B 209 18.80 7.87 -25.95
C VAL B 209 19.52 8.99 -25.22
N GLN B 210 18.83 10.07 -24.87
CA GLN B 210 19.44 11.17 -24.12
C GLN B 210 18.87 11.16 -22.71
N VAL B 211 19.73 11.45 -21.74
CA VAL B 211 19.38 11.48 -20.33
C VAL B 211 19.48 12.91 -19.82
N ALA B 212 18.52 13.32 -19.00
CA ALA B 212 18.52 14.67 -18.45
C ALA B 212 19.74 14.91 -17.57
N GLU B 213 20.29 16.12 -17.66
CA GLU B 213 21.46 16.48 -16.88
C GLU B 213 21.13 16.54 -15.40
N GLY B 214 22.04 16.03 -14.57
CA GLY B 214 21.82 16.04 -13.13
C GLY B 214 20.94 14.93 -12.59
N LEU B 215 20.55 13.95 -13.41
CA LEU B 215 19.71 12.86 -12.92
C LEU B 215 20.60 11.84 -12.21
N THR B 216 20.50 11.79 -10.88
CA THR B 216 21.28 10.87 -10.06
C THR B 216 20.35 9.93 -9.34
N LEU B 217 20.60 8.66 -9.47
CA LEU B 217 19.67 7.68 -8.89
C LEU B 217 20.13 7.30 -7.49
N PRO B 218 19.20 6.98 -6.57
CA PRO B 218 19.60 6.74 -5.17
C PRO B 218 20.52 5.54 -4.99
N GLN B 219 20.20 4.39 -5.60
CA GLN B 219 20.81 3.13 -5.21
C GLN B 219 21.67 2.50 -6.31
N PHE B 220 21.75 3.11 -7.50
CA PHE B 220 22.46 2.53 -8.61
C PHE B 220 23.18 3.64 -9.38
N LEU B 221 23.93 3.26 -10.40
CA LEU B 221 24.65 4.20 -11.24
C LEU B 221 24.41 3.86 -12.71
N LEU B 222 23.84 4.80 -13.45
CA LEU B 222 23.52 4.61 -14.86
C LEU B 222 24.78 4.80 -15.70
N LYS B 223 25.15 3.79 -16.48
CA LYS B 223 26.33 3.89 -17.33
C LYS B 223 26.09 4.87 -18.47
N GLU B 224 27.16 5.57 -18.87
CA GLU B 224 27.06 6.53 -19.96
C GLU B 224 26.73 5.84 -21.29
N GLU B 225 27.37 4.70 -21.54
CA GLU B 225 27.16 3.98 -22.78
C GLU B 225 25.85 3.20 -22.73
N LYS B 226 25.28 2.94 -23.91
CA LYS B 226 24.06 2.17 -24.02
C LYS B 226 24.16 1.24 -25.22
N ASP B 227 23.41 0.14 -25.15
CA ASP B 227 23.36 -0.87 -26.21
C ASP B 227 22.03 -0.77 -26.93
N LEU B 228 22.09 -0.72 -28.26
CA LEU B 228 20.91 -0.62 -29.12
C LEU B 228 20.82 -1.89 -29.94
N ARG B 229 20.02 -2.86 -29.48
CA ARG B 229 19.90 -4.11 -30.20
C ARG B 229 18.78 -3.99 -31.24
N TYR B 230 18.53 -4.97 -32.09
CA TYR B 230 17.40 -4.84 -33.05
C TYR B 230 16.48 -6.05 -32.99
N CYS B 231 15.68 -6.18 -31.94
CA CYS B 231 14.70 -7.24 -31.74
C CYS B 231 13.75 -7.33 -32.93
N THR B 232 13.14 -8.52 -33.10
CA THR B 232 12.14 -8.73 -34.14
C THR B 232 11.19 -9.83 -33.69
N LYS B 233 9.99 -9.47 -33.27
CA LYS B 233 9.04 -10.45 -32.76
C LYS B 233 8.53 -11.35 -33.89
N HIS B 234 8.38 -12.63 -33.59
CA HIS B 234 7.90 -13.64 -34.55
C HIS B 234 6.74 -14.38 -33.91
N TYR B 235 5.53 -13.86 -34.07
CA TYR B 235 4.32 -14.49 -33.59
C TYR B 235 3.68 -15.32 -34.70
N ASN B 236 2.60 -16.03 -34.35
CA ASN B 236 1.84 -16.77 -35.34
C ASN B 236 1.07 -15.86 -36.29
N THR B 237 0.88 -14.59 -35.92
CA THR B 237 0.19 -13.64 -36.77
C THR B 237 1.09 -13.03 -37.84
N GLY B 238 2.40 -13.20 -37.73
CA GLY B 238 3.32 -12.70 -38.73
C GLY B 238 4.55 -12.12 -38.07
N LYS B 239 5.25 -11.28 -38.84
CA LYS B 239 6.47 -10.62 -38.40
C LYS B 239 6.15 -9.18 -38.03
N PHE B 240 6.86 -8.66 -37.02
CA PHE B 240 6.67 -7.30 -36.55
C PHE B 240 8.02 -6.65 -36.28
N THR B 241 8.08 -5.34 -36.47
CA THR B 241 9.31 -4.62 -36.20
C THR B 241 9.45 -4.38 -34.70
N CYS B 242 10.69 -4.14 -34.29
CA CYS B 242 10.98 -3.92 -32.89
C CYS B 242 12.35 -3.27 -32.79
N ILE B 243 12.52 -2.42 -31.78
CA ILE B 243 13.81 -1.83 -31.44
C ILE B 243 13.99 -1.89 -29.92
N GLU B 244 15.23 -2.06 -29.47
CA GLU B 244 15.49 -2.33 -28.06
C GLU B 244 16.70 -1.58 -27.56
N VAL B 245 16.58 -1.01 -26.35
CA VAL B 245 17.72 -0.40 -25.67
C VAL B 245 18.04 -1.18 -24.41
N ARG B 246 19.28 -1.01 -23.93
CA ARG B 246 19.76 -1.67 -22.72
C ARG B 246 20.33 -0.61 -21.78
N PHE B 247 19.92 -0.66 -20.52
CA PHE B 247 20.48 0.22 -19.49
C PHE B 247 21.25 -0.61 -18.46
N HIS B 248 22.53 -0.31 -18.27
CA HIS B 248 23.36 -1.01 -17.31
C HIS B 248 23.41 -0.23 -16.00
N LEU B 249 23.00 -0.87 -14.91
CA LEU B 249 22.93 -0.25 -13.60
C LEU B 249 23.83 -0.99 -12.62
N GLU B 250 24.61 -0.24 -11.84
CA GLU B 250 25.47 -0.82 -10.81
C GLU B 250 24.93 -0.43 -9.45
N ARG B 251 24.68 -1.44 -8.60
CA ARG B 251 24.24 -1.20 -7.24
C ARG B 251 25.35 -0.58 -6.40
N GLN B 252 24.97 0.24 -5.44
CA GLN B 252 25.94 0.83 -4.51
C GLN B 252 26.02 -0.04 -3.28
N MET B 253 27.25 -0.44 -2.92
CA MET B 253 27.47 -1.39 -1.84
C MET B 253 27.48 -0.77 -0.44
N GLY B 254 27.77 0.54 -0.33
CA GLY B 254 27.96 1.18 0.98
C GLY B 254 26.89 0.86 2.00
N TYR B 255 25.62 0.85 1.58
CA TYR B 255 24.52 0.67 2.53
C TYR B 255 24.63 -0.71 3.16
N TYR B 256 24.99 -1.69 2.34
CA TYR B 256 25.03 -3.09 2.75
C TYR B 256 26.19 -3.34 3.71
N LEU B 257 27.37 -2.76 3.43
CA LEU B 257 28.48 -2.90 4.36
C LEU B 257 28.18 -2.22 5.70
N ILE B 258 27.50 -1.07 5.69
CA ILE B 258 27.06 -0.47 6.95
C ILE B 258 26.02 -1.34 7.67
N GLN B 259 25.24 -2.14 6.96
CA GLN B 259 24.14 -2.86 7.60
C GLN B 259 24.39 -4.33 7.92
N MET B 260 24.86 -5.13 6.98
CA MET B 260 24.97 -6.57 7.21
C MET B 260 26.37 -7.16 7.04
N TYR B 261 27.41 -6.33 6.92
CA TYR B 261 28.77 -6.86 6.95
C TYR B 261 29.55 -6.36 8.16
N ILE B 262 29.56 -5.05 8.41
CA ILE B 262 30.26 -4.51 9.59
C ILE B 262 29.63 -4.99 10.90
N PRO B 263 28.30 -4.91 11.12
CA PRO B 263 27.74 -5.49 12.35
C PRO B 263 27.93 -6.99 12.50
N SER B 264 27.89 -7.75 11.41
CA SER B 264 28.20 -9.17 11.49
C SER B 264 29.67 -9.41 11.82
N LEU B 265 30.56 -8.57 11.28
CA LEU B 265 31.97 -8.68 11.64
C LEU B 265 32.16 -8.36 13.13
N LEU B 266 31.43 -7.37 13.63
CA LEU B 266 31.53 -7.03 15.04
C LEU B 266 31.02 -8.18 15.91
N ILE B 267 29.97 -8.86 15.46
CA ILE B 267 29.41 -9.98 16.21
C ILE B 267 30.40 -11.14 16.26
N VAL B 268 31.06 -11.43 15.13
CA VAL B 268 32.07 -12.51 15.10
C VAL B 268 33.26 -12.16 15.99
N ILE B 269 33.72 -10.91 15.94
CA ILE B 269 34.79 -10.48 16.84
C ILE B 269 34.33 -10.58 18.29
N LEU B 270 33.06 -10.26 18.56
CA LEU B 270 32.52 -10.38 19.89
C LEU B 270 32.52 -11.83 20.35
N SER B 271 32.25 -12.76 19.43
CA SER B 271 32.28 -14.17 19.81
C SER B 271 33.71 -14.61 20.09
N TRP B 272 34.69 -13.96 19.43
CA TRP B 272 36.09 -14.27 19.69
C TRP B 272 36.55 -13.82 21.08
N VAL B 273 35.74 -13.02 21.79
CA VAL B 273 36.07 -12.61 23.16
C VAL B 273 36.04 -13.80 24.10
N SER B 274 35.19 -14.80 23.82
CA SER B 274 35.02 -15.93 24.72
C SER B 274 36.31 -16.74 24.91
N PHE B 275 37.26 -16.66 23.98
CA PHE B 275 38.53 -17.34 24.18
C PHE B 275 39.34 -16.66 25.27
N TRP B 276 39.18 -15.34 25.44
CA TRP B 276 39.90 -14.62 26.48
C TRP B 276 39.21 -14.68 27.83
N ILE B 277 37.96 -15.11 27.89
CA ILE B 277 37.24 -15.22 29.16
C ILE B 277 37.72 -16.49 29.87
N ASN B 278 37.61 -16.49 31.20
CA ASN B 278 38.04 -17.62 32.00
C ASN B 278 37.26 -18.88 31.62
N MET B 279 37.98 -19.98 31.42
CA MET B 279 37.36 -21.22 30.98
C MET B 279 36.45 -21.84 32.03
N ASP B 280 36.65 -21.49 33.31
CA ASP B 280 35.80 -22.03 34.37
C ASP B 280 34.40 -21.41 34.34
N ALA B 281 34.32 -20.11 34.02
CA ALA B 281 33.05 -19.39 34.10
C ALA B 281 32.09 -19.83 33.01
N ALA B 282 31.34 -20.88 33.28
CA ALA B 282 30.39 -21.45 32.32
C ALA B 282 29.27 -20.51 31.89
N PRO B 283 28.52 -19.83 32.79
CA PRO B 283 27.44 -18.95 32.30
C PRO B 283 27.91 -17.79 31.45
N ALA B 284 29.12 -17.27 31.69
CA ALA B 284 29.60 -16.15 30.90
C ALA B 284 29.92 -16.59 29.48
N ARG B 285 30.57 -17.73 29.34
CA ARG B 285 30.98 -18.19 28.01
C ARG B 285 29.77 -18.64 27.22
N VAL B 286 28.84 -19.35 27.88
CA VAL B 286 27.67 -19.75 27.11
C VAL B 286 26.85 -18.53 26.74
N ALA B 287 26.79 -17.51 27.61
CA ALA B 287 26.02 -16.32 27.25
C ALA B 287 26.65 -15.62 26.05
N LEU B 288 27.99 -15.64 25.96
CA LEU B 288 28.67 -15.12 24.77
C LEU B 288 28.45 -15.98 23.54
N GLY B 289 27.99 -17.21 23.72
CA GLY B 289 27.82 -18.05 22.55
C GLY B 289 26.42 -17.80 22.03
N ILE B 290 25.49 -17.98 22.99
CA ILE B 290 24.08 -18.07 22.64
C ILE B 290 23.56 -16.71 22.21
N THR B 291 23.96 -15.64 22.89
CA THR B 291 23.44 -14.33 22.51
C THR B 291 23.94 -13.92 21.13
N THR B 292 25.12 -14.42 20.77
CA THR B 292 25.71 -14.16 19.47
C THR B 292 24.87 -14.83 18.38
N VAL B 293 24.53 -16.10 18.58
CA VAL B 293 23.73 -16.76 17.55
C VAL B 293 22.28 -16.26 17.59
N LEU B 294 21.82 -15.81 18.76
CA LEU B 294 20.51 -15.19 18.92
C LEU B 294 20.38 -13.96 18.03
N THR B 295 21.42 -13.14 17.98
CA THR B 295 21.31 -11.93 17.18
C THR B 295 21.62 -12.26 15.72
N MET B 296 22.43 -13.30 15.49
CA MET B 296 22.85 -13.59 14.14
C MET B 296 21.71 -14.19 13.31
N THR B 297 20.87 -15.01 13.94
CA THR B 297 19.74 -15.58 13.19
C THR B 297 18.77 -14.48 12.76
N THR B 298 18.54 -13.49 13.63
CA THR B 298 17.70 -12.36 13.28
C THR B 298 18.33 -11.54 12.16
N GLN B 299 19.66 -11.38 12.19
CA GLN B 299 20.32 -10.60 11.13
C GLN B 299 20.27 -11.34 9.80
N SER B 300 20.41 -12.67 9.84
CA SER B 300 20.35 -13.46 8.63
C SER B 300 18.95 -13.43 8.02
N SER B 301 17.91 -13.50 8.85
CA SER B 301 16.55 -13.40 8.32
C SER B 301 16.23 -11.98 7.85
N GLY B 302 16.76 -10.97 8.53
CA GLY B 302 16.53 -9.57 8.17
C GLY B 302 17.36 -9.04 7.02
N SER B 303 18.36 -9.79 6.56
CA SER B 303 19.13 -9.32 5.42
C SER B 303 18.42 -9.52 4.09
N ARG B 304 17.31 -10.25 4.07
CA ARG B 304 16.54 -10.54 2.87
C ARG B 304 15.15 -9.92 2.98
N ALA B 305 15.11 -8.69 3.52
CA ALA B 305 13.85 -7.96 3.65
C ALA B 305 13.26 -7.60 2.29
N SER B 306 14.04 -6.96 1.43
CA SER B 306 13.48 -6.51 0.17
C SER B 306 13.61 -7.53 -0.95
N LEU B 307 14.55 -8.46 -0.84
CA LEU B 307 14.80 -9.41 -1.90
C LEU B 307 13.58 -10.29 -2.16
N PRO B 308 13.13 -10.43 -3.40
CA PRO B 308 12.03 -11.38 -3.65
C PRO B 308 12.58 -12.77 -3.45
N LYS B 309 11.78 -13.64 -2.83
CA LYS B 309 12.17 -15.04 -2.60
C LYS B 309 12.75 -15.66 -3.87
N VAL B 310 14.01 -16.08 -3.81
CA VAL B 310 14.69 -16.66 -4.96
C VAL B 310 15.34 -17.99 -4.59
N SER B 311 15.13 -19.02 -5.43
CA SER B 311 15.64 -20.35 -5.11
C SER B 311 17.16 -20.42 -5.03
N TYR B 312 17.86 -19.74 -5.94
CA TYR B 312 19.33 -19.74 -5.88
C TYR B 312 19.83 -19.01 -4.64
N VAL B 313 21.10 -19.25 -4.32
CA VAL B 313 21.71 -18.64 -3.15
C VAL B 313 22.43 -17.38 -3.60
N LYS B 314 22.53 -16.41 -2.70
CA LYS B 314 23.16 -15.13 -2.96
C LYS B 314 24.49 -15.03 -2.21
N ALA B 315 25.29 -14.02 -2.59
CA ALA B 315 26.57 -13.81 -1.92
C ALA B 315 26.38 -13.39 -0.47
N ILE B 316 25.27 -12.72 -0.18
CA ILE B 316 24.98 -12.34 1.19
C ILE B 316 24.69 -13.57 2.03
N ASP B 317 24.01 -14.56 1.44
CA ASP B 317 23.73 -15.77 2.19
C ASP B 317 25.01 -16.55 2.44
N ILE B 318 25.95 -16.52 1.48
CA ILE B 318 27.22 -17.21 1.68
C ILE B 318 27.98 -16.56 2.84
N TRP B 319 27.96 -15.22 2.87
CA TRP B 319 28.67 -14.47 3.90
C TRP B 319 28.11 -14.75 5.29
N MET B 320 26.78 -14.68 5.43
CA MET B 320 26.20 -14.85 6.74
C MET B 320 26.07 -16.31 7.15
N ALA B 321 26.15 -17.24 6.18
CA ALA B 321 26.22 -18.65 6.54
C ALA B 321 27.61 -19.01 7.04
N VAL B 322 28.65 -18.50 6.39
CA VAL B 322 30.00 -18.79 6.90
C VAL B 322 30.20 -18.14 8.26
N CYS B 323 29.75 -16.89 8.43
CA CYS B 323 29.88 -16.25 9.75
C CYS B 323 29.06 -16.96 10.83
N LEU B 324 27.88 -17.49 10.47
CA LEU B 324 27.11 -18.28 11.42
C LEU B 324 27.80 -19.58 11.76
N LEU B 325 28.50 -20.19 10.79
CA LEU B 325 29.25 -21.40 11.09
C LEU B 325 30.43 -21.08 12.00
N PHE B 326 31.03 -19.90 11.83
CA PHE B 326 32.15 -19.51 12.69
C PHE B 326 31.71 -19.32 14.13
N VAL B 327 30.58 -18.67 14.35
CA VAL B 327 30.19 -18.43 15.74
C VAL B 327 29.57 -19.68 16.36
N PHE B 328 28.96 -20.54 15.53
CA PHE B 328 28.45 -21.79 16.07
C PHE B 328 29.60 -22.71 16.41
N SER B 329 30.68 -22.68 15.62
CA SER B 329 31.82 -23.52 15.94
C SER B 329 32.53 -22.99 17.17
N ALA B 330 32.46 -21.67 17.42
CA ALA B 330 33.06 -21.10 18.61
C ALA B 330 32.38 -21.61 19.87
N LEU B 331 31.04 -21.66 19.83
CA LEU B 331 30.32 -22.24 20.96
C LEU B 331 30.53 -23.75 21.04
N LEU B 332 30.62 -24.45 19.90
CA LEU B 332 30.92 -25.88 19.99
C LEU B 332 32.33 -26.12 20.52
N GLU B 333 33.24 -25.15 20.31
CA GLU B 333 34.57 -25.30 20.89
C GLU B 333 34.46 -25.22 22.39
N TYR B 334 33.57 -24.35 22.90
CA TYR B 334 33.48 -24.31 24.34
C TYR B 334 32.86 -25.61 24.84
N ALA B 335 31.91 -26.15 24.06
CA ALA B 335 31.27 -27.41 24.44
C ALA B 335 32.28 -28.56 24.48
N ALA B 336 33.40 -28.39 23.77
CA ALA B 336 34.47 -29.39 23.78
C ALA B 336 35.41 -29.21 24.98
N VAL B 337 35.85 -27.98 25.23
CA VAL B 337 36.77 -27.73 26.34
C VAL B 337 36.11 -27.96 27.70
N ASN B 338 34.81 -27.67 27.83
CA ASN B 338 34.10 -27.93 29.09
C ASN B 338 34.01 -29.42 29.40
N PHE B 339 33.77 -30.25 28.38
CA PHE B 339 33.76 -31.70 28.60
C PHE B 339 35.16 -32.26 28.80
N VAL B 340 36.16 -31.66 28.17
CA VAL B 340 37.55 -32.12 28.34
C VAL B 340 38.03 -31.81 29.76
N SER B 341 37.63 -30.67 30.32
CA SER B 341 38.09 -30.23 31.63
C SER B 341 37.68 -31.18 32.75
N ARG B 342 36.56 -31.87 32.63
CA ARG B 342 36.09 -32.81 33.65
C ARG B 342 36.33 -34.25 33.18
N GLN B 343 37.48 -34.79 33.58
CA GLN B 343 37.80 -36.19 33.29
C GLN B 343 38.41 -36.87 34.51
N HIS B 344 37.90 -36.53 35.70
CA HIS B 344 38.42 -37.11 36.93
C HIS B 344 37.29 -37.47 37.89
N LYS B 419 47.88 -33.35 36.58
CA LYS B 419 46.69 -32.83 35.93
C LYS B 419 46.92 -32.51 34.45
N VAL B 420 47.04 -33.55 33.63
CA VAL B 420 47.26 -33.36 32.21
C VAL B 420 46.01 -32.90 31.47
N PHE B 421 44.83 -33.02 32.09
CA PHE B 421 43.61 -32.54 31.46
C PHE B 421 43.37 -31.05 31.64
N ILE B 422 44.13 -30.38 32.48
CA ILE B 422 43.96 -28.94 32.71
C ILE B 422 44.73 -28.13 31.67
N ASP B 423 46.01 -28.43 31.48
CA ASP B 423 46.80 -27.73 30.49
C ASP B 423 46.32 -28.05 29.08
N ARG B 424 45.81 -29.26 28.87
CA ARG B 424 45.23 -29.59 27.57
C ARG B 424 43.99 -28.73 27.31
N ALA B 425 43.19 -28.49 28.35
CA ALA B 425 42.03 -27.62 28.19
C ALA B 425 42.45 -26.19 27.88
N LYS B 426 43.53 -25.72 28.50
CA LYS B 426 43.98 -24.35 28.23
C LYS B 426 44.62 -24.23 26.85
N LYS B 427 45.17 -25.33 26.33
CA LYS B 427 45.83 -25.29 25.03
C LYS B 427 44.86 -25.02 23.90
N ILE B 428 43.63 -25.52 24.00
CA ILE B 428 42.64 -25.24 22.96
C ILE B 428 42.29 -23.76 22.95
N ASP B 429 42.20 -23.13 24.13
CA ASP B 429 41.90 -21.70 24.21
C ASP B 429 43.03 -20.88 23.63
N THR B 430 44.28 -21.27 23.93
CA THR B 430 45.42 -20.52 23.42
C THR B 430 45.55 -20.67 21.91
N ILE B 431 45.29 -21.87 21.38
CA ILE B 431 45.37 -22.07 19.94
C ILE B 431 44.25 -21.30 19.24
N SER B 432 43.02 -21.40 19.75
CA SER B 432 41.88 -20.73 19.13
C SER B 432 41.97 -19.21 19.21
N ARG B 433 42.76 -18.68 20.15
CA ARG B 433 42.96 -17.23 20.18
C ARG B 433 43.65 -16.73 18.91
N ALA B 434 44.56 -17.53 18.34
CA ALA B 434 45.32 -17.18 17.15
C ALA B 434 45.00 -18.09 15.96
N CYS B 435 43.85 -18.76 15.98
CA CYS B 435 43.41 -19.60 14.87
C CYS B 435 42.12 -19.10 14.24
N PHE B 436 41.11 -18.76 15.04
CA PHE B 436 39.87 -18.21 14.50
C PHE B 436 40.05 -16.90 13.73
N PRO B 437 40.80 -15.89 14.21
CA PRO B 437 41.06 -14.74 13.33
C PRO B 437 41.84 -15.07 12.08
N LEU B 438 42.75 -16.05 12.13
CA LEU B 438 43.50 -16.42 10.94
C LEU B 438 42.61 -17.14 9.93
N ALA B 439 41.75 -18.04 10.42
CA ALA B 439 40.82 -18.74 9.54
C ALA B 439 39.69 -17.84 9.08
N PHE B 440 39.50 -16.67 9.69
CA PHE B 440 38.48 -15.76 9.19
C PHE B 440 39.09 -14.76 8.23
N LEU B 441 40.34 -14.35 8.45
CA LEU B 441 41.01 -13.48 7.52
C LEU B 441 41.24 -14.18 6.19
N ILE B 442 41.53 -15.49 6.23
CA ILE B 442 41.68 -16.23 4.99
C ILE B 442 40.36 -16.25 4.22
N PHE B 443 39.25 -16.45 4.94
CA PHE B 443 37.95 -16.44 4.26
C PHE B 443 37.64 -15.07 3.69
N ASN B 444 38.05 -14.01 4.41
CA ASN B 444 37.82 -12.67 3.89
C ASN B 444 38.58 -12.44 2.60
N ILE B 445 39.80 -12.99 2.51
CA ILE B 445 40.54 -12.90 1.26
C ILE B 445 39.85 -13.73 0.18
N PHE B 446 39.33 -14.90 0.56
CA PHE B 446 38.68 -15.77 -0.41
C PHE B 446 37.24 -15.37 -0.69
N TYR B 447 36.81 -14.22 -0.22
CA TYR B 447 35.46 -13.73 -0.46
C TYR B 447 35.49 -12.37 -1.13
N TRP B 448 36.45 -11.52 -0.78
CA TRP B 448 36.59 -10.18 -1.33
C TRP B 448 37.51 -10.13 -2.54
N VAL B 449 38.05 -11.27 -2.96
CA VAL B 449 38.82 -11.36 -4.20
C VAL B 449 38.07 -12.13 -5.28
N ILE B 450 37.41 -13.23 -4.91
CA ILE B 450 36.63 -14.01 -5.87
C ILE B 450 35.39 -13.27 -6.34
N TYR B 451 35.01 -12.19 -5.66
CA TYR B 451 33.89 -11.38 -6.09
C TYR B 451 34.31 -10.08 -6.76
N LYS B 452 35.53 -9.61 -6.54
CA LYS B 452 36.04 -8.48 -7.32
C LYS B 452 36.68 -8.92 -8.62
N ILE B 453 36.81 -10.23 -8.84
CA ILE B 453 37.30 -10.78 -10.11
C ILE B 453 36.14 -11.06 -11.06
N LEU B 454 35.16 -11.81 -10.54
CA LEU B 454 34.00 -12.30 -11.35
C LEU B 454 32.97 -11.20 -11.60
N ARG B 455 32.67 -10.37 -10.61
CA ARG B 455 31.75 -9.25 -10.89
C ARG B 455 32.41 -8.35 -11.93
N HIS B 456 33.73 -8.18 -11.84
CA HIS B 456 34.43 -7.39 -12.88
C HIS B 456 34.21 -8.07 -14.23
N GLU B 457 34.22 -9.41 -14.26
CA GLU B 457 33.96 -10.15 -15.51
C GLU B 457 32.47 -9.99 -15.87
N ASP B 458 32.10 -10.28 -17.12
CA ASP B 458 30.69 -10.09 -17.57
C ASP B 458 30.30 -8.62 -17.41
N ILE B 459 31.07 -7.70 -18.01
CA ILE B 459 30.73 -6.25 -17.96
C ILE B 459 29.36 -6.07 -18.63
N HIS B 460 29.14 -6.77 -19.73
CA HIS B 460 27.81 -6.72 -20.41
C HIS B 460 27.10 -8.06 -20.19
N MET C 41 -8.53 2.11 -57.47
CA MET C 41 -9.62 2.07 -56.50
C MET C 41 -9.18 2.70 -55.18
N SER C 42 -9.99 3.63 -54.67
CA SER C 42 -9.68 4.30 -53.42
C SER C 42 -9.77 3.36 -52.23
N PRO C 43 -8.90 3.56 -51.22
CA PRO C 43 -8.95 2.74 -50.00
C PRO C 43 -10.07 3.14 -49.03
N SER C 44 -10.43 4.41 -49.05
CA SER C 44 -11.37 4.95 -48.08
C SER C 44 -12.81 4.46 -48.30
N ASP C 45 -13.30 4.52 -49.54
CA ASP C 45 -14.70 4.18 -49.79
C ASP C 45 -14.99 2.67 -49.71
N PHE C 46 -13.97 1.82 -49.86
CA PHE C 46 -14.22 0.38 -49.80
C PHE C 46 -14.76 -0.03 -48.44
N LEU C 47 -14.28 0.62 -47.36
CA LEU C 47 -14.85 0.38 -46.04
C LEU C 47 -16.31 0.79 -45.98
N ASP C 48 -16.70 1.81 -46.75
CA ASP C 48 -18.07 2.28 -46.71
C ASP C 48 -18.99 1.32 -47.44
N LYS C 49 -18.56 0.85 -48.61
CA LYS C 49 -19.37 -0.11 -49.36
C LYS C 49 -19.40 -1.48 -48.71
N LEU C 50 -18.32 -1.88 -48.03
CA LEU C 50 -18.31 -3.17 -47.34
C LEU C 50 -19.24 -3.18 -46.14
N MET C 51 -19.30 -2.07 -45.40
CA MET C 51 -20.10 -1.97 -44.18
C MET C 51 -20.55 -0.54 -43.97
N GLY C 52 -21.77 -0.38 -43.50
CA GLY C 52 -22.31 0.95 -43.25
C GLY C 52 -23.76 1.02 -43.64
N ARG C 53 -24.27 2.25 -43.69
CA ARG C 53 -25.68 2.44 -44.04
C ARG C 53 -25.95 2.04 -45.48
N THR C 54 -25.00 2.28 -46.38
CA THR C 54 -25.21 1.94 -47.79
C THR C 54 -25.39 0.44 -47.99
N SER C 55 -24.58 -0.37 -47.30
CA SER C 55 -24.65 -1.81 -47.42
C SER C 55 -25.62 -2.45 -46.43
N GLY C 56 -26.16 -1.67 -45.49
CA GLY C 56 -27.09 -2.21 -44.51
C GLY C 56 -26.46 -3.03 -43.41
N TYR C 57 -25.13 -2.98 -43.25
CA TYR C 57 -24.47 -3.71 -42.18
C TYR C 57 -24.78 -3.10 -40.82
N ASP C 58 -25.14 -3.94 -39.86
CA ASP C 58 -25.43 -3.53 -38.49
C ASP C 58 -24.49 -4.23 -37.53
N ALA C 59 -23.86 -3.46 -36.65
CA ALA C 59 -22.97 -4.03 -35.64
C ALA C 59 -23.72 -4.65 -34.47
N ARG C 60 -25.03 -4.43 -34.38
CA ARG C 60 -25.83 -4.96 -33.28
C ARG C 60 -26.45 -6.32 -33.59
N ILE C 61 -26.18 -6.87 -34.78
CA ILE C 61 -26.73 -8.14 -35.21
C ILE C 61 -25.59 -9.11 -35.47
N ARG C 62 -25.68 -10.31 -34.88
CA ARG C 62 -24.68 -11.33 -35.10
C ARG C 62 -24.77 -11.83 -36.54
N PRO C 63 -23.65 -12.39 -37.10
CA PRO C 63 -23.61 -12.76 -38.53
C PRO C 63 -24.75 -13.68 -38.99
N ASN C 64 -24.87 -14.84 -38.38
CA ASN C 64 -25.96 -15.77 -38.68
C ASN C 64 -27.03 -15.56 -37.62
N PHE C 65 -27.98 -14.65 -37.91
CA PHE C 65 -28.94 -14.24 -36.90
C PHE C 65 -29.91 -15.38 -36.55
N LYS C 66 -30.47 -16.03 -37.56
CA LYS C 66 -31.42 -17.12 -37.37
C LYS C 66 -30.92 -18.40 -38.02
N GLY C 67 -29.63 -18.67 -37.88
CA GLY C 67 -29.03 -19.88 -38.41
C GLY C 67 -28.22 -20.62 -37.38
N PRO C 68 -27.14 -21.27 -37.81
CA PRO C 68 -26.29 -21.99 -36.86
C PRO C 68 -25.57 -21.01 -35.94
N PRO C 69 -25.19 -21.45 -34.74
CA PRO C 69 -24.47 -20.56 -33.82
C PRO C 69 -23.11 -20.15 -34.37
N VAL C 70 -22.67 -18.95 -34.00
CA VAL C 70 -21.38 -18.45 -34.44
C VAL C 70 -20.28 -19.15 -33.65
N ASN C 71 -19.33 -19.76 -34.36
CA ASN C 71 -18.22 -20.47 -33.74
C ASN C 71 -17.01 -19.54 -33.68
N VAL C 72 -16.64 -19.13 -32.48
CA VAL C 72 -15.52 -18.22 -32.27
C VAL C 72 -14.35 -19.03 -31.74
N THR C 73 -13.24 -19.01 -32.48
CA THR C 73 -12.03 -19.76 -32.13
C THR C 73 -11.04 -18.81 -31.47
N CYS C 74 -10.66 -19.11 -30.23
CA CYS C 74 -9.85 -18.22 -29.43
C CYS C 74 -8.50 -18.84 -29.10
N ASN C 75 -7.50 -17.98 -28.89
CA ASN C 75 -6.20 -18.40 -28.40
C ASN C 75 -5.51 -17.23 -27.71
N ILE C 76 -4.56 -17.55 -26.83
CA ILE C 76 -3.89 -16.51 -26.06
C ILE C 76 -2.38 -16.64 -26.20
N PHE C 77 -1.71 -15.54 -25.87
CA PHE C 77 -0.24 -15.48 -25.87
C PHE C 77 0.19 -14.73 -24.61
N ILE C 78 0.67 -15.47 -23.62
CA ILE C 78 1.02 -14.88 -22.34
C ILE C 78 2.29 -14.05 -22.51
N ASN C 79 2.15 -12.72 -22.52
CA ASN C 79 3.32 -11.86 -22.68
C ASN C 79 4.11 -11.77 -21.39
N SER C 80 3.43 -11.76 -20.24
CA SER C 80 4.08 -11.68 -18.94
C SER C 80 3.24 -12.43 -17.91
N PHE C 81 3.89 -12.86 -16.83
CA PHE C 81 3.23 -13.62 -15.78
C PHE C 81 3.92 -13.25 -14.47
N GLY C 82 3.15 -13.01 -13.42
CA GLY C 82 3.76 -12.72 -12.13
C GLY C 82 2.78 -12.08 -11.17
N SER C 83 3.35 -11.52 -10.10
CA SER C 83 2.60 -10.84 -9.03
C SER C 83 1.55 -11.76 -8.40
N ILE C 84 1.94 -13.01 -8.17
CA ILE C 84 1.08 -14.02 -7.57
C ILE C 84 1.06 -13.83 -6.05
N ALA C 85 0.08 -13.07 -5.57
CA ALA C 85 -0.05 -12.77 -4.15
C ALA C 85 -0.89 -13.86 -3.49
N GLU C 86 -0.32 -14.50 -2.46
CA GLU C 86 -1.05 -15.54 -1.76
C GLU C 86 -2.10 -14.97 -0.83
N THR C 87 -1.83 -13.80 -0.24
CA THR C 87 -2.76 -13.20 0.71
C THR C 87 -4.06 -12.80 0.03
N THR C 88 -3.96 -12.23 -1.18
CA THR C 88 -5.12 -11.77 -1.92
C THR C 88 -5.76 -12.88 -2.76
N MET C 89 -5.07 -14.04 -2.88
CA MET C 89 -5.58 -15.22 -3.59
C MET C 89 -5.85 -14.92 -5.07
N ASP C 90 -4.91 -14.24 -5.72
CA ASP C 90 -5.03 -13.95 -7.14
C ASP C 90 -3.65 -13.84 -7.76
N TYR C 91 -3.62 -13.61 -9.07
CA TYR C 91 -2.37 -13.41 -9.79
C TYR C 91 -2.61 -12.49 -10.98
N ARG C 92 -1.53 -11.88 -11.45
CA ARG C 92 -1.57 -10.92 -12.53
C ARG C 92 -0.95 -11.52 -13.79
N VAL C 93 -1.55 -11.22 -14.94
CA VAL C 93 -1.10 -11.78 -16.20
C VAL C 93 -1.40 -10.78 -17.31
N ASN C 94 -0.52 -10.70 -18.29
CA ASN C 94 -0.70 -9.83 -19.44
C ASN C 94 -0.70 -10.71 -20.68
N ILE C 95 -1.79 -10.69 -21.44
CA ILE C 95 -1.97 -11.64 -22.52
C ILE C 95 -2.32 -10.93 -23.81
N PHE C 96 -2.13 -11.65 -24.92
CA PHE C 96 -2.58 -11.23 -26.24
C PHE C 96 -3.71 -12.16 -26.63
N LEU C 97 -4.95 -11.67 -26.53
CA LEU C 97 -6.13 -12.48 -26.83
C LEU C 97 -6.46 -12.35 -28.32
N ARG C 98 -6.49 -13.46 -29.03
CA ARG C 98 -6.81 -13.48 -30.45
C ARG C 98 -8.11 -14.26 -30.63
N GLN C 99 -9.02 -13.72 -31.44
CA GLN C 99 -10.32 -14.33 -31.72
C GLN C 99 -10.52 -14.37 -33.23
N LYS C 100 -11.08 -15.48 -33.72
CA LYS C 100 -11.32 -15.66 -35.14
C LYS C 100 -12.75 -16.15 -35.35
N TRP C 101 -13.45 -15.52 -36.28
CA TRP C 101 -14.81 -15.96 -36.59
C TRP C 101 -15.18 -15.58 -38.01
N ASN C 102 -16.26 -16.17 -38.51
CA ASN C 102 -16.69 -15.94 -39.89
C ASN C 102 -17.91 -15.02 -39.92
N ASP C 103 -17.82 -13.98 -40.74
CA ASP C 103 -18.92 -13.05 -40.98
C ASP C 103 -19.26 -13.04 -42.46
N PRO C 104 -20.37 -13.66 -42.88
CA PRO C 104 -20.70 -13.68 -44.31
C PRO C 104 -20.93 -12.30 -44.91
N ARG C 105 -21.42 -11.34 -44.12
CA ARG C 105 -21.67 -10.00 -44.65
C ARG C 105 -20.39 -9.25 -44.94
N LEU C 106 -19.28 -9.65 -44.35
CA LEU C 106 -17.99 -8.98 -44.55
C LEU C 106 -17.17 -9.61 -45.67
N ALA C 107 -17.72 -10.57 -46.39
CA ALA C 107 -17.00 -11.18 -47.50
C ALA C 107 -16.82 -10.16 -48.62
N TYR C 108 -15.60 -10.07 -49.14
CA TYR C 108 -15.27 -9.09 -50.16
C TYR C 108 -14.46 -9.75 -51.27
N SER C 109 -14.59 -9.23 -52.48
CA SER C 109 -13.83 -9.74 -53.62
C SER C 109 -13.26 -8.63 -54.47
N GLU C 110 -13.63 -7.37 -54.21
CA GLU C 110 -13.21 -6.24 -55.03
C GLU C 110 -11.70 -6.03 -54.97
N TYR C 111 -11.12 -5.95 -53.76
CA TYR C 111 -9.68 -5.79 -53.64
C TYR C 111 -8.95 -7.12 -53.79
N PRO C 112 -7.97 -7.20 -54.70
CA PRO C 112 -7.31 -8.49 -54.95
C PRO C 112 -6.49 -9.01 -53.77
N ASP C 113 -6.20 -8.15 -52.78
CA ASP C 113 -5.44 -8.56 -51.61
C ASP C 113 -6.21 -9.63 -50.83
N ASP C 114 -5.51 -10.72 -50.51
CA ASP C 114 -6.18 -11.80 -49.77
C ASP C 114 -6.58 -11.35 -48.36
N SER C 115 -5.72 -10.60 -47.68
CA SER C 115 -6.01 -10.07 -46.35
C SER C 115 -6.17 -8.56 -46.39
N LEU C 116 -6.86 -8.03 -45.37
CA LEU C 116 -7.13 -6.60 -45.22
C LEU C 116 -6.81 -6.19 -43.79
N ASP C 117 -5.56 -5.77 -43.58
CA ASP C 117 -5.10 -5.27 -42.27
C ASP C 117 -5.77 -3.93 -41.98
N LEU C 118 -6.75 -3.91 -41.09
CA LEU C 118 -7.53 -2.70 -40.83
C LEU C 118 -7.18 -2.12 -39.47
N ASP C 119 -7.08 -0.80 -39.39
CA ASP C 119 -6.83 -0.14 -38.12
C ASP C 119 -8.05 -0.28 -37.21
N PRO C 120 -7.89 -0.10 -35.87
CA PRO C 120 -9.04 -0.35 -34.97
C PRO C 120 -10.12 0.73 -34.97
N SER C 121 -10.13 1.60 -35.98
CA SER C 121 -11.10 2.68 -36.04
C SER C 121 -12.52 2.20 -36.30
N MET C 122 -12.68 1.07 -36.97
CA MET C 122 -14.02 0.53 -37.16
C MET C 122 -14.29 -0.67 -36.26
N LEU C 123 -13.39 -0.97 -35.31
CA LEU C 123 -13.65 -2.09 -34.41
C LEU C 123 -14.90 -1.87 -33.56
N ASP C 124 -15.29 -0.63 -33.32
CA ASP C 124 -16.53 -0.31 -32.62
C ASP C 124 -17.76 -0.36 -33.52
N SER C 125 -17.60 -0.58 -34.82
CA SER C 125 -18.73 -0.62 -35.75
C SER C 125 -18.88 -1.96 -36.45
N ILE C 126 -18.19 -3.00 -36.00
CA ILE C 126 -18.44 -4.36 -36.47
C ILE C 126 -18.87 -5.20 -35.28
N TRP C 127 -19.49 -6.34 -35.57
CA TRP C 127 -19.95 -7.23 -34.52
C TRP C 127 -18.76 -7.95 -33.88
N LYS C 128 -18.71 -7.95 -32.56
CA LYS C 128 -17.66 -8.62 -31.82
C LYS C 128 -18.27 -9.46 -30.70
N PRO C 129 -17.67 -10.61 -30.38
CA PRO C 129 -18.19 -11.42 -29.28
C PRO C 129 -18.02 -10.72 -27.94
N ASP C 130 -18.96 -10.98 -27.03
CA ASP C 130 -18.96 -10.34 -25.71
C ASP C 130 -18.26 -11.23 -24.68
N LEU C 131 -17.01 -11.56 -24.98
CA LEU C 131 -16.20 -12.41 -24.12
C LEU C 131 -15.89 -11.70 -22.80
N PHE C 132 -15.81 -12.48 -21.73
CA PHE C 132 -15.40 -11.94 -20.43
C PHE C 132 -14.76 -13.06 -19.62
N PHE C 133 -13.96 -12.66 -18.65
CA PHE C 133 -13.24 -13.59 -17.80
C PHE C 133 -13.99 -13.71 -16.48
N ALA C 134 -14.44 -14.93 -16.17
CA ALA C 134 -15.29 -15.15 -15.01
C ALA C 134 -14.55 -14.96 -13.70
N ASN C 135 -13.28 -15.36 -13.65
CA ASN C 135 -12.50 -15.28 -12.42
C ASN C 135 -11.69 -13.99 -12.32
N GLU C 136 -12.05 -12.96 -13.07
CA GLU C 136 -11.28 -11.72 -13.12
C GLU C 136 -11.75 -10.75 -12.05
N LYS C 137 -10.82 -10.24 -11.23
CA LYS C 137 -11.09 -9.20 -10.24
C LYS C 137 -10.89 -7.79 -10.78
N GLY C 138 -10.00 -7.62 -11.75
CA GLY C 138 -9.66 -6.31 -12.26
C GLY C 138 -8.91 -6.38 -13.58
N ALA C 139 -9.35 -5.64 -14.59
CA ALA C 139 -8.71 -5.68 -15.89
C ALA C 139 -8.83 -4.32 -16.56
N ASN C 140 -7.94 -4.10 -17.54
CA ASN C 140 -7.91 -2.85 -18.28
C ASN C 140 -7.24 -3.10 -19.63
N PHE C 141 -7.48 -2.16 -20.55
CA PHE C 141 -6.86 -2.22 -21.87
C PHE C 141 -5.49 -1.54 -21.82
N HIS C 142 -4.90 -1.30 -22.98
CA HIS C 142 -3.63 -0.59 -23.07
C HIS C 142 -3.72 0.43 -24.20
N GLU C 143 -3.37 1.68 -23.87
CA GLU C 143 -3.44 2.80 -24.81
C GLU C 143 -2.19 3.66 -24.69
N VAL C 144 -1.01 3.02 -24.69
CA VAL C 144 0.24 3.72 -24.38
C VAL C 144 0.56 4.77 -25.45
N THR C 145 0.33 4.44 -26.72
CA THR C 145 0.39 5.45 -27.78
C THR C 145 -0.92 5.51 -28.56
N THR C 146 -1.43 4.36 -29.01
CA THR C 146 -2.72 4.26 -29.66
C THR C 146 -3.46 3.07 -29.07
N ASP C 147 -4.61 2.71 -29.64
CA ASP C 147 -5.33 1.52 -29.18
C ASP C 147 -4.53 0.27 -29.52
N ASN C 148 -4.33 -0.60 -28.53
CA ASN C 148 -3.57 -1.84 -28.74
C ASN C 148 -4.50 -2.93 -29.27
N LYS C 149 -4.93 -2.74 -30.51
CA LYS C 149 -5.85 -3.66 -31.17
C LYS C 149 -5.37 -3.95 -32.58
N LEU C 150 -5.78 -5.12 -33.08
CA LEU C 150 -5.47 -5.58 -34.43
C LEU C 150 -6.74 -6.15 -35.03
N LEU C 151 -6.94 -5.90 -36.32
CA LEU C 151 -8.10 -6.37 -37.06
C LEU C 151 -7.68 -6.74 -38.47
N ARG C 152 -8.07 -7.93 -38.91
CA ARG C 152 -7.79 -8.41 -40.26
C ARG C 152 -9.05 -9.05 -40.83
N ILE C 153 -9.32 -8.77 -42.10
CA ILE C 153 -10.49 -9.33 -42.78
C ILE C 153 -10.00 -10.04 -44.04
N PHE C 154 -10.36 -11.32 -44.18
CA PHE C 154 -9.95 -12.11 -45.33
C PHE C 154 -11.06 -12.20 -46.39
N LYS C 155 -10.72 -12.84 -47.52
CA LYS C 155 -11.61 -12.86 -48.67
C LYS C 155 -12.87 -13.68 -48.38
N ASN C 156 -12.73 -14.78 -47.66
CA ASN C 156 -13.86 -15.66 -47.39
C ASN C 156 -14.83 -15.05 -46.39
N GLY C 157 -14.46 -13.93 -45.78
CA GLY C 157 -15.28 -13.26 -44.80
C GLY C 157 -14.84 -13.49 -43.37
N ASN C 158 -13.77 -14.26 -43.15
CA ASN C 158 -13.29 -14.44 -41.79
C ASN C 158 -12.68 -13.15 -41.26
N VAL C 159 -12.69 -13.06 -39.93
CA VAL C 159 -12.22 -11.91 -39.17
C VAL C 159 -11.26 -12.40 -38.10
N LEU C 160 -10.09 -11.76 -38.04
CA LEU C 160 -9.08 -11.95 -37.01
C LEU C 160 -9.05 -10.71 -36.13
N TYR C 161 -9.19 -10.89 -34.82
CA TYR C 161 -9.33 -9.80 -33.86
C TYR C 161 -8.37 -10.05 -32.72
N SER C 162 -7.28 -9.29 -32.67
CA SER C 162 -6.27 -9.42 -31.62
C SER C 162 -6.30 -8.21 -30.70
N ILE C 163 -6.10 -8.45 -29.41
CA ILE C 163 -6.15 -7.38 -28.41
C ILE C 163 -5.15 -7.70 -27.31
N ARG C 164 -4.70 -6.66 -26.62
CA ARG C 164 -3.77 -6.76 -25.51
C ARG C 164 -4.52 -6.48 -24.21
N LEU C 165 -4.39 -7.38 -23.24
CA LEU C 165 -5.15 -7.27 -22.01
C LEU C 165 -4.25 -7.52 -20.81
N THR C 166 -4.57 -6.84 -19.71
CA THR C 166 -3.94 -7.07 -18.41
C THR C 166 -5.03 -7.52 -17.45
N LEU C 167 -4.82 -8.68 -16.82
CA LEU C 167 -5.82 -9.30 -15.98
C LEU C 167 -5.25 -9.55 -14.59
N THR C 168 -6.15 -9.52 -13.60
CA THR C 168 -5.86 -9.88 -12.21
C THR C 168 -6.88 -10.96 -11.86
N LEU C 169 -6.53 -12.20 -12.16
CA LEU C 169 -7.46 -13.31 -12.04
C LEU C 169 -7.35 -13.96 -10.67
N SER C 170 -8.51 -14.17 -10.04
CA SER C 170 -8.57 -14.84 -8.74
C SER C 170 -8.25 -16.31 -8.91
N CYS C 171 -7.59 -16.86 -7.89
CA CYS C 171 -7.20 -18.25 -7.90
C CYS C 171 -7.48 -18.87 -6.54
N PRO C 172 -8.38 -19.86 -6.47
CA PRO C 172 -8.57 -20.57 -5.20
C PRO C 172 -7.41 -21.49 -4.96
N MET C 173 -6.61 -21.15 -3.97
CA MET C 173 -5.38 -21.86 -3.65
C MET C 173 -5.52 -22.71 -2.39
N ASP C 174 -4.91 -23.89 -2.43
CA ASP C 174 -4.85 -24.79 -1.31
C ASP C 174 -3.42 -24.75 -0.80
N LEU C 175 -3.24 -24.31 0.45
CA LEU C 175 -1.90 -24.09 0.96
C LEU C 175 -1.40 -25.25 1.80
N LYS C 176 -2.11 -26.37 1.85
CA LYS C 176 -1.55 -27.52 2.53
C LYS C 176 -0.31 -27.95 1.77
N ASN C 177 0.64 -28.57 2.48
CA ASN C 177 1.95 -28.91 1.93
C ASN C 177 2.62 -27.62 1.45
N PHE C 178 2.55 -26.55 2.26
CA PHE C 178 2.98 -25.23 1.81
C PHE C 178 4.38 -25.14 1.20
N PRO C 179 5.47 -25.59 1.84
CA PRO C 179 6.78 -25.39 1.21
C PRO C 179 6.95 -26.15 -0.09
N MET C 180 6.19 -27.23 -0.29
CA MET C 180 6.33 -28.11 -1.45
C MET C 180 4.94 -28.37 -2.06
N ASP C 181 4.35 -27.37 -2.71
CA ASP C 181 2.99 -27.55 -3.22
C ASP C 181 2.89 -27.21 -4.69
N VAL C 182 2.12 -28.02 -5.41
CA VAL C 182 1.80 -27.79 -6.82
C VAL C 182 0.46 -27.05 -6.85
N GLN C 183 0.49 -25.77 -7.24
CA GLN C 183 -0.77 -25.08 -7.37
C GLN C 183 -1.31 -25.18 -8.79
N THR C 184 -2.58 -24.81 -8.95
CA THR C 184 -3.26 -24.80 -10.24
C THR C 184 -3.98 -23.48 -10.42
N CYS C 185 -3.54 -22.67 -11.37
CA CYS C 185 -4.24 -21.42 -11.64
C CYS C 185 -5.27 -21.65 -12.76
N ILE C 186 -6.27 -20.76 -12.78
CA ILE C 186 -7.48 -20.97 -13.56
C ILE C 186 -7.69 -19.75 -14.47
N MET C 187 -8.32 -19.99 -15.62
CA MET C 187 -8.65 -18.91 -16.54
C MET C 187 -9.83 -19.33 -17.41
N GLN C 188 -10.96 -18.65 -17.24
CA GLN C 188 -12.22 -18.96 -17.90
C GLN C 188 -12.57 -17.83 -18.86
N LEU C 189 -12.97 -18.21 -20.08
CA LEU C 189 -13.38 -17.30 -21.14
C LEU C 189 -14.83 -17.66 -21.50
N GLU C 190 -15.77 -16.82 -21.07
CA GLU C 190 -17.20 -17.12 -21.17
C GLU C 190 -17.96 -15.94 -21.74
N SER C 191 -18.97 -16.23 -22.56
CA SER C 191 -19.83 -15.20 -23.13
C SER C 191 -20.83 -14.70 -22.09
N PHE C 192 -21.19 -13.42 -22.19
CA PHE C 192 -22.10 -12.81 -21.23
C PHE C 192 -23.54 -12.73 -21.70
N GLY C 193 -23.78 -12.45 -22.98
CA GLY C 193 -25.13 -12.21 -23.46
C GLY C 193 -25.71 -13.29 -24.35
N TYR C 194 -24.87 -14.00 -25.07
CA TYR C 194 -25.30 -14.98 -26.04
C TYR C 194 -25.24 -16.39 -25.44
N THR C 195 -26.21 -17.21 -25.80
CA THR C 195 -26.34 -18.57 -25.28
C THR C 195 -25.71 -19.58 -26.24
N MET C 196 -25.96 -20.87 -26.00
CA MET C 196 -25.35 -21.92 -26.80
C MET C 196 -25.82 -21.89 -28.25
N ASN C 197 -27.08 -21.49 -28.48
CA ASN C 197 -27.60 -21.44 -29.85
C ASN C 197 -27.10 -20.23 -30.62
N ASP C 198 -26.35 -19.33 -29.99
CA ASP C 198 -25.83 -18.15 -30.66
C ASP C 198 -24.31 -18.15 -30.74
N LEU C 199 -23.61 -18.32 -29.62
CA LEU C 199 -22.15 -18.18 -29.58
C LEU C 199 -21.53 -19.46 -29.01
N ILE C 200 -20.46 -19.94 -29.67
CA ILE C 200 -19.73 -21.12 -29.22
C ILE C 200 -18.25 -20.78 -29.24
N PHE C 201 -17.56 -21.06 -28.13
CA PHE C 201 -16.13 -20.78 -28.01
C PHE C 201 -15.33 -22.07 -28.18
N GLU C 202 -14.26 -22.01 -28.96
CA GLU C 202 -13.45 -23.19 -29.23
C GLU C 202 -11.98 -22.81 -29.24
N TRP C 203 -11.11 -23.81 -29.13
CA TRP C 203 -9.69 -23.64 -29.34
C TRP C 203 -9.29 -24.21 -30.71
N GLN C 204 -8.07 -23.88 -31.14
CA GLN C 204 -7.51 -24.49 -32.35
C GLN C 204 -6.91 -25.86 -32.02
N ASP C 205 -6.53 -26.56 -33.07
CA ASP C 205 -5.81 -27.82 -32.82
C ASP C 205 -4.37 -27.39 -32.64
N GLU C 206 -4.08 -26.13 -32.95
CA GLU C 206 -2.66 -25.70 -32.92
C GLU C 206 -2.37 -24.69 -31.82
N ALA C 207 -1.72 -25.12 -30.76
CA ALA C 207 -1.24 -24.17 -29.73
C ALA C 207 -2.26 -23.15 -29.24
N PRO C 208 -3.33 -23.51 -28.54
CA PRO C 208 -4.20 -22.49 -28.03
C PRO C 208 -3.44 -21.57 -27.06
N VAL C 209 -2.61 -22.09 -26.18
CA VAL C 209 -1.95 -21.19 -25.21
C VAL C 209 -0.45 -21.15 -25.49
N GLN C 210 0.08 -20.02 -25.95
CA GLN C 210 1.51 -19.87 -26.20
C GLN C 210 2.09 -18.94 -25.15
N VAL C 211 3.30 -19.27 -24.70
CA VAL C 211 4.01 -18.50 -23.68
C VAL C 211 5.25 -17.88 -24.32
N ALA C 212 5.53 -16.63 -23.96
CA ALA C 212 6.68 -15.92 -24.49
C ALA C 212 7.98 -16.60 -24.09
N GLU C 213 8.93 -16.63 -25.03
CA GLU C 213 10.22 -17.26 -24.77
C GLU C 213 11.01 -16.48 -23.73
N GLY C 214 11.67 -17.21 -22.82
CA GLY C 214 12.45 -16.57 -21.78
C GLY C 214 11.67 -16.07 -20.58
N LEU C 215 10.39 -16.38 -20.47
CA LEU C 215 9.60 -15.94 -19.32
C LEU C 215 9.86 -16.88 -18.15
N THR C 216 10.61 -16.40 -17.16
CA THR C 216 10.96 -17.17 -15.98
C THR C 216 10.36 -16.51 -14.74
N LEU C 217 9.63 -17.27 -13.97
CA LEU C 217 8.93 -16.68 -12.84
C LEU C 217 9.80 -16.78 -11.59
N PRO C 218 9.71 -15.82 -10.66
CA PRO C 218 10.63 -15.83 -9.50
C PRO C 218 10.48 -17.04 -8.58
N GLN C 219 9.25 -17.40 -8.22
CA GLN C 219 9.02 -18.31 -7.10
C GLN C 219 8.40 -19.63 -7.50
N PHE C 220 8.07 -19.84 -8.78
CA PHE C 220 7.38 -21.04 -9.23
C PHE C 220 7.94 -21.45 -10.58
N LEU C 221 7.46 -22.58 -11.09
CA LEU C 221 7.86 -23.10 -12.40
C LEU C 221 6.64 -23.48 -13.20
N LEU C 222 6.47 -22.84 -14.36
CA LEU C 222 5.32 -23.09 -15.23
C LEU C 222 5.54 -24.37 -16.03
N LYS C 223 4.63 -25.32 -15.91
CA LYS C 223 4.75 -26.56 -16.65
C LYS C 223 4.52 -26.33 -18.15
N GLU C 224 5.23 -27.11 -18.97
CA GLU C 224 5.09 -26.99 -20.42
C GLU C 224 3.69 -27.38 -20.87
N GLU C 225 3.16 -28.46 -20.31
CA GLU C 225 1.84 -28.97 -20.69
C GLU C 225 0.75 -28.13 -20.04
N LYS C 226 -0.41 -28.10 -20.68
CA LYS C 226 -1.57 -27.38 -20.17
C LYS C 226 -2.83 -28.21 -20.39
N ASP C 227 -3.83 -27.97 -19.54
CA ASP C 227 -5.10 -28.66 -19.60
C ASP C 227 -6.16 -27.70 -20.12
N LEU C 228 -6.92 -28.14 -21.11
CA LEU C 228 -7.98 -27.34 -21.73
C LEU C 228 -9.31 -28.03 -21.45
N ARG C 229 -10.00 -27.58 -20.40
CA ARG C 229 -11.27 -28.19 -20.05
C ARG C 229 -12.40 -27.50 -20.82
N TYR C 230 -13.65 -27.95 -20.74
CA TYR C 230 -14.72 -27.21 -21.46
C TYR C 230 -15.88 -26.87 -20.53
N CYS C 231 -15.72 -25.91 -19.64
CA CYS C 231 -16.72 -25.41 -18.71
C CYS C 231 -17.99 -25.01 -19.46
N THR C 232 -19.11 -24.99 -18.72
CA THR C 232 -20.39 -24.54 -19.28
C THR C 232 -21.26 -24.01 -18.13
N LYS C 233 -21.38 -22.70 -18.02
CA LYS C 233 -22.13 -22.11 -16.92
C LYS C 233 -23.63 -22.38 -17.09
N HIS C 234 -24.31 -22.66 -15.98
CA HIS C 234 -25.74 -22.93 -15.95
C HIS C 234 -26.37 -22.02 -14.91
N TYR C 235 -26.76 -20.83 -15.32
CA TYR C 235 -27.46 -19.89 -14.46
C TYR C 235 -28.97 -20.01 -14.67
N ASN C 236 -29.72 -19.24 -13.86
CA ASN C 236 -31.16 -19.19 -14.02
C ASN C 236 -31.58 -18.46 -15.29
N THR C 237 -30.68 -17.68 -15.89
CA THR C 237 -30.98 -16.98 -17.13
C THR C 237 -30.81 -17.84 -18.37
N GLY C 238 -30.19 -19.01 -18.24
CA GLY C 238 -30.05 -19.92 -19.36
C GLY C 238 -28.67 -20.55 -19.36
N LYS C 239 -28.29 -21.06 -20.51
CA LYS C 239 -27.01 -21.72 -20.72
C LYS C 239 -26.07 -20.76 -21.44
N PHE C 240 -24.77 -20.85 -21.11
CA PHE C 240 -23.75 -20.01 -21.71
C PHE C 240 -22.51 -20.84 -22.03
N THR C 241 -21.81 -20.43 -23.07
CA THR C 241 -20.59 -21.12 -23.45
C THR C 241 -19.46 -20.68 -22.54
N CYS C 242 -18.43 -21.52 -22.47
CA CYS C 242 -17.28 -21.25 -21.62
C CYS C 242 -16.14 -22.15 -22.08
N ILE C 243 -14.92 -21.64 -21.96
CA ILE C 243 -13.71 -22.43 -22.18
C ILE C 243 -12.72 -22.12 -21.06
N GLU C 244 -11.92 -23.12 -20.69
CA GLU C 244 -11.09 -23.01 -19.50
C GLU C 244 -9.71 -23.60 -19.73
N VAL C 245 -8.67 -22.90 -19.24
CA VAL C 245 -7.32 -23.44 -19.24
C VAL C 245 -6.84 -23.62 -17.80
N ARG C 246 -5.83 -24.47 -17.64
CA ARG C 246 -5.24 -24.78 -16.35
C ARG C 246 -3.74 -24.56 -16.43
N PHE C 247 -3.18 -23.83 -15.46
CA PHE C 247 -1.73 -23.64 -15.35
C PHE C 247 -1.22 -24.30 -14.08
N HIS C 248 -0.28 -25.23 -14.23
CA HIS C 248 0.31 -25.93 -13.09
C HIS C 248 1.62 -25.25 -12.70
N LEU C 249 1.69 -24.80 -11.44
CA LEU C 249 2.86 -24.09 -10.92
C LEU C 249 3.47 -24.87 -9.76
N GLU C 250 4.79 -24.99 -9.75
CA GLU C 250 5.50 -25.63 -8.66
C GLU C 250 6.31 -24.59 -7.92
N ARG C 251 6.11 -24.52 -6.60
CA ARG C 251 6.87 -23.62 -5.75
C ARG C 251 8.32 -24.07 -5.63
N GLN C 252 9.22 -23.11 -5.49
CA GLN C 252 10.63 -23.43 -5.29
C GLN C 252 10.91 -23.45 -3.79
N MET C 253 11.51 -24.56 -3.33
CA MET C 253 11.71 -24.79 -1.91
C MET C 253 12.95 -24.12 -1.33
N GLY C 254 13.95 -23.82 -2.17
CA GLY C 254 15.25 -23.32 -1.68
C GLY C 254 15.17 -22.20 -0.66
N TYR C 255 14.26 -21.23 -0.89
CA TYR C 255 14.19 -20.06 -0.03
C TYR C 255 13.80 -20.50 1.38
N TYR C 256 12.87 -21.45 1.45
CA TYR C 256 12.31 -21.91 2.71
C TYR C 256 13.33 -22.71 3.51
N LEU C 257 14.09 -23.59 2.85
CA LEU C 257 15.13 -24.32 3.54
C LEU C 257 16.22 -23.38 4.06
N ILE C 258 16.57 -22.33 3.30
CA ILE C 258 17.50 -21.32 3.82
C ILE C 258 16.90 -20.54 5.00
N GLN C 259 15.58 -20.40 5.07
CA GLN C 259 14.99 -19.53 6.09
C GLN C 259 14.42 -20.23 7.33
N MET C 260 13.59 -21.25 7.18
CA MET C 260 12.92 -21.83 8.33
C MET C 260 13.16 -23.34 8.54
N TYR C 261 14.10 -23.94 7.82
CA TYR C 261 14.49 -25.32 8.14
C TYR C 261 15.93 -25.41 8.62
N ILE C 262 16.89 -24.83 7.89
CA ILE C 262 18.29 -24.86 8.34
C ILE C 262 18.50 -24.08 9.65
N PRO C 263 18.02 -22.84 9.81
CA PRO C 263 18.14 -22.20 11.14
C PRO C 263 17.43 -22.91 12.27
N SER C 264 16.26 -23.51 12.01
CA SER C 264 15.61 -24.31 13.04
C SER C 264 16.41 -25.57 13.35
N LEU C 265 17.03 -26.19 12.34
CA LEU C 265 17.89 -27.33 12.61
C LEU C 265 19.09 -26.91 13.44
N LEU C 266 19.64 -25.72 13.17
CA LEU C 266 20.77 -25.24 13.94
C LEU C 266 20.36 -24.98 15.38
N ILE C 267 19.14 -24.47 15.58
CA ILE C 267 18.65 -24.21 16.93
C ILE C 267 18.47 -25.51 17.71
N VAL C 268 17.92 -26.54 17.07
CA VAL C 268 17.76 -27.83 17.73
C VAL C 268 19.12 -28.46 18.07
N ILE C 269 20.08 -28.37 17.14
CA ILE C 269 21.42 -28.85 17.44
C ILE C 269 22.03 -28.05 18.58
N LEU C 270 21.76 -26.73 18.62
CA LEU C 270 22.24 -25.89 19.70
C LEU C 270 21.65 -26.33 21.03
N SER C 271 20.38 -26.74 21.02
CA SER C 271 19.78 -27.21 22.26
C SER C 271 20.39 -28.52 22.69
N TRP C 272 20.87 -29.32 21.73
CA TRP C 272 21.55 -30.57 22.04
C TRP C 272 22.91 -30.36 22.70
N VAL C 273 23.42 -29.13 22.71
CA VAL C 273 24.68 -28.82 23.39
C VAL C 273 24.54 -28.98 24.90
N SER C 274 23.34 -28.72 25.44
CA SER C 274 23.12 -28.74 26.88
C SER C 274 23.39 -30.10 27.50
N PHE C 275 23.33 -31.18 26.72
CA PHE C 275 23.69 -32.48 27.26
C PHE C 275 25.18 -32.58 27.54
N TRP C 276 26.00 -31.87 26.76
CA TRP C 276 27.44 -31.88 26.97
C TRP C 276 27.90 -30.88 28.02
N ILE C 277 27.05 -29.94 28.42
CA ILE C 277 27.40 -28.98 29.47
C ILE C 277 27.31 -29.67 30.82
N ASN C 278 28.08 -29.16 31.79
CA ASN C 278 28.11 -29.73 33.12
C ASN C 278 26.73 -29.66 33.76
N MET C 279 26.29 -30.79 34.34
CA MET C 279 24.95 -30.89 34.92
C MET C 279 24.78 -29.99 36.15
N ASP C 280 25.88 -29.64 36.82
CA ASP C 280 25.78 -28.79 38.00
C ASP C 280 25.45 -27.35 37.63
N ALA C 281 25.99 -26.86 36.51
CA ALA C 281 25.85 -25.46 36.13
C ALA C 281 24.42 -25.14 35.69
N ALA C 282 23.57 -24.82 36.67
CA ALA C 282 22.16 -24.54 36.41
C ALA C 282 21.91 -23.32 35.51
N PRO C 283 22.50 -22.13 35.73
CA PRO C 283 22.18 -21.01 34.84
C PRO C 283 22.60 -21.22 33.40
N ALA C 284 23.67 -21.99 33.14
CA ALA C 284 24.09 -22.20 31.77
C ALA C 284 23.11 -23.09 31.03
N ARG C 285 22.65 -24.15 31.69
CA ARG C 285 21.78 -25.10 31.02
C ARG C 285 20.40 -24.48 30.83
N VAL C 286 19.91 -23.74 31.84
CA VAL C 286 18.60 -23.15 31.63
C VAL C 286 18.71 -22.06 30.57
N ALA C 287 19.84 -21.34 30.49
CA ALA C 287 19.94 -20.32 29.45
C ALA C 287 19.94 -20.96 28.07
N LEU C 288 20.55 -22.15 27.94
CA LEU C 288 20.46 -22.90 26.69
C LEU C 288 19.07 -23.44 26.42
N GLY C 289 18.20 -23.47 27.42
CA GLY C 289 16.89 -24.02 27.16
C GLY C 289 16.02 -22.87 26.70
N ILE C 290 16.03 -21.85 27.56
CA ILE C 290 15.07 -20.77 27.44
C ILE C 290 15.35 -19.92 26.23
N THR C 291 16.63 -19.63 25.96
CA THR C 291 16.92 -18.78 24.80
C THR C 291 16.56 -19.49 23.50
N THR C 292 16.63 -20.82 23.52
CA THR C 292 16.28 -21.62 22.37
C THR C 292 14.79 -21.51 22.09
N VAL C 293 13.96 -21.66 23.14
CA VAL C 293 12.53 -21.54 22.88
C VAL C 293 12.12 -20.09 22.66
N LEU C 294 12.90 -19.14 23.21
CA LEU C 294 12.71 -17.72 22.97
C LEU C 294 12.85 -17.40 21.49
N THR C 295 13.84 -18.00 20.83
CA THR C 295 14.01 -17.67 19.42
C THR C 295 13.06 -18.51 18.58
N MET C 296 12.70 -19.70 19.09
CA MET C 296 11.89 -20.62 18.29
C MET C 296 10.46 -20.12 18.17
N THR C 297 9.92 -19.51 19.24
CA THR C 297 8.55 -19.00 19.16
C THR C 297 8.46 -17.86 18.13
N THR C 298 9.49 -17.00 18.10
CA THR C 298 9.54 -15.93 17.10
C THR C 298 9.66 -16.51 15.70
N GLN C 299 10.43 -17.58 15.53
CA GLN C 299 10.58 -18.18 14.19
C GLN C 299 9.29 -18.84 13.75
N SER C 300 8.58 -19.47 14.69
CA SER C 300 7.31 -20.11 14.37
C SER C 300 6.26 -19.09 13.98
N SER C 301 6.20 -17.95 14.70
CA SER C 301 5.25 -16.92 14.31
C SER C 301 5.67 -16.22 13.01
N GLY C 302 6.97 -16.06 12.76
CA GLY C 302 7.47 -15.42 11.56
C GLY C 302 7.49 -16.29 10.32
N SER C 303 7.26 -17.60 10.44
CA SER C 303 7.22 -18.45 9.26
C SER C 303 5.93 -18.32 8.47
N ARG C 304 4.92 -17.65 9.03
CA ARG C 304 3.61 -17.47 8.41
C ARG C 304 3.37 -15.99 8.12
N ALA C 305 4.41 -15.31 7.67
CA ALA C 305 4.30 -13.89 7.34
C ALA C 305 3.39 -13.66 6.13
N SER C 306 3.65 -14.35 5.03
CA SER C 306 2.85 -14.08 3.83
C SER C 306 1.61 -14.95 3.73
N LEU C 307 1.59 -16.10 4.40
CA LEU C 307 0.47 -17.03 4.28
C LEU C 307 -0.82 -16.40 4.77
N PRO C 308 -1.90 -16.44 4.00
CA PRO C 308 -3.18 -15.95 4.53
C PRO C 308 -3.63 -16.91 5.61
N LYS C 309 -4.19 -16.37 6.70
CA LYS C 309 -4.69 -17.18 7.81
C LYS C 309 -5.55 -18.33 7.30
N VAL C 310 -5.14 -19.57 7.56
CA VAL C 310 -5.86 -20.75 7.10
C VAL C 310 -6.11 -21.71 8.24
N SER C 311 -7.36 -22.20 8.36
CA SER C 311 -7.72 -23.05 9.49
C SER C 311 -6.94 -24.37 9.51
N TYR C 312 -6.75 -25.01 8.34
CA TYR C 312 -5.98 -26.25 8.31
C TYR C 312 -4.51 -26.02 8.68
N VAL C 313 -3.83 -27.10 9.01
CA VAL C 313 -2.42 -27.02 9.39
C VAL C 313 -1.58 -27.28 8.15
N LYS C 314 -0.38 -26.70 8.12
CA LYS C 314 0.55 -26.83 7.01
C LYS C 314 1.73 -27.70 7.42
N ALA C 315 2.51 -28.11 6.40
CA ALA C 315 3.69 -28.92 6.67
C ALA C 315 4.75 -28.15 7.43
N ILE C 316 4.77 -26.83 7.25
CA ILE C 316 5.71 -26.00 7.98
C ILE C 316 5.33 -25.97 9.46
N ASP C 317 4.03 -25.96 9.75
CA ASP C 317 3.62 -25.97 11.14
C ASP C 317 3.95 -27.29 11.79
N ILE C 318 3.84 -28.40 11.04
CA ILE C 318 4.18 -29.71 11.58
C ILE C 318 5.67 -29.75 11.92
N TRP C 319 6.49 -29.19 11.02
CA TRP C 319 7.94 -29.19 11.20
C TRP C 319 8.34 -28.38 12.43
N MET C 320 7.82 -27.15 12.55
CA MET C 320 8.23 -26.31 13.65
C MET C 320 7.54 -26.65 14.95
N ALA C 321 6.42 -27.38 14.91
CA ALA C 321 5.82 -27.88 16.13
C ALA C 321 6.60 -29.07 16.67
N VAL C 322 7.03 -29.98 15.79
CA VAL C 322 7.84 -31.10 16.27
C VAL C 322 9.19 -30.59 16.80
N CYS C 323 9.83 -29.66 16.08
CA CYS C 323 11.09 -29.10 16.59
C CYS C 323 10.92 -28.33 17.89
N LEU C 324 9.78 -27.64 18.07
CA LEU C 324 9.51 -26.98 19.35
C LEU C 324 9.28 -27.99 20.45
N LEU C 325 8.66 -29.13 20.13
CA LEU C 325 8.49 -30.16 21.15
C LEU C 325 9.83 -30.76 21.52
N PHE C 326 10.74 -30.87 20.55
CA PHE C 326 12.06 -31.43 20.84
C PHE C 326 12.87 -30.53 21.77
N VAL C 327 12.82 -29.22 21.53
CA VAL C 327 13.64 -28.36 22.40
C VAL C 327 12.94 -28.11 23.74
N PHE C 328 11.61 -28.19 23.77
CA PHE C 328 10.93 -28.06 25.05
C PHE C 328 11.17 -29.32 25.87
N SER C 329 11.23 -30.49 25.21
CA SER C 329 11.49 -31.71 25.97
C SER C 329 12.93 -31.73 26.45
N ALA C 330 13.84 -31.06 25.72
CA ALA C 330 15.23 -30.99 26.16
C ALA C 330 15.36 -30.20 27.45
N LEU C 331 14.63 -29.08 27.53
CA LEU C 331 14.62 -28.33 28.79
C LEU C 331 13.86 -29.09 29.88
N LEU C 332 12.77 -29.80 29.53
CA LEU C 332 12.12 -30.58 30.56
C LEU C 332 13.00 -31.74 31.03
N GLU C 333 13.91 -32.21 30.17
CA GLU C 333 14.84 -33.23 30.61
C GLU C 333 15.77 -32.64 31.65
N TYR C 334 16.16 -31.37 31.45
CA TYR C 334 17.04 -30.82 32.48
C TYR C 334 16.25 -30.64 33.76
N ALA C 335 14.96 -30.28 33.63
CA ALA C 335 14.12 -30.11 34.81
C ALA C 335 13.95 -31.42 35.56
N ALA C 336 14.18 -32.54 34.89
CA ALA C 336 14.12 -33.85 35.52
C ALA C 336 15.42 -34.22 36.22
N VAL C 337 16.55 -34.03 35.52
CA VAL C 337 17.86 -34.38 36.10
C VAL C 337 18.22 -33.48 37.28
N ASN C 338 17.83 -32.20 37.24
CA ASN C 338 18.10 -31.31 38.36
C ASN C 338 17.33 -31.72 39.62
N PHE C 339 16.08 -32.14 39.48
CA PHE C 339 15.34 -32.64 40.63
C PHE C 339 15.82 -34.01 41.10
N VAL C 340 16.30 -34.84 40.17
CA VAL C 340 16.82 -36.16 40.54
C VAL C 340 18.12 -36.02 41.32
N SER C 341 18.96 -35.04 40.95
CA SER C 341 20.27 -34.87 41.56
C SER C 341 20.19 -34.52 43.06
N ARG C 342 19.12 -33.86 43.50
CA ARG C 342 18.95 -33.52 44.91
C ARG C 342 17.91 -34.44 45.56
N GLN C 343 18.40 -35.52 46.17
CA GLN C 343 17.54 -36.45 46.90
C GLN C 343 18.18 -36.85 48.22
N HIS C 344 18.88 -35.91 48.86
CA HIS C 344 19.55 -36.19 50.12
C HIS C 344 19.36 -35.06 51.12
N LYS C 419 26.33 -43.01 46.76
CA LYS C 419 25.66 -41.96 46.00
C LYS C 419 25.06 -42.51 44.70
N VAL C 420 23.98 -43.27 44.82
CA VAL C 420 23.32 -43.84 43.65
C VAL C 420 22.51 -42.81 42.87
N PHE C 421 22.23 -41.64 43.45
CA PHE C 421 21.52 -40.59 42.74
C PHE C 421 22.41 -39.74 41.86
N ILE C 422 23.73 -39.88 41.96
CA ILE C 422 24.65 -39.09 41.13
C ILE C 422 24.89 -39.76 39.78
N ASP C 423 25.23 -41.05 39.79
CA ASP C 423 25.43 -41.75 38.54
C ASP C 423 24.13 -41.91 37.78
N ARG C 424 23.00 -42.01 38.49
CA ARG C 424 21.71 -42.04 37.81
C ARG C 424 21.45 -40.73 37.10
N ALA C 425 21.85 -39.61 37.73
CA ALA C 425 21.70 -38.31 37.08
C ALA C 425 22.58 -38.21 35.84
N LYS C 426 23.79 -38.76 35.89
CA LYS C 426 24.67 -38.69 34.73
C LYS C 426 24.21 -39.63 33.61
N LYS C 427 23.50 -40.70 33.98
CA LYS C 427 23.06 -41.67 32.98
C LYS C 427 22.02 -41.08 32.03
N ILE C 428 21.17 -40.17 32.51
CA ILE C 428 20.21 -39.53 31.62
C ILE C 428 20.92 -38.65 30.61
N ASP C 429 21.98 -37.95 31.04
CA ASP C 429 22.74 -37.11 30.12
C ASP C 429 23.45 -37.95 29.07
N THR C 430 24.03 -39.08 29.49
CA THR C 430 24.74 -39.94 28.54
C THR C 430 23.77 -40.58 27.56
N ILE C 431 22.59 -40.99 28.01
CA ILE C 431 21.62 -41.59 27.11
C ILE C 431 21.10 -40.54 26.13
N SER C 432 20.73 -39.36 26.64
CA SER C 432 20.18 -38.30 25.80
C SER C 432 21.20 -37.75 24.80
N ARG C 433 22.50 -37.93 25.05
CA ARG C 433 23.49 -37.52 24.06
C ARG C 433 23.35 -38.33 22.77
N ALA C 434 22.97 -39.61 22.87
CA ALA C 434 22.83 -40.50 21.72
C ALA C 434 21.38 -40.95 21.51
N CYS C 435 20.41 -40.22 22.05
CA CYS C 435 19.00 -40.50 21.86
C CYS C 435 18.26 -39.39 21.12
N PHE C 436 18.46 -38.14 21.52
CA PHE C 436 17.84 -37.01 20.82
C PHE C 436 18.24 -36.90 19.35
N PRO C 437 19.53 -36.99 18.95
CA PRO C 437 19.81 -37.04 17.51
C PRO C 437 19.22 -38.25 16.79
N LEU C 438 19.12 -39.40 17.46
CA LEU C 438 18.53 -40.57 16.82
C LEU C 438 17.03 -40.40 16.64
N ALA C 439 16.36 -39.85 17.65
CA ALA C 439 14.93 -39.60 17.55
C ALA C 439 14.61 -38.41 16.67
N PHE C 440 15.62 -37.60 16.32
CA PHE C 440 15.34 -36.52 15.38
C PHE C 440 15.65 -36.95 13.96
N LEU C 441 16.66 -37.80 13.77
CA LEU C 441 16.95 -38.33 12.45
C LEU C 441 15.82 -39.21 11.97
N ILE C 442 15.20 -39.96 12.89
CA ILE C 442 14.06 -40.78 12.49
C ILE C 442 12.91 -39.89 12.03
N PHE C 443 12.67 -38.78 12.75
CA PHE C 443 11.61 -37.87 12.32
C PHE C 443 11.95 -37.24 10.98
N ASN C 444 13.23 -36.96 10.74
CA ASN C 444 13.60 -36.38 9.46
C ASN C 444 13.32 -37.36 8.33
N ILE C 445 13.54 -38.65 8.58
CA ILE C 445 13.20 -39.65 7.57
C ILE C 445 11.68 -39.71 7.40
N PHE C 446 10.95 -39.61 8.51
CA PHE C 446 9.49 -39.70 8.45
C PHE C 446 8.84 -38.38 8.06
N TYR C 447 9.62 -37.41 7.62
CA TYR C 447 9.10 -36.13 7.18
C TYR C 447 9.51 -35.82 5.76
N TRP C 448 10.73 -36.21 5.38
CA TRP C 448 11.27 -35.97 4.05
C TRP C 448 11.01 -37.13 3.08
N VAL C 449 10.32 -38.18 3.53
CA VAL C 449 9.89 -39.27 2.67
C VAL C 449 8.39 -39.26 2.47
N ILE C 450 7.62 -39.00 3.53
CA ILE C 450 6.16 -38.93 3.41
C ILE C 450 5.69 -37.72 2.63
N TYR C 451 6.59 -36.76 2.39
CA TYR C 451 6.25 -35.59 1.59
C TYR C 451 6.82 -35.66 0.18
N LYS C 452 7.86 -36.46 -0.05
CA LYS C 452 8.32 -36.70 -1.41
C LYS C 452 7.56 -37.84 -2.09
N ILE C 453 6.69 -38.53 -1.34
CA ILE C 453 5.83 -39.56 -1.91
C ILE C 453 4.49 -38.98 -2.35
N LEU C 454 3.87 -38.25 -1.39
CA LEU C 454 2.49 -37.71 -1.58
C LEU C 454 2.47 -36.47 -2.45
N ARG C 455 3.44 -35.57 -2.30
CA ARG C 455 3.49 -34.41 -3.23
C ARG C 455 3.73 -34.96 -4.64
N HIS C 456 4.53 -36.01 -4.77
CA HIS C 456 4.73 -36.63 -6.09
C HIS C 456 3.37 -37.13 -6.59
N GLU C 457 2.55 -37.66 -5.69
CA GLU C 457 1.18 -38.12 -6.05
C GLU C 457 0.32 -36.89 -6.34
N ASP C 458 -0.81 -37.07 -7.02
CA ASP C 458 -1.68 -35.92 -7.40
C ASP C 458 -0.89 -34.95 -8.28
N ILE C 459 -0.32 -35.45 -9.39
CA ILE C 459 0.42 -34.56 -10.34
C ILE C 459 -0.56 -33.52 -10.87
N HIS C 460 -1.79 -33.94 -11.17
CA HIS C 460 -2.84 -33.00 -11.63
C HIS C 460 -3.87 -32.84 -10.51
N MET D 41 -38.51 -9.65 -42.32
CA MET D 41 -38.48 -8.43 -41.52
C MET D 41 -37.06 -8.15 -41.03
N SER D 42 -36.59 -6.92 -41.26
CA SER D 42 -35.25 -6.54 -40.84
C SER D 42 -35.12 -6.47 -39.32
N PRO D 43 -33.95 -6.82 -38.78
CA PRO D 43 -33.71 -6.72 -37.33
C PRO D 43 -33.44 -5.31 -36.84
N SER D 44 -32.85 -4.49 -37.72
CA SER D 44 -32.40 -3.15 -37.33
C SER D 44 -33.55 -2.19 -37.07
N ASP D 45 -34.53 -2.11 -37.97
CA ASP D 45 -35.59 -1.13 -37.83
C ASP D 45 -36.59 -1.45 -36.72
N PHE D 46 -36.69 -2.71 -36.30
CA PHE D 46 -37.65 -3.06 -35.25
C PHE D 46 -37.33 -2.33 -33.95
N LEU D 47 -36.04 -2.15 -33.66
CA LEU D 47 -35.66 -1.34 -32.49
C LEU D 47 -36.09 0.11 -32.65
N ASP D 48 -36.14 0.61 -33.89
CA ASP D 48 -36.53 1.99 -34.11
C ASP D 48 -38.02 2.18 -33.92
N LYS D 49 -38.81 1.26 -34.46
CA LYS D 49 -40.26 1.33 -34.30
C LYS D 49 -40.71 1.02 -32.87
N LEU D 50 -39.99 0.15 -32.17
CA LEU D 50 -40.33 -0.17 -30.79
C LEU D 50 -40.06 1.01 -29.85
N MET D 51 -38.96 1.73 -30.09
CA MET D 51 -38.55 2.84 -29.23
C MET D 51 -37.77 3.86 -30.05
N GLY D 52 -38.00 5.13 -29.75
CA GLY D 52 -37.32 6.19 -30.44
C GLY D 52 -38.24 7.35 -30.68
N ARG D 53 -37.79 8.27 -31.54
CA ARG D 53 -38.58 9.45 -31.85
C ARG D 53 -39.86 9.08 -32.59
N THR D 54 -39.80 8.07 -33.47
CA THR D 54 -40.97 7.68 -34.24
C THR D 54 -42.09 7.18 -33.34
N SER D 55 -41.75 6.38 -32.34
CA SER D 55 -42.73 5.82 -31.41
C SER D 55 -43.00 6.72 -30.21
N GLY D 56 -42.21 7.77 -30.03
CA GLY D 56 -42.39 8.67 -28.90
C GLY D 56 -41.89 8.15 -27.58
N TYR D 57 -41.10 7.07 -27.58
CA TYR D 57 -40.55 6.54 -26.33
C TYR D 57 -39.49 7.47 -25.76
N ASP D 58 -39.59 7.74 -24.45
CA ASP D 58 -38.63 8.58 -23.75
C ASP D 58 -38.00 7.79 -22.61
N ALA D 59 -36.68 7.82 -22.54
CA ALA D 59 -35.95 7.14 -21.47
C ALA D 59 -35.97 7.91 -20.16
N ARG D 60 -36.44 9.15 -20.16
CA ARG D 60 -36.49 9.98 -18.97
C ARG D 60 -37.81 9.87 -18.22
N ILE D 61 -38.74 9.05 -18.71
CA ILE D 61 -40.06 8.89 -18.11
C ILE D 61 -40.23 7.44 -17.69
N ARG D 62 -40.64 7.23 -16.44
CA ARG D 62 -40.89 5.89 -15.95
C ARG D 62 -42.13 5.31 -16.65
N PRO D 63 -42.26 3.95 -16.73
CA PRO D 63 -43.34 3.33 -17.50
C PRO D 63 -44.75 3.80 -17.14
N ASN D 64 -45.15 3.65 -15.89
CA ASN D 64 -46.44 4.12 -15.41
C ASN D 64 -46.19 5.46 -14.72
N PHE D 65 -46.29 6.53 -15.49
CA PHE D 65 -45.90 7.86 -15.00
C PHE D 65 -46.85 8.34 -13.91
N LYS D 66 -48.16 8.25 -14.16
CA LYS D 66 -49.17 8.71 -13.21
C LYS D 66 -50.11 7.56 -12.82
N GLY D 67 -49.54 6.38 -12.61
CA GLY D 67 -50.29 5.22 -12.20
C GLY D 67 -49.69 4.55 -10.99
N PRO D 68 -49.81 3.22 -10.92
CA PRO D 68 -49.24 2.49 -9.79
C PRO D 68 -47.72 2.54 -9.83
N PRO D 69 -47.05 2.42 -8.69
CA PRO D 69 -45.58 2.43 -8.69
C PRO D 69 -45.00 1.24 -9.44
N VAL D 70 -43.83 1.46 -10.02
CA VAL D 70 -43.14 0.41 -10.77
C VAL D 70 -42.53 -0.58 -9.78
N ASN D 71 -42.86 -1.85 -9.93
CA ASN D 71 -42.35 -2.91 -9.05
C ASN D 71 -41.15 -3.56 -9.72
N VAL D 72 -39.96 -3.34 -9.16
CA VAL D 72 -38.73 -3.89 -9.69
C VAL D 72 -38.31 -5.07 -8.82
N THR D 73 -38.19 -6.24 -9.44
CA THR D 73 -37.83 -7.47 -8.74
C THR D 73 -36.34 -7.74 -8.97
N CYS D 74 -35.57 -7.81 -7.88
CA CYS D 74 -34.13 -7.90 -7.98
C CYS D 74 -33.63 -9.21 -7.39
N ASN D 75 -32.48 -9.67 -7.89
CA ASN D 75 -31.77 -10.81 -7.32
C ASN D 75 -30.30 -10.73 -7.67
N ILE D 76 -29.47 -11.40 -6.86
CA ILE D 76 -28.03 -11.33 -7.07
C ILE D 76 -27.43 -12.73 -7.17
N PHE D 77 -26.23 -12.77 -7.73
CA PHE D 77 -25.46 -14.02 -7.86
C PHE D 77 -24.02 -13.70 -7.49
N ILE D 78 -23.61 -14.10 -6.29
CA ILE D 78 -22.27 -13.78 -5.79
C ILE D 78 -21.24 -14.58 -6.56
N ASN D 79 -20.51 -13.95 -7.48
CA ASN D 79 -19.51 -14.65 -8.25
C ASN D 79 -18.26 -14.91 -7.43
N SER D 80 -17.89 -13.95 -6.56
CA SER D 80 -16.71 -14.09 -5.72
C SER D 80 -16.95 -13.34 -4.41
N PHE D 81 -16.21 -13.74 -3.37
CA PHE D 81 -16.35 -13.15 -2.05
C PHE D 81 -14.98 -13.19 -1.40
N GLY D 82 -14.56 -12.11 -0.76
CA GLY D 82 -13.28 -12.11 -0.08
C GLY D 82 -12.79 -10.72 0.24
N SER D 83 -11.49 -10.65 0.59
CA SER D 83 -10.80 -9.40 0.94
C SER D 83 -11.50 -8.67 2.09
N ILE D 84 -11.92 -9.44 3.10
CA ILE D 84 -12.59 -8.89 4.28
C ILE D 84 -11.56 -8.33 5.24
N ALA D 85 -11.28 -7.04 5.12
CA ALA D 85 -10.28 -6.36 5.94
C ALA D 85 -10.95 -5.88 7.22
N GLU D 86 -10.43 -6.31 8.37
CA GLU D 86 -10.99 -5.87 9.64
C GLU D 86 -10.59 -4.44 9.98
N THR D 87 -9.38 -4.03 9.58
CA THR D 87 -8.89 -2.70 9.91
C THR D 87 -9.73 -1.63 9.21
N THR D 88 -10.07 -1.86 7.95
CA THR D 88 -10.84 -0.90 7.16
C THR D 88 -12.35 -1.06 7.37
N MET D 89 -12.77 -2.14 8.03
CA MET D 89 -14.18 -2.39 8.36
C MET D 89 -15.06 -2.50 7.11
N ASP D 90 -14.58 -3.25 6.11
CA ASP D 90 -15.35 -3.46 4.89
C ASP D 90 -14.97 -4.81 4.28
N TYR D 91 -15.62 -5.14 3.17
CA TYR D 91 -15.33 -6.37 2.45
C TYR D 91 -15.62 -6.16 0.98
N ARG D 92 -15.00 -7.01 0.15
CA ARG D 92 -15.11 -6.92 -1.30
C ARG D 92 -15.94 -8.09 -1.82
N VAL D 93 -16.77 -7.80 -2.83
CA VAL D 93 -17.67 -8.81 -3.37
C VAL D 93 -17.91 -8.49 -4.84
N ASN D 94 -18.01 -9.52 -5.66
CA ASN D 94 -18.29 -9.38 -7.09
C ASN D 94 -19.59 -10.11 -7.38
N ILE D 95 -20.59 -9.39 -7.87
CA ILE D 95 -21.93 -9.95 -7.97
C ILE D 95 -22.47 -9.77 -9.39
N PHE D 96 -23.49 -10.57 -9.70
CA PHE D 96 -24.29 -10.42 -10.92
C PHE D 96 -25.67 -9.93 -10.49
N LEU D 97 -25.92 -8.64 -10.68
CA LEU D 97 -27.18 -8.03 -10.28
C LEU D 97 -28.19 -8.16 -11.41
N ARG D 98 -29.32 -8.79 -11.16
CA ARG D 98 -30.37 -8.96 -12.16
C ARG D 98 -31.61 -8.21 -11.68
N GLN D 99 -32.24 -7.46 -12.57
CA GLN D 99 -33.43 -6.67 -12.28
C GLN D 99 -34.48 -6.98 -13.33
N LYS D 100 -35.74 -7.09 -12.89
CA LYS D 100 -36.85 -7.39 -13.78
C LYS D 100 -37.98 -6.41 -13.51
N TRP D 101 -38.54 -5.85 -14.58
CA TRP D 101 -39.68 -4.94 -14.41
C TRP D 101 -40.51 -4.91 -15.68
N ASN D 102 -41.72 -4.37 -15.57
CA ASN D 102 -42.65 -4.33 -16.70
C ASN D 102 -42.71 -2.93 -17.28
N ASP D 103 -42.55 -2.85 -18.60
CA ASP D 103 -42.69 -1.60 -19.35
C ASP D 103 -43.77 -1.76 -20.40
N PRO D 104 -44.96 -1.17 -20.21
CA PRO D 104 -46.02 -1.34 -21.22
C PRO D 104 -45.67 -0.78 -22.59
N ARG D 105 -44.84 0.27 -22.65
CA ARG D 105 -44.49 0.85 -23.94
C ARG D 105 -43.57 -0.05 -24.75
N LEU D 106 -42.89 -0.99 -24.11
CA LEU D 106 -41.96 -1.88 -24.79
C LEU D 106 -42.62 -3.19 -25.21
N ALA D 107 -43.94 -3.32 -25.03
CA ALA D 107 -44.63 -4.53 -25.47
C ALA D 107 -44.61 -4.64 -26.98
N TYR D 108 -44.27 -5.81 -27.49
CA TYR D 108 -44.15 -6.02 -28.92
C TYR D 108 -44.82 -7.33 -29.31
N SER D 109 -45.32 -7.38 -30.53
CA SER D 109 -45.95 -8.59 -31.05
C SER D 109 -45.52 -8.91 -32.47
N GLU D 110 -44.78 -8.01 -33.12
CA GLU D 110 -44.39 -8.17 -34.52
C GLU D 110 -43.47 -9.38 -34.70
N TYR D 111 -42.39 -9.47 -33.93
CA TYR D 111 -41.49 -10.62 -34.04
C TYR D 111 -42.03 -11.83 -33.28
N PRO D 112 -42.15 -12.99 -33.93
CA PRO D 112 -42.75 -14.15 -33.26
C PRO D 112 -41.93 -14.69 -32.10
N ASP D 113 -40.65 -14.29 -32.00
CA ASP D 113 -39.79 -14.74 -30.90
C ASP D 113 -40.35 -14.27 -29.56
N ASP D 114 -40.46 -15.21 -28.61
CA ASP D 114 -40.98 -14.82 -27.30
C ASP D 114 -40.04 -13.87 -26.57
N SER D 115 -38.74 -14.11 -26.64
CA SER D 115 -37.75 -13.23 -26.04
C SER D 115 -36.93 -12.50 -27.10
N LEU D 116 -36.32 -11.38 -26.67
CA LEU D 116 -35.51 -10.53 -27.55
C LEU D 116 -34.21 -10.19 -26.82
N ASP D 117 -33.19 -11.04 -27.02
CA ASP D 117 -31.86 -10.84 -26.45
C ASP D 117 -31.20 -9.64 -27.13
N LEU D 118 -31.12 -8.51 -26.44
CA LEU D 118 -30.63 -7.28 -27.04
C LEU D 118 -29.27 -6.92 -26.47
N ASP D 119 -28.36 -6.46 -27.34
CA ASP D 119 -27.04 -6.02 -26.89
C ASP D 119 -27.17 -4.73 -26.07
N PRO D 120 -26.16 -4.40 -25.23
CA PRO D 120 -26.33 -3.22 -24.34
C PRO D 120 -26.21 -1.86 -25.02
N SER D 121 -26.33 -1.82 -26.35
CA SER D 121 -26.19 -0.56 -27.08
C SER D 121 -27.36 0.38 -26.85
N MET D 122 -28.54 -0.13 -26.55
CA MET D 122 -29.65 0.75 -26.24
C MET D 122 -29.96 0.78 -24.75
N LEU D 123 -29.09 0.19 -23.91
CA LEU D 123 -29.35 0.25 -22.48
C LEU D 123 -29.31 1.67 -21.93
N ASP D 124 -28.61 2.57 -22.60
CA ASP D 124 -28.60 3.99 -22.23
C ASP D 124 -29.80 4.76 -22.78
N SER D 125 -30.66 4.13 -23.59
CA SER D 125 -31.83 4.80 -24.15
C SER D 125 -33.15 4.18 -23.73
N ILE D 126 -33.15 3.31 -22.72
CA ILE D 126 -34.39 2.84 -22.12
C ILE D 126 -34.38 3.25 -20.65
N TRP D 127 -35.56 3.24 -20.04
CA TRP D 127 -35.68 3.60 -18.64
C TRP D 127 -35.14 2.50 -17.75
N LYS D 128 -34.28 2.86 -16.80
CA LYS D 128 -33.70 1.91 -15.87
C LYS D 128 -33.83 2.45 -14.44
N PRO D 129 -34.03 1.58 -13.45
CA PRO D 129 -34.09 2.05 -12.07
C PRO D 129 -32.75 2.59 -11.59
N ASP D 130 -32.82 3.58 -10.71
CA ASP D 130 -31.61 4.24 -10.19
C ASP D 130 -31.17 3.61 -8.87
N LEU D 131 -30.94 2.30 -8.94
CA LEU D 131 -30.50 1.53 -7.77
C LEU D 131 -29.10 1.95 -7.33
N PHE D 132 -28.87 1.91 -6.02
CA PHE D 132 -27.54 2.17 -5.50
C PHE D 132 -27.40 1.43 -4.17
N PHE D 133 -26.15 1.20 -3.79
CA PHE D 133 -25.83 0.47 -2.57
C PHE D 133 -25.46 1.48 -1.49
N ALA D 134 -26.24 1.47 -0.40
CA ALA D 134 -26.09 2.48 0.64
C ALA D 134 -24.78 2.32 1.40
N ASN D 135 -24.35 1.09 1.65
CA ASN D 135 -23.15 0.83 2.43
C ASN D 135 -21.90 0.66 1.57
N GLU D 136 -21.92 1.15 0.34
CA GLU D 136 -20.81 0.97 -0.59
C GLU D 136 -19.80 2.10 -0.46
N LYS D 137 -18.53 1.74 -0.28
CA LYS D 137 -17.43 2.70 -0.27
C LYS D 137 -16.80 2.91 -1.64
N GLY D 138 -16.85 1.92 -2.51
CA GLY D 138 -16.20 1.98 -3.81
C GLY D 138 -16.69 0.89 -4.75
N ALA D 139 -17.09 1.27 -5.96
CA ALA D 139 -17.60 0.28 -6.91
C ALA D 139 -17.25 0.72 -8.33
N ASN D 140 -17.27 -0.26 -9.24
CA ASN D 140 -16.95 -0.02 -10.63
C ASN D 140 -17.60 -1.11 -11.48
N PHE D 141 -17.73 -0.82 -12.77
CA PHE D 141 -18.27 -1.78 -13.73
C PHE D 141 -17.14 -2.68 -14.23
N HIS D 142 -17.41 -3.46 -15.27
CA HIS D 142 -16.42 -4.30 -15.91
C HIS D 142 -16.52 -4.17 -17.42
N GLU D 143 -15.40 -3.87 -18.06
CA GLU D 143 -15.34 -3.66 -19.51
C GLU D 143 -14.11 -4.36 -20.09
N VAL D 144 -13.92 -5.63 -19.71
CA VAL D 144 -12.67 -6.33 -20.05
C VAL D 144 -12.54 -6.52 -21.56
N THR D 145 -13.64 -6.85 -22.24
CA THR D 145 -13.66 -6.83 -23.70
C THR D 145 -14.76 -5.92 -24.23
N THR D 146 -15.98 -6.07 -23.72
CA THR D 146 -17.09 -5.20 -24.05
C THR D 146 -17.82 -4.85 -22.77
N ASP D 147 -18.97 -4.18 -22.86
CA ASP D 147 -19.75 -3.89 -21.66
C ASP D 147 -20.33 -5.18 -21.10
N ASN D 148 -20.14 -5.39 -19.80
CA ASN D 148 -20.64 -6.60 -19.14
C ASN D 148 -22.10 -6.40 -18.71
N LYS D 149 -22.96 -6.34 -19.72
CA LYS D 149 -24.38 -6.11 -19.50
C LYS D 149 -25.20 -7.08 -20.34
N LEU D 150 -26.42 -7.35 -19.88
CA LEU D 150 -27.37 -8.21 -20.55
C LEU D 150 -28.72 -7.53 -20.51
N LEU D 151 -29.47 -7.66 -21.62
CA LEU D 151 -30.80 -7.07 -21.75
C LEU D 151 -31.69 -8.02 -22.54
N ARG D 152 -32.87 -8.30 -22.01
CA ARG D 152 -33.86 -9.13 -22.68
C ARG D 152 -35.23 -8.49 -22.57
N ILE D 153 -35.99 -8.53 -23.67
CA ILE D 153 -37.33 -7.96 -23.71
C ILE D 153 -38.29 -9.05 -24.16
N PHE D 154 -39.33 -9.29 -23.35
CA PHE D 154 -40.32 -10.32 -23.65
C PHE D 154 -41.58 -9.73 -24.30
N LYS D 155 -42.50 -10.63 -24.69
CA LYS D 155 -43.68 -10.22 -25.46
C LYS D 155 -44.61 -9.36 -24.62
N ASN D 156 -44.77 -9.71 -23.34
CA ASN D 156 -45.69 -8.99 -22.47
C ASN D 156 -45.20 -7.59 -22.12
N GLY D 157 -43.95 -7.29 -22.47
CA GLY D 157 -43.35 -6.01 -22.18
C GLY D 157 -42.39 -6.04 -21.01
N ASN D 158 -42.19 -7.20 -20.38
CA ASN D 158 -41.22 -7.26 -19.31
C ASN D 158 -39.79 -7.11 -19.84
N VAL D 159 -38.92 -6.65 -18.94
CA VAL D 159 -37.52 -6.36 -19.22
C VAL D 159 -36.67 -7.06 -18.17
N LEU D 160 -35.67 -7.80 -18.63
CA LEU D 160 -34.64 -8.43 -17.81
C LEU D 160 -33.33 -7.69 -18.04
N TYR D 161 -32.71 -7.23 -16.96
CA TYR D 161 -31.51 -6.38 -17.02
C TYR D 161 -30.47 -6.96 -16.06
N SER D 162 -29.43 -7.57 -16.62
CA SER D 162 -28.37 -8.18 -15.83
C SER D 162 -27.07 -7.39 -16.00
N ILE D 163 -26.32 -7.25 -14.91
CA ILE D 163 -25.09 -6.48 -14.93
C ILE D 163 -24.10 -7.12 -13.98
N ARG D 164 -22.82 -6.88 -14.22
CA ARG D 164 -21.73 -7.38 -13.40
C ARG D 164 -21.13 -6.23 -12.61
N LEU D 165 -21.01 -6.40 -11.30
CA LEU D 165 -20.56 -5.32 -10.44
C LEU D 165 -19.52 -5.82 -9.45
N THR D 166 -18.59 -4.94 -9.11
CA THR D 166 -17.62 -5.16 -8.05
C THR D 166 -17.83 -4.10 -6.98
N LEU D 167 -18.04 -4.54 -5.75
CA LEU D 167 -18.40 -3.67 -4.64
C LEU D 167 -17.40 -3.83 -3.51
N THR D 168 -17.21 -2.74 -2.77
CA THR D 168 -16.43 -2.70 -1.52
C THR D 168 -17.37 -2.14 -0.46
N LEU D 169 -18.15 -3.03 0.15
CA LEU D 169 -19.21 -2.64 1.07
C LEU D 169 -18.69 -2.55 2.49
N SER D 170 -19.01 -1.45 3.15
CA SER D 170 -18.64 -1.26 4.54
C SER D 170 -19.48 -2.17 5.43
N CYS D 171 -18.85 -2.64 6.50
CA CYS D 171 -19.51 -3.54 7.44
C CYS D 171 -19.18 -3.12 8.86
N PRO D 172 -20.18 -2.71 9.64
CA PRO D 172 -19.93 -2.43 11.06
C PRO D 172 -19.75 -3.74 11.81
N MET D 173 -18.53 -3.98 12.24
CA MET D 173 -18.15 -5.23 12.89
C MET D 173 -17.95 -5.05 14.39
N ASP D 174 -18.38 -6.06 15.12
CA ASP D 174 -18.21 -6.13 16.57
C ASP D 174 -17.16 -7.18 16.82
N LEU D 175 -16.03 -6.78 17.40
CA LEU D 175 -14.91 -7.69 17.55
C LEU D 175 -14.84 -8.33 18.92
N LYS D 176 -15.85 -8.13 19.77
CA LYS D 176 -15.83 -8.87 21.03
C LYS D 176 -15.95 -10.35 20.70
N ASN D 177 -15.41 -11.19 21.59
CA ASN D 177 -15.30 -12.63 21.35
C ASN D 177 -14.48 -12.84 20.07
N PHE D 178 -13.37 -12.11 19.93
CA PHE D 178 -12.62 -12.09 18.66
C PHE D 178 -12.24 -13.45 18.09
N PRO D 179 -11.58 -14.38 18.80
CA PRO D 179 -11.19 -15.62 18.12
C PRO D 179 -12.38 -16.48 17.70
N MET D 180 -13.53 -16.31 18.35
CA MET D 180 -14.71 -17.13 18.11
C MET D 180 -15.94 -16.23 17.92
N ASP D 181 -16.04 -15.52 16.79
CA ASP D 181 -17.13 -14.58 16.63
C ASP D 181 -17.89 -14.81 15.33
N VAL D 182 -19.22 -14.69 15.43
CA VAL D 182 -20.10 -14.76 14.28
C VAL D 182 -20.35 -13.33 13.81
N GLN D 183 -19.80 -12.97 12.65
CA GLN D 183 -20.09 -11.64 12.16
C GLN D 183 -21.31 -11.65 11.23
N THR D 184 -21.81 -10.46 10.93
CA THR D 184 -22.94 -10.27 10.03
C THR D 184 -22.62 -9.17 9.03
N CYS D 185 -22.50 -9.53 7.76
CA CYS D 185 -22.26 -8.51 6.75
C CYS D 185 -23.60 -8.06 6.16
N ILE D 186 -23.57 -6.85 5.60
CA ILE D 186 -24.78 -6.12 5.23
C ILE D 186 -24.72 -5.74 3.75
N MET D 187 -25.89 -5.65 3.12
CA MET D 187 -25.98 -5.22 1.73
C MET D 187 -27.36 -4.65 1.46
N GLN D 188 -27.40 -3.34 1.19
CA GLN D 188 -28.64 -2.59 1.00
C GLN D 188 -28.73 -2.14 -0.45
N LEU D 189 -29.90 -2.31 -1.05
CA LEU D 189 -30.22 -1.92 -2.42
C LEU D 189 -31.37 -0.92 -2.35
N GLU D 190 -31.08 0.36 -2.57
CA GLU D 190 -32.04 1.43 -2.34
C GLU D 190 -32.05 2.38 -3.52
N SER D 191 -33.24 2.89 -3.86
CA SER D 191 -33.41 3.87 -4.93
C SER D 191 -32.95 5.25 -4.46
N PHE D 192 -32.42 6.04 -5.40
CA PHE D 192 -31.90 7.37 -5.07
C PHE D 192 -32.88 8.50 -5.38
N GLY D 193 -33.62 8.41 -6.48
CA GLY D 193 -34.44 9.52 -6.92
C GLY D 193 -35.94 9.33 -6.79
N TYR D 194 -36.40 8.08 -6.87
CA TYR D 194 -37.82 7.77 -6.85
C TYR D 194 -38.25 7.35 -5.47
N THR D 195 -39.47 7.74 -5.09
CA THR D 195 -40.03 7.49 -3.79
C THR D 195 -40.92 6.24 -3.82
N MET D 196 -41.67 6.02 -2.73
CA MET D 196 -42.50 4.82 -2.63
C MET D 196 -43.62 4.81 -3.66
N ASN D 197 -44.15 5.97 -4.03
CA ASN D 197 -45.22 6.01 -5.02
C ASN D 197 -44.72 5.83 -6.44
N ASP D 198 -43.41 5.73 -6.64
CA ASP D 198 -42.84 5.54 -7.97
C ASP D 198 -42.13 4.20 -8.13
N LEU D 199 -41.19 3.87 -7.24
CA LEU D 199 -40.36 2.69 -7.39
C LEU D 199 -40.46 1.82 -6.15
N ILE D 200 -40.64 0.51 -6.34
CA ILE D 200 -40.71 -0.45 -5.25
C ILE D 200 -39.77 -1.61 -5.58
N PHE D 201 -38.91 -1.97 -4.62
CA PHE D 201 -37.95 -3.06 -4.82
C PHE D 201 -38.43 -4.31 -4.10
N GLU D 202 -38.35 -5.46 -4.77
CA GLU D 202 -38.83 -6.71 -4.19
C GLU D 202 -37.86 -7.83 -4.55
N TRP D 203 -37.97 -8.95 -3.83
CA TRP D 203 -37.28 -10.17 -4.18
C TRP D 203 -38.26 -11.16 -4.80
N GLN D 204 -37.72 -12.22 -5.41
CA GLN D 204 -38.56 -13.32 -5.89
C GLN D 204 -38.89 -14.29 -4.75
N ASP D 205 -39.77 -15.22 -5.05
CA ASP D 205 -40.02 -16.26 -4.03
C ASP D 205 -38.92 -17.28 -4.29
N GLU D 206 -38.21 -17.12 -5.41
CA GLU D 206 -37.22 -18.17 -5.76
C GLU D 206 -35.78 -17.67 -5.67
N ALA D 207 -35.05 -18.08 -4.65
CA ALA D 207 -33.61 -17.80 -4.59
C ALA D 207 -33.21 -16.36 -4.89
N PRO D 208 -33.53 -15.37 -4.07
CA PRO D 208 -33.02 -14.05 -4.35
C PRO D 208 -31.49 -14.04 -4.33
N VAL D 209 -30.84 -14.70 -3.38
CA VAL D 209 -29.35 -14.61 -3.35
C VAL D 209 -28.76 -15.97 -3.66
N GLN D 210 -28.10 -16.12 -4.81
CA GLN D 210 -27.45 -17.37 -5.17
C GLN D 210 -25.94 -17.18 -5.08
N VAL D 211 -25.25 -18.21 -4.61
CA VAL D 211 -23.80 -18.21 -4.44
C VAL D 211 -23.20 -19.23 -5.40
N ALA D 212 -22.08 -18.85 -6.01
CA ALA D 212 -21.41 -19.74 -6.96
C ALA D 212 -20.92 -21.01 -6.27
N GLU D 213 -21.04 -22.13 -6.99
CA GLU D 213 -20.62 -23.42 -6.44
C GLU D 213 -19.10 -23.46 -6.27
N GLY D 214 -18.65 -24.04 -5.16
CA GLY D 214 -17.24 -24.14 -4.89
C GLY D 214 -16.58 -22.90 -4.32
N LEU D 215 -17.34 -21.88 -3.96
CA LEU D 215 -16.76 -20.67 -3.39
C LEU D 215 -16.48 -20.90 -1.91
N THR D 216 -15.20 -21.05 -1.57
CA THR D 216 -14.76 -21.29 -0.20
C THR D 216 -13.90 -20.14 0.27
N LEU D 217 -14.24 -19.57 1.40
CA LEU D 217 -13.54 -18.38 1.85
C LEU D 217 -12.38 -18.78 2.77
N PRO D 218 -11.26 -18.03 2.79
CA PRO D 218 -10.09 -18.48 3.57
C PRO D 218 -10.34 -18.53 5.07
N GLN D 219 -10.95 -17.51 5.66
CA GLN D 219 -10.92 -17.33 7.10
C GLN D 219 -12.28 -17.43 7.77
N PHE D 220 -13.36 -17.64 7.01
CA PHE D 220 -14.71 -17.65 7.55
C PHE D 220 -15.51 -18.72 6.82
N LEU D 221 -16.76 -18.90 7.26
CA LEU D 221 -17.67 -19.87 6.65
C LEU D 221 -19.02 -19.21 6.40
N LEU D 222 -19.44 -19.16 5.14
CA LEU D 222 -20.70 -18.54 4.75
C LEU D 222 -21.86 -19.49 5.04
N LYS D 223 -22.82 -19.04 5.84
CA LYS D 223 -23.97 -19.88 6.15
C LYS D 223 -24.86 -20.05 4.93
N GLU D 224 -25.49 -21.23 4.83
CA GLU D 224 -26.38 -21.50 3.71
C GLU D 224 -27.61 -20.59 3.73
N GLU D 225 -28.19 -20.39 4.91
CA GLU D 225 -29.38 -19.57 5.06
C GLU D 225 -29.01 -18.09 5.01
N LYS D 226 -29.98 -17.27 4.61
CA LYS D 226 -29.80 -15.83 4.54
C LYS D 226 -31.06 -15.14 5.03
N ASP D 227 -30.90 -13.92 5.53
CA ASP D 227 -32.00 -13.11 6.04
C ASP D 227 -32.26 -11.98 5.06
N LEU D 228 -33.52 -11.80 4.69
CA LEU D 228 -33.95 -10.77 3.76
C LEU D 228 -34.86 -9.80 4.52
N ARG D 229 -34.29 -8.69 5.00
CA ARG D 229 -35.08 -7.73 5.75
C ARG D 229 -35.70 -6.73 4.78
N TYR D 230 -36.54 -5.80 5.23
CA TYR D 230 -37.09 -4.80 4.26
C TYR D 230 -36.88 -3.38 4.77
N CYS D 231 -35.66 -2.86 4.74
CA CYS D 231 -35.29 -1.51 5.12
C CYS D 231 -36.15 -0.48 4.38
N THR D 232 -36.25 0.72 4.96
CA THR D 232 -36.96 1.84 4.33
C THR D 232 -36.36 3.14 4.84
N LYS D 233 -35.55 3.80 4.02
CA LYS D 233 -34.90 5.03 4.46
C LYS D 233 -35.92 6.16 4.60
N HIS D 234 -35.73 6.99 5.64
CA HIS D 234 -36.61 8.12 5.93
C HIS D 234 -35.72 9.35 6.10
N TYR D 235 -35.45 10.04 4.99
CA TYR D 235 -34.69 11.27 5.00
C TYR D 235 -35.64 12.47 5.02
N ASN D 236 -35.06 13.67 5.13
CA ASN D 236 -35.86 14.89 5.06
C ASN D 236 -36.41 15.15 3.66
N THR D 237 -35.86 14.50 2.64
CA THR D 237 -36.34 14.65 1.27
C THR D 237 -37.55 13.77 0.97
N GLY D 238 -37.87 12.82 1.83
CA GLY D 238 -39.04 11.99 1.64
C GLY D 238 -38.73 10.55 2.00
N LYS D 239 -39.57 9.65 1.50
CA LYS D 239 -39.45 8.22 1.71
C LYS D 239 -38.84 7.56 0.49
N PHE D 240 -38.05 6.52 0.71
CA PHE D 240 -37.40 5.79 -0.36
C PHE D 240 -37.47 4.29 -0.09
N THR D 241 -37.52 3.52 -1.16
CA THR D 241 -37.57 2.08 -1.03
C THR D 241 -36.16 1.54 -0.75
N CYS D 242 -36.12 0.34 -0.17
CA CYS D 242 -34.86 -0.28 0.18
C CYS D 242 -35.11 -1.76 0.41
N ILE D 243 -34.12 -2.58 0.08
CA ILE D 243 -34.12 -4.01 0.38
C ILE D 243 -32.75 -4.39 0.93
N GLU D 244 -32.72 -5.36 1.83
CA GLU D 244 -31.51 -5.66 2.56
C GLU D 244 -31.32 -7.17 2.73
N VAL D 245 -30.08 -7.63 2.54
CA VAL D 245 -29.72 -9.01 2.83
C VAL D 245 -28.70 -9.04 3.97
N ARG D 246 -28.61 -10.21 4.61
CA ARG D 246 -27.70 -10.44 5.73
C ARG D 246 -26.87 -11.68 5.43
N PHE D 247 -25.55 -11.57 5.59
CA PHE D 247 -24.64 -12.71 5.45
C PHE D 247 -24.00 -13.03 6.80
N HIS D 248 -24.17 -14.25 7.27
CA HIS D 248 -23.61 -14.68 8.54
C HIS D 248 -22.29 -15.43 8.28
N LEU D 249 -21.21 -14.93 8.88
CA LEU D 249 -19.88 -15.48 8.70
C LEU D 249 -19.32 -15.95 10.03
N GLU D 250 -18.72 -17.14 10.04
CA GLU D 250 -18.08 -17.68 11.24
C GLU D 250 -16.59 -17.73 11.01
N ARG D 251 -15.83 -17.11 11.92
CA ARG D 251 -14.38 -17.16 11.86
C ARG D 251 -13.86 -18.55 12.19
N GLN D 252 -12.73 -18.91 11.57
CA GLN D 252 -12.10 -20.18 11.85
C GLN D 252 -11.05 -19.98 12.94
N MET D 253 -11.12 -20.79 13.99
CA MET D 253 -10.29 -20.61 15.16
C MET D 253 -8.90 -21.24 15.05
N GLY D 254 -8.74 -22.25 14.17
CA GLY D 254 -7.49 -23.02 14.11
C GLY D 254 -6.22 -22.18 14.08
N TYR D 255 -6.23 -21.09 13.30
CA TYR D 255 -5.02 -20.28 13.12
C TYR D 255 -4.61 -19.69 14.46
N TYR D 256 -5.61 -19.24 15.22
CA TYR D 256 -5.39 -18.55 16.48
C TYR D 256 -4.87 -19.50 17.55
N LEU D 257 -5.44 -20.71 17.63
CA LEU D 257 -4.91 -21.69 18.58
C LEU D 257 -3.47 -22.10 18.24
N ILE D 258 -3.14 -22.21 16.95
CA ILE D 258 -1.75 -22.46 16.57
C ILE D 258 -0.84 -21.27 16.92
N GLN D 259 -1.38 -20.05 16.96
CA GLN D 259 -0.51 -18.88 17.12
C GLN D 259 -0.45 -18.27 18.53
N MET D 260 -1.58 -18.02 19.19
CA MET D 260 -1.56 -17.31 20.46
C MET D 260 -2.22 -18.05 21.62
N TYR D 261 -2.55 -19.33 21.47
CA TYR D 261 -3.00 -20.11 22.61
C TYR D 261 -2.04 -21.25 22.96
N ILE D 262 -1.66 -22.06 21.97
CA ILE D 262 -0.70 -23.14 22.22
C ILE D 262 0.68 -22.61 22.63
N PRO D 263 1.30 -21.65 21.92
CA PRO D 263 2.58 -21.09 22.42
C PRO D 263 2.48 -20.41 23.77
N SER D 264 1.38 -19.72 24.07
CA SER D 264 1.20 -19.16 25.40
C SER D 264 1.04 -20.25 26.46
N LEU D 265 0.34 -21.34 26.10
CA LEU D 265 0.25 -22.46 27.04
C LEU D 265 1.62 -23.07 27.28
N LEU D 266 2.44 -23.16 26.23
CA LEU D 266 3.79 -23.71 26.39
C LEU D 266 4.62 -22.80 27.27
N ILE D 267 4.45 -21.49 27.14
CA ILE D 267 5.19 -20.53 27.96
C ILE D 267 4.81 -20.65 29.43
N VAL D 268 3.50 -20.79 29.71
CA VAL D 268 3.04 -20.96 31.10
C VAL D 268 3.56 -22.28 31.69
N ILE D 269 3.51 -23.36 30.90
CA ILE D 269 4.08 -24.62 31.37
C ILE D 269 5.58 -24.47 31.60
N LEU D 270 6.26 -23.70 30.74
CA LEU D 270 7.68 -23.44 30.91
C LEU D 270 7.95 -22.70 32.21
N SER D 271 7.06 -21.76 32.56
CA SER D 271 7.24 -21.05 33.82
C SER D 271 7.01 -21.98 35.00
N TRP D 272 6.17 -23.00 34.82
CA TRP D 272 5.95 -23.99 35.87
C TRP D 272 7.17 -24.87 36.12
N VAL D 273 8.18 -24.82 35.25
CA VAL D 273 9.41 -25.58 35.46
C VAL D 273 10.18 -25.05 36.66
N SER D 274 10.07 -23.73 36.93
CA SER D 274 10.84 -23.11 38.00
C SER D 274 10.54 -23.70 39.38
N PHE D 275 9.37 -24.31 39.56
CA PHE D 275 9.09 -24.97 40.83
C PHE D 275 9.96 -26.21 41.01
N TRP D 276 10.32 -26.88 39.92
CA TRP D 276 11.16 -28.07 39.99
C TRP D 276 12.65 -27.74 40.03
N ILE D 277 13.04 -26.51 39.73
CA ILE D 277 14.44 -26.11 39.80
C ILE D 277 14.82 -25.88 41.25
N ASN D 278 16.10 -26.05 41.55
CA ASN D 278 16.60 -25.89 42.92
C ASN D 278 16.34 -24.47 43.41
N MET D 279 15.81 -24.36 44.62
CA MET D 279 15.44 -23.06 45.19
C MET D 279 16.65 -22.18 45.47
N ASP D 280 17.82 -22.77 45.65
CA ASP D 280 19.02 -21.99 45.91
C ASP D 280 19.50 -21.25 44.67
N ALA D 281 19.36 -21.86 43.50
CA ALA D 281 19.91 -21.30 42.27
C ALA D 281 19.12 -20.08 41.81
N ALA D 282 19.49 -18.91 42.35
CA ALA D 282 18.81 -17.66 42.05
C ALA D 282 18.86 -17.24 40.58
N PRO D 283 20.01 -17.21 39.89
CA PRO D 283 19.98 -16.76 38.48
C PRO D 283 19.16 -17.66 37.56
N ALA D 284 19.08 -18.96 37.84
CA ALA D 284 18.31 -19.84 36.97
C ALA D 284 16.82 -19.57 37.12
N ARG D 285 16.36 -19.41 38.35
CA ARG D 285 14.93 -19.23 38.57
C ARG D 285 14.51 -17.85 38.09
N VAL D 286 15.33 -16.82 38.34
CA VAL D 286 14.90 -15.52 37.85
C VAL D 286 14.96 -15.50 36.33
N ALA D 287 15.91 -16.21 35.71
CA ALA D 287 15.93 -16.23 34.24
C ALA D 287 14.70 -16.91 33.69
N LEU D 288 14.19 -17.94 34.39
CA LEU D 288 12.93 -18.55 34.01
C LEU D 288 11.73 -17.66 34.26
N GLY D 289 11.90 -16.62 35.06
CA GLY D 289 10.76 -15.78 35.32
C GLY D 289 10.72 -14.70 34.26
N ILE D 290 11.89 -14.05 34.17
CA ILE D 290 11.98 -12.82 33.40
C ILE D 290 11.89 -13.10 31.91
N THR D 291 12.53 -14.18 31.44
CA THR D 291 12.48 -14.44 30.00
C THR D 291 11.08 -14.82 29.57
N THR D 292 10.32 -15.41 30.50
CA THR D 292 8.93 -15.77 30.25
C THR D 292 8.09 -14.52 30.05
N VAL D 293 8.24 -13.55 30.96
CA VAL D 293 7.43 -12.34 30.78
C VAL D 293 7.96 -11.49 29.64
N LEU D 294 9.26 -11.61 29.34
CA LEU D 294 9.88 -10.96 28.20
C LEU D 294 9.23 -11.41 26.90
N THR D 295 8.96 -12.70 26.77
CA THR D 295 8.36 -13.16 25.53
C THR D 295 6.86 -12.94 25.55
N MET D 296 6.27 -12.93 26.75
CA MET D 296 4.83 -12.85 26.86
C MET D 296 4.34 -11.45 26.51
N THR D 297 5.09 -10.42 26.90
CA THR D 297 4.67 -9.05 26.56
C THR D 297 4.68 -8.84 25.05
N THR D 298 5.69 -9.40 24.37
CA THR D 298 5.74 -9.33 22.91
C THR D 298 4.59 -10.09 22.29
N GLN D 299 4.22 -11.24 22.87
CA GLN D 299 3.12 -12.02 22.30
C GLN D 299 1.79 -11.30 22.52
N SER D 300 1.63 -10.64 23.67
CA SER D 300 0.41 -9.91 23.95
C SER D 300 0.27 -8.70 23.02
N SER D 301 1.37 -8.00 22.76
CA SER D 301 1.28 -6.89 21.82
C SER D 301 1.10 -7.37 20.38
N GLY D 302 1.71 -8.50 20.02
CA GLY D 302 1.60 -9.05 18.69
C GLY D 302 0.31 -9.80 18.37
N SER D 303 -0.52 -10.09 19.38
CA SER D 303 -1.78 -10.75 19.12
C SER D 303 -2.84 -9.83 18.53
N ARG D 304 -2.61 -8.52 18.54
CA ARG D 304 -3.54 -7.51 18.04
C ARG D 304 -2.93 -6.80 16.83
N ALA D 305 -2.26 -7.57 15.97
CA ALA D 305 -1.68 -7.02 14.76
C ALA D 305 -2.74 -6.51 13.79
N SER D 306 -3.72 -7.35 13.45
CA SER D 306 -4.69 -6.93 12.45
C SER D 306 -5.90 -6.23 13.04
N LEU D 307 -6.19 -6.46 14.32
CA LEU D 307 -7.38 -5.90 14.94
C LEU D 307 -7.35 -4.38 14.93
N PRO D 308 -8.40 -3.71 14.48
CA PRO D 308 -8.40 -2.25 14.58
C PRO D 308 -8.54 -1.90 16.06
N LYS D 309 -7.82 -0.87 16.50
CA LYS D 309 -7.88 -0.41 17.88
C LYS D 309 -9.32 -0.28 18.36
N VAL D 310 -9.71 -1.05 19.38
CA VAL D 310 -11.07 -1.04 19.89
C VAL D 310 -11.06 -0.85 21.41
N SER D 311 -11.90 0.07 21.91
CA SER D 311 -11.92 0.39 23.33
C SER D 311 -12.31 -0.80 24.21
N TYR D 312 -13.31 -1.59 23.79
CA TYR D 312 -13.71 -2.75 24.58
C TYR D 312 -12.60 -3.81 24.60
N VAL D 313 -12.72 -4.74 25.55
CA VAL D 313 -11.73 -5.79 25.69
C VAL D 313 -12.23 -7.01 24.92
N LYS D 314 -11.30 -7.81 24.43
CA LYS D 314 -11.60 -9.02 23.67
C LYS D 314 -11.28 -10.26 24.48
N ALA D 315 -11.77 -11.41 23.99
CA ALA D 315 -11.50 -12.66 24.68
C ALA D 315 -10.03 -13.04 24.63
N ILE D 316 -9.33 -12.60 23.59
CA ILE D 316 -7.91 -12.84 23.49
C ILE D 316 -7.17 -12.05 24.55
N ASP D 317 -7.64 -10.83 24.84
CA ASP D 317 -6.98 -10.05 25.87
C ASP D 317 -7.22 -10.65 27.24
N ILE D 318 -8.41 -11.24 27.46
CA ILE D 318 -8.68 -11.88 28.74
C ILE D 318 -7.76 -13.08 28.92
N TRP D 319 -7.57 -13.84 27.84
CA TRP D 319 -6.73 -15.04 27.89
C TRP D 319 -5.28 -14.68 28.19
N MET D 320 -4.73 -13.71 27.46
CA MET D 320 -3.32 -13.39 27.65
C MET D 320 -3.08 -12.52 28.87
N ALA D 321 -4.10 -11.87 29.40
CA ALA D 321 -3.96 -11.16 30.66
C ALA D 321 -3.95 -12.14 31.83
N VAL D 322 -4.82 -13.15 31.80
CA VAL D 322 -4.79 -14.15 32.86
C VAL D 322 -3.49 -14.94 32.82
N CYS D 323 -3.04 -15.34 31.62
CA CYS D 323 -1.78 -16.06 31.53
C CYS D 323 -0.58 -15.19 31.95
N LEU D 324 -0.63 -13.88 31.67
CA LEU D 324 0.43 -13.00 32.15
C LEU D 324 0.39 -12.85 33.66
N LEU D 325 -0.81 -12.87 34.25
CA LEU D 325 -0.89 -12.81 35.71
C LEU D 325 -0.35 -14.11 36.32
N PHE D 326 -0.57 -15.24 35.63
CA PHE D 326 -0.07 -16.51 36.14
C PHE D 326 1.46 -16.55 36.15
N VAL D 327 2.09 -16.07 35.07
CA VAL D 327 3.54 -16.16 35.06
C VAL D 327 4.18 -15.06 35.90
N PHE D 328 3.49 -13.92 36.06
CA PHE D 328 4.02 -12.89 36.93
C PHE D 328 3.87 -13.33 38.38
N SER D 329 2.80 -14.06 38.71
CA SER D 329 2.66 -14.54 40.07
C SER D 329 3.67 -15.63 40.35
N ALA D 330 4.07 -16.39 39.32
CA ALA D 330 5.08 -17.42 39.50
C ALA D 330 6.43 -16.81 39.88
N LEU D 331 6.79 -15.72 39.20
CA LEU D 331 8.01 -15.02 39.60
C LEU D 331 7.84 -14.32 40.96
N LEU D 332 6.66 -13.78 41.26
CA LEU D 332 6.50 -13.20 42.59
C LEU D 332 6.54 -14.28 43.67
N GLU D 333 6.16 -15.52 43.31
CA GLU D 333 6.28 -16.59 44.28
C GLU D 333 7.75 -16.83 44.57
N TYR D 334 8.60 -16.74 43.52
CA TYR D 334 10.00 -16.95 43.84
C TYR D 334 10.51 -15.80 44.70
N ALA D 335 10.00 -14.59 44.42
CA ALA D 335 10.41 -13.42 45.20
C ALA D 335 10.00 -13.56 46.66
N ALA D 336 9.02 -14.42 46.94
CA ALA D 336 8.58 -14.70 48.30
C ALA D 336 9.46 -15.75 48.98
N VAL D 337 9.70 -16.87 48.28
CA VAL D 337 10.49 -17.95 48.86
C VAL D 337 11.95 -17.55 49.07
N ASN D 338 12.50 -16.72 48.19
CA ASN D 338 13.88 -16.24 48.36
C ASN D 338 14.02 -15.35 49.60
N PHE D 339 13.05 -14.49 49.87
CA PHE D 339 13.09 -13.68 51.08
C PHE D 339 12.79 -14.50 52.33
N VAL D 340 11.95 -15.53 52.21
CA VAL D 340 11.65 -16.39 53.35
C VAL D 340 12.87 -17.22 53.74
N SER D 341 13.65 -17.66 52.75
CA SER D 341 14.79 -18.53 53.01
C SER D 341 15.88 -17.87 53.85
N ARG D 342 16.02 -16.55 53.77
CA ARG D 342 17.02 -15.83 54.57
C ARG D 342 16.35 -15.09 55.73
N GLN D 343 16.30 -15.76 56.88
CA GLN D 343 15.77 -15.15 58.11
C GLN D 343 16.66 -15.47 59.29
N HIS D 344 17.98 -15.48 59.07
CA HIS D 344 18.92 -15.80 60.14
C HIS D 344 20.14 -14.87 60.08
N LYS D 419 16.12 -25.41 62.01
CA LYS D 419 15.93 -24.64 60.78
C LYS D 419 14.49 -24.75 60.25
N VAL D 420 13.57 -24.07 60.93
CA VAL D 420 12.18 -24.09 60.52
C VAL D 420 11.91 -23.23 59.29
N PHE D 421 12.83 -22.34 58.92
CA PHE D 421 12.67 -21.52 57.73
C PHE D 421 13.09 -22.24 56.44
N ILE D 422 13.74 -23.39 56.54
CA ILE D 422 14.15 -24.13 55.35
C ILE D 422 13.04 -25.02 54.82
N ASP D 423 12.44 -25.83 55.70
CA ASP D 423 11.33 -26.68 55.26
C ASP D 423 10.12 -25.84 54.89
N ARG D 424 9.93 -24.69 55.55
CA ARG D 424 8.84 -23.80 55.16
C ARG D 424 9.07 -23.27 53.74
N ALA D 425 10.34 -22.98 53.41
CA ALA D 425 10.65 -22.53 52.05
C ALA D 425 10.37 -23.63 51.03
N LYS D 426 10.69 -24.89 51.39
CA LYS D 426 10.45 -25.98 50.46
C LYS D 426 8.96 -26.29 50.32
N LYS D 427 8.18 -26.00 51.36
CA LYS D 427 6.76 -26.31 51.34
C LYS D 427 6.00 -25.48 50.30
N ILE D 428 6.43 -24.23 50.07
CA ILE D 428 5.79 -23.41 49.05
C ILE D 428 6.05 -24.00 47.66
N ASP D 429 7.27 -24.51 47.44
CA ASP D 429 7.59 -25.11 46.14
C ASP D 429 6.80 -26.39 45.92
N THR D 430 6.65 -27.20 46.97
CA THR D 430 5.90 -28.45 46.84
C THR D 430 4.42 -28.18 46.62
N ILE D 431 3.86 -27.18 47.31
CA ILE D 431 2.45 -26.85 47.12
C ILE D 431 2.22 -26.29 45.72
N SER D 432 3.07 -25.34 45.29
CA SER D 432 2.91 -24.72 43.99
C SER D 432 3.14 -25.68 42.84
N ARG D 433 3.84 -26.80 43.06
CA ARG D 433 3.96 -27.81 42.01
C ARG D 433 2.61 -28.40 41.63
N ALA D 434 1.70 -28.55 42.61
CA ALA D 434 0.39 -29.14 42.40
C ALA D 434 -0.74 -28.13 42.65
N CYS D 435 -0.45 -26.84 42.60
CA CYS D 435 -1.45 -25.79 42.74
C CYS D 435 -1.60 -24.93 41.49
N PHE D 436 -0.50 -24.50 40.89
CA PHE D 436 -0.57 -23.72 39.65
C PHE D 436 -1.20 -24.49 38.48
N PRO D 437 -0.85 -25.75 38.19
CA PRO D 437 -1.63 -26.46 37.16
C PRO D 437 -3.10 -26.65 37.51
N LEU D 438 -3.44 -26.82 38.79
CA LEU D 438 -4.84 -26.98 39.17
C LEU D 438 -5.61 -25.66 39.00
N ALA D 439 -4.98 -24.55 39.41
CA ALA D 439 -5.60 -23.25 39.25
C ALA D 439 -5.59 -22.78 37.80
N PHE D 440 -4.81 -23.42 36.92
CA PHE D 440 -4.87 -23.06 35.52
C PHE D 440 -5.86 -23.93 34.78
N LEU D 441 -5.98 -25.20 35.17
CA LEU D 441 -6.97 -26.07 34.56
C LEU D 441 -8.38 -25.60 34.90
N ILE D 442 -8.57 -25.07 36.12
CA ILE D 442 -9.89 -24.53 36.45
C ILE D 442 -10.20 -23.33 35.57
N PHE D 443 -9.22 -22.46 35.34
CA PHE D 443 -9.46 -21.31 34.47
C PHE D 443 -9.73 -21.76 33.04
N ASN D 444 -9.06 -22.84 32.59
CA ASN D 444 -9.34 -23.33 31.25
C ASN D 444 -10.77 -23.83 31.12
N ILE D 445 -11.27 -24.46 32.19
CA ILE D 445 -12.68 -24.87 32.18
C ILE D 445 -13.58 -23.64 32.18
N PHE D 446 -13.20 -22.62 32.96
CA PHE D 446 -14.01 -21.41 33.06
C PHE D 446 -13.79 -20.45 31.90
N TYR D 447 -13.08 -20.87 30.87
CA TYR D 447 -12.84 -20.05 29.70
C TYR D 447 -13.32 -20.72 28.44
N TRP D 448 -13.19 -22.04 28.36
CA TRP D 448 -13.60 -22.83 27.20
C TRP D 448 -15.02 -23.36 27.32
N VAL D 449 -15.73 -23.05 28.41
CA VAL D 449 -17.13 -23.38 28.56
C VAL D 449 -18.02 -22.13 28.49
N ILE D 450 -17.58 -21.04 29.13
CA ILE D 450 -18.34 -19.79 29.08
C ILE D 450 -18.32 -19.15 27.70
N TYR D 451 -17.45 -19.61 26.82
CA TYR D 451 -17.40 -19.11 25.46
C TYR D 451 -18.03 -20.06 24.45
N LYS D 452 -18.14 -21.35 24.77
CA LYS D 452 -18.89 -22.26 23.94
C LYS D 452 -20.38 -22.28 24.29
N ILE D 453 -20.77 -21.57 25.35
CA ILE D 453 -22.18 -21.41 25.70
C ILE D 453 -22.77 -20.15 25.06
N LEU D 454 -22.05 -19.03 25.28
CA LEU D 454 -22.52 -17.68 24.85
C LEU D 454 -22.32 -17.44 23.36
N ARG D 455 -21.20 -17.87 22.80
CA ARG D 455 -21.05 -17.74 21.33
C ARG D 455 -22.13 -18.60 20.67
N HIS D 456 -22.44 -19.76 21.26
CA HIS D 456 -23.54 -20.59 20.71
C HIS D 456 -24.83 -19.76 20.78
N GLU D 457 -25.01 -18.98 21.85
CA GLU D 457 -26.19 -18.10 21.98
C GLU D 457 -26.06 -16.96 20.98
N ASP D 458 -27.15 -16.26 20.67
CA ASP D 458 -27.13 -15.17 19.66
C ASP D 458 -26.69 -15.75 18.30
N ILE D 459 -27.39 -16.78 17.81
CA ILE D 459 -27.08 -17.36 16.48
C ILE D 459 -27.26 -16.26 15.43
N HIS D 460 -28.32 -15.46 15.58
CA HIS D 460 -28.55 -14.32 14.66
C HIS D 460 -28.28 -13.03 15.42
N MET E 41 -51.51 16.25 -21.54
CA MET E 41 -50.26 16.95 -21.81
C MET E 41 -49.07 15.99 -21.75
N SER E 42 -48.24 16.00 -22.78
CA SER E 42 -47.08 15.12 -22.82
C SER E 42 -46.03 15.51 -21.79
N PRO E 43 -45.32 14.53 -21.23
CA PRO E 43 -44.25 14.81 -20.26
C PRO E 43 -42.94 15.28 -20.91
N SER E 44 -42.70 14.83 -22.14
CA SER E 44 -41.44 15.09 -22.82
C SER E 44 -41.27 16.55 -23.24
N ASP E 45 -42.28 17.14 -23.88
CA ASP E 45 -42.13 18.49 -24.40
C ASP E 45 -42.13 19.58 -23.32
N PHE E 46 -42.68 19.29 -22.13
CA PHE E 46 -42.70 20.32 -21.09
C PHE E 46 -41.30 20.73 -20.68
N LEU E 47 -40.36 19.78 -20.67
CA LEU E 47 -38.97 20.12 -20.42
C LEU E 47 -38.41 21.02 -21.51
N ASP E 48 -38.91 20.88 -22.74
CA ASP E 48 -38.39 21.68 -23.83
C ASP E 48 -38.91 23.12 -23.75
N LYS E 49 -40.21 23.26 -23.45
CA LYS E 49 -40.78 24.59 -23.31
C LYS E 49 -40.30 25.31 -22.04
N LEU E 50 -40.04 24.55 -20.97
CA LEU E 50 -39.53 25.16 -19.74
C LEU E 50 -38.11 25.68 -19.90
N MET E 51 -37.26 24.94 -20.63
CA MET E 51 -35.86 25.29 -20.80
C MET E 51 -35.37 24.77 -22.15
N GLY E 52 -34.53 25.56 -22.80
CA GLY E 52 -33.97 25.17 -24.07
C GLY E 52 -33.89 26.35 -25.00
N ARG E 53 -33.64 26.05 -26.27
CA ARG E 53 -33.52 27.11 -27.27
C ARG E 53 -34.85 27.84 -27.48
N THR E 54 -35.97 27.11 -27.41
CA THR E 54 -37.27 27.73 -27.62
C THR E 54 -37.57 28.78 -26.57
N SER E 55 -37.26 28.48 -25.30
CA SER E 55 -37.51 29.42 -24.20
C SER E 55 -36.35 30.37 -23.95
N GLY E 56 -35.21 30.16 -24.59
CA GLY E 56 -34.05 31.02 -24.39
C GLY E 56 -33.29 30.79 -23.11
N TYR E 57 -33.55 29.68 -22.41
CA TYR E 57 -32.82 29.39 -21.17
C TYR E 57 -31.38 29.03 -21.47
N ASP E 58 -30.45 29.62 -20.72
CA ASP E 58 -29.03 29.35 -20.85
C ASP E 58 -28.48 28.84 -19.53
N ALA E 59 -27.75 27.73 -19.57
CA ALA E 59 -27.14 27.15 -18.38
C ALA E 59 -25.87 27.88 -17.97
N ARG E 60 -25.36 28.78 -18.81
CA ARG E 60 -24.14 29.52 -18.52
C ARG E 60 -24.40 30.86 -17.83
N ILE E 61 -25.66 31.19 -17.56
CA ILE E 61 -26.04 32.45 -16.94
C ILE E 61 -26.74 32.15 -15.62
N ARG E 62 -26.29 32.80 -14.56
CA ARG E 62 -26.93 32.65 -13.26
C ARG E 62 -28.33 33.29 -13.29
N PRO E 63 -29.25 32.84 -12.39
CA PRO E 63 -30.65 33.29 -12.45
C PRO E 63 -30.84 34.79 -12.44
N ASN E 64 -30.35 35.47 -11.40
CA ASN E 64 -30.42 36.92 -11.31
C ASN E 64 -29.06 37.45 -11.77
N PHE E 65 -28.94 37.72 -13.07
CA PHE E 65 -27.64 38.07 -13.65
C PHE E 65 -27.15 39.41 -13.15
N LYS E 66 -28.00 40.43 -13.19
CA LYS E 66 -27.66 41.78 -12.77
C LYS E 66 -28.57 42.25 -11.64
N GLY E 67 -28.87 41.36 -10.70
CA GLY E 67 -29.69 41.69 -9.56
C GLY E 67 -29.03 41.29 -8.25
N PRO E 68 -29.85 40.89 -7.28
CA PRO E 68 -29.30 40.45 -5.99
C PRO E 68 -28.54 39.15 -6.15
N PRO E 69 -27.56 38.87 -5.28
CA PRO E 69 -26.82 37.62 -5.37
C PRO E 69 -27.71 36.40 -5.12
N VAL E 70 -27.36 35.29 -5.76
CA VAL E 70 -28.12 34.06 -5.60
C VAL E 70 -27.78 33.44 -4.24
N ASN E 71 -28.81 33.18 -3.44
CA ASN E 71 -28.65 32.61 -2.12
C ASN E 71 -28.86 31.10 -2.22
N VAL E 72 -27.79 30.33 -2.03
CA VAL E 72 -27.83 28.88 -2.10
C VAL E 72 -27.79 28.33 -0.69
N THR E 73 -28.82 27.57 -0.32
CA THR E 73 -28.94 26.99 1.00
C THR E 73 -28.51 25.53 0.95
N CYS E 74 -27.49 25.18 1.73
CA CYS E 74 -26.89 23.85 1.64
C CYS E 74 -27.06 23.09 2.95
N ASN E 75 -27.07 21.76 2.84
CA ASN E 75 -27.04 20.88 4.00
C ASN E 75 -26.48 19.52 3.61
N ILE E 76 -25.98 18.79 4.60
CA ILE E 76 -25.33 17.52 4.33
C ILE E 76 -25.94 16.41 5.18
N PHE E 77 -25.72 15.17 4.75
CA PHE E 77 -26.17 14.00 5.47
C PHE E 77 -25.03 12.99 5.43
N ILE E 78 -24.31 12.84 6.54
CA ILE E 78 -23.14 11.98 6.60
C ILE E 78 -23.59 10.52 6.55
N ASN E 79 -23.41 9.86 5.41
CA ASN E 79 -23.82 8.47 5.28
C ASN E 79 -22.83 7.55 5.98
N SER E 80 -21.54 7.87 5.91
CA SER E 80 -20.51 7.07 6.54
C SER E 80 -19.36 7.97 6.98
N PHE E 81 -18.59 7.50 7.96
CA PHE E 81 -17.48 8.26 8.51
C PHE E 81 -16.41 7.25 8.93
N GLY E 82 -15.15 7.53 8.60
CA GLY E 82 -14.10 6.64 9.03
C GLY E 82 -12.80 6.87 8.26
N SER E 83 -11.90 5.88 8.39
CA SER E 83 -10.59 5.89 7.74
C SER E 83 -9.78 7.13 8.09
N ILE E 84 -9.82 7.51 9.37
CA ILE E 84 -9.09 8.67 9.88
C ILE E 84 -7.65 8.30 10.12
N ALA E 85 -6.80 8.53 9.12
CA ALA E 85 -5.38 8.19 9.19
C ALA E 85 -4.62 9.36 9.80
N GLU E 86 -3.90 9.09 10.90
CA GLU E 86 -3.14 10.15 11.54
C GLU E 86 -1.86 10.47 10.77
N THR E 87 -1.25 9.46 10.13
CA THR E 87 -0.01 9.67 9.41
C THR E 87 -0.21 10.60 8.21
N THR E 88 -1.31 10.42 7.48
CA THR E 88 -1.61 11.21 6.30
C THR E 88 -2.33 12.51 6.64
N MET E 89 -2.78 12.66 7.90
CA MET E 89 -3.44 13.89 8.39
C MET E 89 -4.72 14.20 7.62
N ASP E 90 -5.54 13.18 7.39
CA ASP E 90 -6.81 13.38 6.71
C ASP E 90 -7.82 12.33 7.19
N TYR E 91 -9.04 12.42 6.65
CA TYR E 91 -10.08 11.46 6.97
C TYR E 91 -11.01 11.33 5.79
N ARG E 92 -11.73 10.21 5.75
CA ARG E 92 -12.64 9.89 4.65
C ARG E 92 -14.08 9.98 5.13
N VAL E 93 -14.94 10.50 4.27
CA VAL E 93 -16.34 10.70 4.62
C VAL E 93 -17.18 10.58 3.36
N ASN E 94 -18.37 10.02 3.50
CA ASN E 94 -19.31 9.87 2.39
C ASN E 94 -20.57 10.61 2.77
N ILE E 95 -20.96 11.61 1.97
CA ILE E 95 -22.03 12.51 2.37
C ILE E 95 -23.07 12.60 1.26
N PHE E 96 -24.25 13.07 1.63
CA PHE E 96 -25.31 13.44 0.71
C PHE E 96 -25.44 14.95 0.76
N LEU E 97 -24.91 15.63 -0.26
CA LEU E 97 -24.93 17.08 -0.32
C LEU E 97 -26.21 17.55 -0.99
N ARG E 98 -27.00 18.36 -0.30
CA ARG E 98 -28.25 18.89 -0.84
C ARG E 98 -28.11 20.40 -0.94
N GLN E 99 -28.53 20.96 -2.07
CA GLN E 99 -28.47 22.40 -2.35
C GLN E 99 -29.84 22.86 -2.81
N LYS E 100 -30.25 24.04 -2.35
CA LYS E 100 -31.54 24.61 -2.71
C LYS E 100 -31.37 26.06 -3.14
N TRP E 101 -31.97 26.43 -4.27
CA TRP E 101 -31.88 27.81 -4.71
C TRP E 101 -33.07 28.15 -5.59
N ASN E 102 -33.27 29.44 -5.82
CA ASN E 102 -34.41 29.91 -6.60
C ASN E 102 -33.97 30.34 -7.99
N ASP E 103 -34.66 29.82 -9.00
CA ASP E 103 -34.44 30.20 -10.40
C ASP E 103 -35.74 30.74 -10.97
N PRO E 104 -35.86 32.06 -11.18
CA PRO E 104 -37.12 32.61 -11.72
C PRO E 104 -37.46 32.08 -13.11
N ARG E 105 -36.45 31.77 -13.94
CA ARG E 105 -36.72 31.30 -15.29
C ARG E 105 -37.32 29.89 -15.30
N LEU E 106 -37.14 29.13 -14.22
CA LEU E 106 -37.65 27.76 -14.14
C LEU E 106 -39.02 27.69 -13.50
N ALA E 107 -39.65 28.82 -13.20
CA ALA E 107 -40.99 28.82 -12.64
C ALA E 107 -41.99 28.28 -13.66
N TYR E 108 -42.84 27.37 -13.22
CA TYR E 108 -43.80 26.73 -14.11
C TYR E 108 -45.16 26.68 -13.44
N SER E 109 -46.20 26.70 -14.26
CA SER E 109 -47.57 26.62 -13.75
C SER E 109 -48.43 25.68 -14.58
N GLU E 110 -47.93 25.19 -15.72
CA GLU E 110 -48.70 24.35 -16.62
C GLU E 110 -49.09 23.02 -15.97
N TYR E 111 -48.11 22.30 -15.41
CA TYR E 111 -48.43 21.03 -14.75
C TYR E 111 -48.95 21.25 -13.34
N PRO E 112 -50.11 20.70 -12.98
CA PRO E 112 -50.69 20.98 -11.66
C PRO E 112 -49.88 20.40 -10.51
N ASP E 113 -48.95 19.49 -10.78
CA ASP E 113 -48.10 18.91 -9.74
C ASP E 113 -47.27 20.00 -9.07
N ASP E 114 -47.29 20.03 -7.73
CA ASP E 114 -46.51 21.02 -7.02
C ASP E 114 -45.01 20.82 -7.22
N SER E 115 -44.55 19.58 -7.18
CA SER E 115 -43.15 19.26 -7.42
C SER E 115 -42.95 18.51 -8.72
N LEU E 116 -41.72 18.55 -9.24
CA LEU E 116 -41.34 17.92 -10.50
C LEU E 116 -40.04 17.15 -10.28
N ASP E 117 -40.16 15.88 -9.90
CA ASP E 117 -39.03 14.98 -9.71
C ASP E 117 -38.39 14.67 -11.07
N LEU E 118 -37.24 15.27 -11.36
CA LEU E 118 -36.63 15.14 -12.67
C LEU E 118 -35.38 14.28 -12.59
N ASP E 119 -35.19 13.41 -13.59
CA ASP E 119 -33.99 12.58 -13.64
C ASP E 119 -32.76 13.46 -13.94
N PRO E 120 -31.54 12.98 -13.63
CA PRO E 120 -30.36 13.86 -13.80
C PRO E 120 -29.91 14.08 -15.24
N SER E 121 -30.76 13.78 -16.22
CA SER E 121 -30.41 13.94 -17.62
C SER E 121 -30.26 15.39 -18.05
N MET E 122 -30.98 16.31 -17.41
CA MET E 122 -30.80 17.71 -17.72
C MET E 122 -30.01 18.44 -16.66
N LEU E 123 -29.41 17.73 -15.70
CA LEU E 123 -28.61 18.42 -14.69
C LEU E 123 -27.40 19.12 -15.29
N ASP E 124 -26.92 18.66 -16.44
CA ASP E 124 -25.84 19.32 -17.16
C ASP E 124 -26.31 20.50 -18.02
N SER E 125 -27.63 20.74 -18.11
CA SER E 125 -28.16 21.83 -18.92
C SER E 125 -28.93 22.88 -18.10
N ILE E 126 -28.82 22.85 -16.78
CA ILE E 126 -29.35 23.91 -15.94
C ILE E 126 -28.19 24.53 -15.17
N TRP E 127 -28.41 25.73 -14.66
CA TRP E 127 -27.37 26.41 -13.90
C TRP E 127 -27.21 25.78 -12.52
N LYS E 128 -25.97 25.48 -12.15
CA LYS E 128 -25.67 24.91 -10.85
C LYS E 128 -24.53 25.67 -10.21
N PRO E 129 -24.53 25.80 -8.88
CA PRO E 129 -23.42 26.47 -8.20
C PRO E 129 -22.12 25.69 -8.32
N ASP E 130 -21.01 26.41 -8.37
CA ASP E 130 -19.70 25.79 -8.52
C ASP E 130 -19.04 25.56 -7.15
N LEU E 131 -19.75 24.82 -6.31
CA LEU E 131 -19.26 24.51 -4.97
C LEU E 131 -18.04 23.61 -5.02
N PHE E 132 -17.14 23.80 -4.06
CA PHE E 132 -15.98 22.91 -3.95
C PHE E 132 -15.53 22.91 -2.49
N PHE E 133 -14.81 21.85 -2.13
CA PHE E 133 -14.33 21.66 -0.76
C PHE E 133 -12.87 22.08 -0.71
N ALA E 134 -12.58 23.09 0.12
CA ALA E 134 -11.24 23.68 0.15
C ALA E 134 -10.21 22.73 0.75
N ASN E 135 -10.59 21.95 1.75
CA ASN E 135 -9.66 21.05 2.42
C ASN E 135 -9.67 19.64 1.85
N GLU E 136 -10.15 19.47 0.62
CA GLU E 136 -10.29 18.15 0.02
C GLU E 136 -9.02 17.76 -0.74
N LYS E 137 -8.50 16.57 -0.43
CA LYS E 137 -7.36 16.00 -1.14
C LYS E 137 -7.77 15.12 -2.32
N GLY E 138 -8.94 14.50 -2.25
CA GLY E 138 -9.38 13.56 -3.26
C GLY E 138 -10.86 13.26 -3.15
N ALA E 139 -11.59 13.37 -4.25
CA ALA E 139 -13.02 13.12 -4.23
C ALA E 139 -13.47 12.56 -5.57
N ASN E 140 -14.64 11.91 -5.54
CA ASN E 140 -15.21 11.30 -6.73
C ASN E 140 -16.72 11.16 -6.54
N PHE E 141 -17.42 10.98 -7.66
CA PHE E 141 -18.85 10.77 -7.64
C PHE E 141 -19.15 9.28 -7.45
N HIS E 142 -20.41 8.89 -7.65
CA HIS E 142 -20.81 7.50 -7.57
C HIS E 142 -21.72 7.18 -8.74
N GLU E 143 -21.38 6.11 -9.48
CA GLU E 143 -22.13 5.70 -10.66
C GLU E 143 -22.30 4.18 -10.67
N VAL E 144 -22.73 3.62 -9.52
CA VAL E 144 -22.73 2.17 -9.36
C VAL E 144 -23.73 1.51 -10.30
N THR E 145 -24.90 2.11 -10.52
CA THR E 145 -25.81 1.69 -11.57
C THR E 145 -26.13 2.83 -12.52
N THR E 146 -26.52 3.98 -11.98
CA THR E 146 -26.76 5.19 -12.75
C THR E 146 -26.11 6.36 -12.03
N ASP E 147 -26.33 7.58 -12.50
CA ASP E 147 -25.81 8.75 -11.80
C ASP E 147 -26.53 8.92 -10.47
N ASN E 148 -25.76 9.08 -9.39
CA ASN E 148 -26.31 9.23 -8.05
C ASN E 148 -26.65 10.70 -7.80
N LYS E 149 -27.68 11.16 -8.52
CA LYS E 149 -28.11 12.55 -8.44
C LYS E 149 -29.63 12.61 -8.32
N LEU E 150 -30.11 13.70 -7.73
CA LEU E 150 -31.53 13.98 -7.56
C LEU E 150 -31.77 15.43 -7.93
N LEU E 151 -32.90 15.68 -8.58
CA LEU E 151 -33.30 17.01 -9.01
C LEU E 151 -34.80 17.15 -8.87
N ARG E 152 -35.23 18.24 -8.23
CA ARG E 152 -36.65 18.56 -8.06
C ARG E 152 -36.86 20.03 -8.36
N ILE E 153 -37.96 20.32 -9.08
CA ILE E 153 -38.32 21.71 -9.42
C ILE E 153 -39.73 21.96 -8.92
N PHE E 154 -39.90 23.02 -8.13
CA PHE E 154 -41.20 23.37 -7.57
C PHE E 154 -41.87 24.49 -8.37
N LYS E 155 -43.11 24.81 -7.98
CA LYS E 155 -43.94 25.76 -8.74
C LYS E 155 -43.37 27.16 -8.68
N ASN E 156 -42.85 27.56 -7.51
CA ASN E 156 -42.34 28.91 -7.33
C ASN E 156 -41.04 29.14 -8.08
N GLY E 157 -40.44 28.08 -8.62
CA GLY E 157 -39.19 28.16 -9.33
C GLY E 157 -38.00 27.67 -8.52
N ASN E 158 -38.21 27.24 -7.28
CA ASN E 158 -37.09 26.70 -6.52
C ASN E 158 -36.62 25.37 -7.09
N VAL E 159 -35.36 25.07 -6.81
CA VAL E 159 -34.66 23.89 -7.29
C VAL E 159 -33.99 23.22 -6.11
N LEU E 160 -34.22 21.91 -5.98
CA LEU E 160 -33.58 21.03 -5.02
C LEU E 160 -32.62 20.12 -5.78
N TYR E 161 -31.37 20.09 -5.36
CA TYR E 161 -30.28 19.38 -6.05
C TYR E 161 -29.53 18.55 -5.03
N SER E 162 -29.73 17.23 -5.06
CA SER E 162 -29.06 16.33 -4.14
C SER E 162 -28.05 15.46 -4.88
N ILE E 163 -26.91 15.20 -4.24
CA ILE E 163 -25.84 14.43 -4.86
C ILE E 163 -25.14 13.62 -3.78
N ARG E 164 -24.51 12.52 -4.20
CA ARG E 164 -23.76 11.65 -3.33
C ARG E 164 -22.27 11.83 -3.60
N LEU E 165 -21.50 12.07 -2.54
CA LEU E 165 -20.09 12.39 -2.70
C LEU E 165 -19.25 11.59 -1.71
N THR E 166 -18.05 11.24 -2.13
CA THR E 166 -17.04 10.64 -1.27
C THR E 166 -15.84 11.57 -1.22
N LEU E 167 -15.43 11.96 -0.01
CA LEU E 167 -14.40 12.96 0.19
C LEU E 167 -13.29 12.39 1.06
N THR E 168 -12.08 12.90 0.82
CA THR E 168 -10.90 12.63 1.64
C THR E 168 -10.37 13.99 2.06
N LEU E 169 -10.91 14.50 3.17
CA LEU E 169 -10.63 15.86 3.61
C LEU E 169 -9.44 15.89 4.56
N SER E 170 -8.52 16.80 4.28
CA SER E 170 -7.35 17.00 5.12
C SER E 170 -7.77 17.63 6.45
N CYS E 171 -7.07 17.24 7.50
CA CYS E 171 -7.36 17.74 8.83
C CYS E 171 -6.06 18.07 9.55
N PRO E 172 -5.82 19.34 9.88
CA PRO E 172 -4.64 19.68 10.68
C PRO E 172 -4.87 19.24 12.12
N MET E 173 -4.14 18.22 12.53
CA MET E 173 -4.29 17.60 13.83
C MET E 173 -3.16 17.97 14.78
N ASP E 174 -3.52 18.18 16.04
CA ASP E 174 -2.58 18.45 17.11
C ASP E 174 -2.53 17.19 17.96
N LEU E 175 -1.37 16.57 18.03
CA LEU E 175 -1.26 15.29 18.70
C LEU E 175 -0.75 15.39 20.12
N LYS E 176 -0.61 16.61 20.67
CA LYS E 176 -0.27 16.70 22.07
C LYS E 176 -1.42 16.11 22.87
N ASN E 177 -1.10 15.59 24.05
CA ASN E 177 -2.07 14.85 24.87
C ASN E 177 -2.58 13.67 24.07
N PHE E 178 -1.67 12.95 23.39
CA PHE E 178 -2.08 11.92 22.43
C PHE E 178 -3.07 10.87 22.93
N PRO E 179 -2.85 10.15 24.04
CA PRO E 179 -3.83 9.11 24.40
C PRO E 179 -5.20 9.67 24.76
N MET E 180 -5.27 10.94 25.18
CA MET E 180 -6.50 11.57 25.65
C MET E 180 -6.69 12.92 24.96
N ASP E 181 -7.02 12.94 23.67
CA ASP E 181 -7.09 14.20 22.95
C ASP E 181 -8.43 14.37 22.23
N VAL E 182 -8.95 15.59 22.28
CA VAL E 182 -10.16 15.96 21.56
C VAL E 182 -9.71 16.59 20.24
N GLN E 183 -9.93 15.91 19.13
CA GLN E 183 -9.59 16.53 17.87
C GLN E 183 -10.78 17.28 17.29
N THR E 184 -10.50 18.10 16.28
CA THR E 184 -11.51 18.88 15.57
C THR E 184 -11.31 18.70 14.07
N CYS E 185 -12.25 18.06 13.39
CA CYS E 185 -12.15 17.95 11.95
C CYS E 185 -12.91 19.10 11.29
N ILE E 186 -12.53 19.38 10.04
CA ILE E 186 -12.92 20.60 9.35
C ILE E 186 -13.58 20.23 8.03
N MET E 187 -14.50 21.09 7.58
CA MET E 187 -15.15 20.90 6.28
C MET E 187 -15.66 22.23 5.77
N GLN E 188 -15.07 22.70 4.67
CA GLN E 188 -15.35 24.00 4.08
C GLN E 188 -16.02 23.81 2.73
N LEU E 189 -17.09 24.57 2.48
CA LEU E 189 -17.87 24.57 1.26
C LEU E 189 -17.80 25.98 0.68
N GLU E 190 -17.01 26.17 -0.38
CA GLU E 190 -16.70 27.48 -0.91
C GLU E 190 -16.88 27.51 -2.42
N SER E 191 -17.37 28.63 -2.94
CA SER E 191 -17.53 28.82 -4.37
C SER E 191 -16.18 29.13 -5.03
N PHE E 192 -16.02 28.68 -6.27
CA PHE E 192 -14.76 28.87 -7.00
C PHE E 192 -14.76 30.06 -7.95
N GLY E 193 -15.87 30.33 -8.63
CA GLY E 193 -15.88 31.34 -9.67
C GLY E 193 -16.67 32.59 -9.35
N TYR E 194 -17.69 32.48 -8.52
CA TYR E 194 -18.59 33.58 -8.22
C TYR E 194 -18.19 34.22 -6.90
N THR E 195 -18.33 35.55 -6.83
CA THR E 195 -17.95 36.34 -5.69
C THR E 195 -19.17 36.60 -4.79
N MET E 196 -19.00 37.51 -3.81
CA MET E 196 -20.08 37.78 -2.86
C MET E 196 -21.29 38.42 -3.52
N ASN E 197 -21.08 39.22 -4.57
CA ASN E 197 -22.20 39.86 -5.25
C ASN E 197 -22.95 38.90 -6.17
N ASP E 198 -22.48 37.68 -6.32
CA ASP E 198 -23.14 36.69 -7.18
C ASP E 198 -23.69 35.50 -6.40
N LEU E 199 -22.86 34.84 -5.59
CA LEU E 199 -23.25 33.61 -4.92
C LEU E 199 -23.05 33.74 -3.42
N ILE E 200 -24.05 33.31 -2.65
CA ILE E 200 -23.99 33.33 -1.19
C ILE E 200 -24.42 31.96 -0.67
N PHE E 201 -23.61 31.37 0.21
CA PHE E 201 -23.90 30.05 0.77
C PHE E 201 -24.45 30.21 2.19
N GLU E 202 -25.52 29.47 2.50
CA GLU E 202 -26.16 29.57 3.80
C GLU E 202 -26.57 28.18 4.27
N TRP E 203 -26.85 28.06 5.57
CA TRP E 203 -27.47 26.87 6.13
C TRP E 203 -28.93 27.13 6.43
N GLN E 204 -29.69 26.07 6.68
CA GLN E 204 -31.07 26.20 7.16
C GLN E 204 -31.10 26.46 8.67
N ASP E 205 -32.29 26.76 9.14
CA ASP E 205 -32.41 26.88 10.61
C ASP E 205 -32.64 25.45 11.08
N GLU E 206 -32.87 24.55 10.12
CA GLU E 206 -33.23 23.18 10.54
C GLU E 206 -32.17 22.15 10.17
N ALA E 207 -31.41 21.68 11.15
CA ALA E 207 -30.48 20.55 10.92
C ALA E 207 -29.60 20.68 9.67
N PRO E 208 -28.64 21.60 9.59
CA PRO E 208 -27.78 21.61 8.44
C PRO E 208 -26.99 20.29 8.36
N VAL E 209 -26.47 19.77 9.47
CA VAL E 209 -25.65 18.53 9.34
C VAL E 209 -26.37 17.39 10.02
N GLN E 210 -26.85 16.39 9.27
CA GLN E 210 -27.51 15.22 9.84
C GLN E 210 -26.58 14.02 9.69
N VAL E 211 -26.57 13.17 10.71
CA VAL E 211 -25.74 11.97 10.74
C VAL E 211 -26.64 10.75 10.72
N ALA E 212 -26.25 9.74 9.96
CA ALA E 212 -27.03 8.50 9.85
C ALA E 212 -27.12 7.80 11.20
N GLU E 213 -28.30 7.24 11.48
CA GLU E 213 -28.53 6.54 12.73
C GLU E 213 -27.69 5.27 12.79
N GLY E 214 -27.12 5.00 13.97
CA GLY E 214 -26.31 3.82 14.15
C GLY E 214 -24.88 3.91 13.66
N LEU E 215 -24.42 5.09 13.26
CA LEU E 215 -23.04 5.24 12.79
C LEU E 215 -22.12 5.36 14.00
N THR E 216 -21.35 4.30 14.27
CA THR E 216 -20.44 4.26 15.40
C THR E 216 -19.01 4.11 14.88
N LEU E 217 -18.14 4.99 15.32
CA LEU E 217 -16.79 4.98 14.77
C LEU E 217 -15.88 4.12 15.65
N PRO E 218 -14.86 3.45 15.07
CA PRO E 218 -14.06 2.51 15.87
C PRO E 218 -13.29 3.17 17.01
N GLN E 219 -12.60 4.28 16.76
CA GLN E 219 -11.58 4.78 17.66
C GLN E 219 -11.91 6.12 18.30
N PHE E 220 -13.05 6.74 17.94
CA PHE E 220 -13.38 8.07 18.43
C PHE E 220 -14.88 8.11 18.69
N LEU E 221 -15.36 9.25 19.21
CA LEU E 221 -16.77 9.47 19.50
C LEU E 221 -17.20 10.82 18.93
N LEU E 222 -18.16 10.80 18.02
CA LEU E 222 -18.65 12.02 17.38
C LEU E 222 -19.63 12.73 18.31
N LYS E 223 -19.34 14.00 18.64
CA LYS E 223 -20.22 14.76 19.50
C LYS E 223 -21.54 15.08 18.80
N GLU E 224 -22.62 15.13 19.57
CA GLU E 224 -23.93 15.43 19.02
C GLU E 224 -23.98 16.86 18.48
N GLU E 225 -23.42 17.81 19.22
CA GLU E 225 -23.42 19.21 18.82
C GLU E 225 -22.38 19.46 17.73
N LYS E 226 -22.62 20.49 16.93
CA LYS E 226 -21.70 20.89 15.88
C LYS E 226 -21.62 22.41 15.83
N ASP E 227 -20.48 22.91 15.33
CA ASP E 227 -20.23 24.33 15.19
C ASP E 227 -20.29 24.70 13.72
N LEU E 228 -21.04 25.75 13.41
CA LEU E 228 -21.21 26.24 12.05
C LEU E 228 -20.61 27.64 11.97
N ARG E 229 -19.36 27.73 11.53
CA ARG E 229 -18.71 29.02 11.43
C ARG E 229 -19.02 29.66 10.08
N TYR E 230 -18.61 30.89 9.80
CA TYR E 230 -18.88 31.45 8.45
C TYR E 230 -17.60 31.99 7.81
N CYS E 231 -16.70 31.14 7.36
CA CYS E 231 -15.46 31.47 6.68
C CYS E 231 -15.73 32.38 5.48
N THR E 232 -14.70 33.12 5.07
CA THR E 232 -14.77 33.97 3.87
C THR E 232 -13.36 34.14 3.31
N LYS E 233 -13.08 33.45 2.21
CA LYS E 233 -11.73 33.50 1.63
C LYS E 233 -11.47 34.87 1.02
N HIS E 234 -10.24 35.36 1.18
CA HIS E 234 -9.80 36.65 0.65
C HIS E 234 -8.52 36.43 -0.14
N TYR E 235 -8.66 36.12 -1.43
CA TYR E 235 -7.53 35.95 -2.32
C TYR E 235 -7.27 37.25 -3.07
N ASN E 236 -6.20 37.26 -3.87
CA ASN E 236 -5.90 38.41 -4.72
C ASN E 236 -6.89 38.55 -5.87
N THR E 237 -7.65 37.49 -6.18
CA THR E 237 -8.64 37.55 -7.24
C THR E 237 -9.96 38.16 -6.78
N GLY E 238 -10.16 38.32 -5.48
CA GLY E 238 -11.36 38.94 -4.97
C GLY E 238 -11.85 38.22 -3.73
N LYS E 239 -13.13 38.44 -3.43
CA LYS E 239 -13.80 37.84 -2.28
C LYS E 239 -14.65 36.67 -2.74
N PHE E 240 -14.74 35.64 -1.89
CA PHE E 240 -15.53 34.45 -2.19
C PHE E 240 -16.29 34.01 -0.96
N THR E 241 -17.46 33.41 -1.20
CA THR E 241 -18.26 32.93 -0.09
C THR E 241 -17.71 31.60 0.39
N CYS E 242 -18.05 31.26 1.63
CA CYS E 242 -17.57 30.04 2.25
C CYS E 242 -18.45 29.74 3.46
N ILE E 243 -18.65 28.46 3.73
CA ILE E 243 -19.33 27.99 4.94
C ILE E 243 -18.54 26.83 5.52
N GLU E 244 -18.54 26.71 6.84
CA GLU E 244 -17.66 25.76 7.51
C GLU E 244 -18.37 25.05 8.65
N VAL E 245 -18.14 23.75 8.77
CA VAL E 245 -18.61 22.98 9.91
C VAL E 245 -17.42 22.44 10.70
N ARG E 246 -17.68 22.10 11.96
CA ARG E 246 -16.67 21.56 12.87
C ARG E 246 -17.18 20.27 13.47
N PHE E 247 -16.36 19.22 13.43
CA PHE E 247 -16.68 17.95 14.06
C PHE E 247 -15.72 17.68 15.21
N HIS E 248 -16.24 17.50 16.42
CA HIS E 248 -15.43 17.23 17.59
C HIS E 248 -15.38 15.73 17.85
N LEU E 249 -14.17 15.17 17.86
CA LEU E 249 -13.95 13.74 18.04
C LEU E 249 -13.12 13.49 19.30
N GLU E 250 -13.54 12.51 20.10
CA GLU E 250 -12.80 12.12 21.29
C GLU E 250 -12.22 10.73 21.08
N ARG E 251 -10.90 10.61 21.26
CA ARG E 251 -10.24 9.31 21.15
C ARG E 251 -10.63 8.42 22.33
N GLN E 252 -10.65 7.12 22.07
CA GLN E 252 -10.93 6.14 23.12
C GLN E 252 -9.61 5.66 23.69
N MET E 253 -9.48 5.73 25.01
CA MET E 253 -8.22 5.45 25.69
C MET E 253 -7.98 3.97 25.96
N GLY E 254 -9.05 3.15 26.03
CA GLY E 254 -8.93 1.75 26.44
C GLY E 254 -7.81 0.97 25.76
N TYR E 255 -7.65 1.17 24.45
CA TYR E 255 -6.66 0.39 23.70
C TYR E 255 -5.27 0.69 24.23
N TYR E 256 -5.03 1.97 24.52
CA TYR E 256 -3.71 2.43 24.93
C TYR E 256 -3.37 1.94 26.32
N LEU E 257 -4.32 1.98 27.25
CA LEU E 257 -4.06 1.44 28.59
C LEU E 257 -3.80 -0.07 28.54
N ILE E 258 -4.51 -0.81 27.67
CA ILE E 258 -4.19 -2.23 27.49
C ILE E 258 -2.81 -2.43 26.86
N GLN E 259 -2.32 -1.48 26.07
CA GLN E 259 -1.07 -1.71 25.33
C GLN E 259 0.19 -1.09 25.92
N MET E 260 0.19 0.19 26.27
CA MET E 260 1.43 0.86 26.69
C MET E 260 1.37 1.50 28.07
N TYR E 261 0.33 1.23 28.88
CA TYR E 261 0.35 1.67 30.27
C TYR E 261 0.36 0.50 31.24
N ILE E 262 -0.55 -0.46 31.08
CA ILE E 262 -0.55 -1.64 31.96
C ILE E 262 0.70 -2.50 31.80
N PRO E 263 1.15 -2.87 30.59
CA PRO E 263 2.43 -3.61 30.49
C PRO E 263 3.64 -2.83 30.98
N SER E 264 3.67 -1.51 30.79
CA SER E 264 4.77 -0.72 31.36
C SER E 264 4.68 -0.67 32.88
N LEU E 265 3.45 -0.62 33.43
CA LEU E 265 3.31 -0.69 34.89
C LEU E 265 3.78 -2.04 35.40
N LEU E 266 3.49 -3.11 34.66
CA LEU E 266 3.93 -4.44 35.08
C LEU E 266 5.45 -4.52 35.04
N ILE E 267 6.06 -3.89 34.04
CA ILE E 267 7.52 -3.91 33.92
C ILE E 267 8.17 -3.17 35.09
N VAL E 268 7.61 -2.01 35.46
CA VAL E 268 8.15 -1.25 36.59
C VAL E 268 7.97 -2.03 37.90
N ILE E 269 6.82 -2.66 38.10
CA ILE E 269 6.63 -3.51 39.28
C ILE E 269 7.62 -4.67 39.25
N LEU E 270 7.88 -5.22 38.05
CA LEU E 270 8.85 -6.30 37.92
C LEU E 270 10.24 -5.83 38.32
N SER E 271 10.58 -4.57 37.97
CA SER E 271 11.88 -4.06 38.36
C SER E 271 11.94 -3.86 39.87
N TRP E 272 10.80 -3.59 40.50
CA TRP E 272 10.75 -3.47 41.96
C TRP E 272 10.99 -4.79 42.68
N VAL E 273 10.97 -5.92 41.97
CA VAL E 273 11.26 -7.21 42.56
C VAL E 273 12.71 -7.30 43.01
N SER E 274 13.61 -6.60 42.30
CA SER E 274 15.04 -6.68 42.60
C SER E 274 15.40 -6.22 44.01
N PHE E 275 14.56 -5.40 44.64
CA PHE E 275 14.81 -5.02 46.02
C PHE E 275 14.61 -6.21 46.96
N TRP E 276 13.70 -7.12 46.61
CA TRP E 276 13.45 -8.29 47.44
C TRP E 276 14.42 -9.43 47.16
N ILE E 277 15.17 -9.38 46.06
CA ILE E 277 16.15 -10.42 45.76
C ILE E 277 17.38 -10.20 46.62
N ASN E 278 18.11 -11.28 46.88
CA ASN E 278 19.31 -11.22 47.71
C ASN E 278 20.34 -10.29 47.10
N MET E 279 20.90 -9.40 47.93
CA MET E 279 21.84 -8.39 47.45
C MET E 279 23.16 -9.00 46.97
N ASP E 280 23.50 -10.20 47.44
CA ASP E 280 24.74 -10.85 47.02
C ASP E 280 24.64 -11.35 45.58
N ALA E 281 23.48 -11.85 45.18
CA ALA E 281 23.32 -12.48 43.87
C ALA E 281 23.38 -11.45 42.75
N ALA E 282 24.61 -11.16 42.30
CA ALA E 282 24.83 -10.16 41.25
C ALA E 282 24.19 -10.50 39.90
N PRO E 283 24.35 -11.70 39.31
CA PRO E 283 23.73 -11.93 38.00
C PRO E 283 22.21 -11.86 38.01
N ALA E 284 21.56 -12.22 39.13
CA ALA E 284 20.11 -12.17 39.16
C ALA E 284 19.61 -10.74 39.15
N ARG E 285 20.25 -9.88 39.95
CA ARG E 285 19.78 -8.51 40.07
C ARG E 285 20.10 -7.75 38.79
N VAL E 286 21.29 -7.98 38.21
CA VAL E 286 21.55 -7.25 36.98
C VAL E 286 20.64 -7.76 35.87
N ALA E 287 20.30 -9.07 35.87
CA ALA E 287 19.40 -9.54 34.83
C ALA E 287 18.02 -8.92 34.97
N LEU E 288 17.58 -8.67 36.22
CA LEU E 288 16.34 -7.94 36.44
C LEU E 288 16.44 -6.47 36.07
N GLY E 289 17.65 -5.96 35.91
CA GLY E 289 17.76 -4.55 35.58
C GLY E 289 17.72 -4.44 34.07
N ILE E 290 18.63 -5.21 33.49
CA ILE E 290 18.94 -5.04 32.08
C ILE E 290 17.80 -5.54 31.22
N THR E 291 17.18 -6.67 31.58
CA THR E 291 16.11 -7.18 30.74
C THR E 291 14.90 -6.24 30.78
N THR E 292 14.75 -5.52 31.90
CA THR E 292 13.69 -4.56 32.05
C THR E 292 13.89 -3.40 31.09
N VAL E 293 15.11 -2.85 31.06
CA VAL E 293 15.33 -1.73 30.14
C VAL E 293 15.40 -2.22 28.69
N LEU E 294 15.79 -3.48 28.48
CA LEU E 294 15.78 -4.12 27.18
C LEU E 294 14.38 -4.12 26.59
N THR E 295 13.38 -4.45 27.42
CA THR E 295 12.03 -4.51 26.88
C THR E 295 11.43 -3.11 26.83
N MET E 296 11.89 -2.23 27.72
CA MET E 296 11.28 -0.91 27.82
C MET E 296 11.66 -0.04 26.63
N THR E 297 12.91 -0.17 26.15
CA THR E 297 13.30 0.63 24.98
C THR E 297 12.49 0.23 23.75
N THR E 298 12.24 -1.08 23.60
CA THR E 298 11.40 -1.54 22.49
C THR E 298 9.98 -1.04 22.64
N GLN E 299 9.46 -1.00 23.88
CA GLN E 299 8.09 -0.52 24.07
C GLN E 299 7.99 0.97 23.80
N SER E 300 9.02 1.72 24.19
CA SER E 300 9.04 3.17 23.95
C SER E 300 9.11 3.47 22.46
N SER E 301 9.93 2.72 21.72
CA SER E 301 9.97 2.93 20.27
C SER E 301 8.69 2.45 19.59
N GLY E 302 8.09 1.38 20.08
CA GLY E 302 6.86 0.84 19.51
C GLY E 302 5.58 1.55 19.89
N SER E 303 5.63 2.47 20.85
CA SER E 303 4.43 3.21 21.20
C SER E 303 4.09 4.31 20.20
N ARG E 304 5.00 4.63 19.28
CA ARG E 304 4.83 5.67 18.27
C ARG E 304 4.81 5.06 16.88
N ALA E 305 4.14 3.91 16.75
CA ALA E 305 4.01 3.24 15.47
C ALA E 305 3.18 4.05 14.48
N SER E 306 1.98 4.47 14.88
CA SER E 306 1.12 5.16 13.92
C SER E 306 1.30 6.67 13.93
N LEU E 307 1.83 7.22 15.02
CA LEU E 307 1.95 8.67 15.16
C LEU E 307 2.88 9.23 14.09
N PRO E 308 2.48 10.27 13.35
CA PRO E 308 3.42 10.89 12.42
C PRO E 308 4.48 11.60 13.25
N LYS E 309 5.73 11.52 12.80
CA LYS E 309 6.84 12.18 13.49
C LYS E 309 6.50 13.64 13.82
N VAL E 310 6.48 13.98 15.11
CA VAL E 310 6.13 15.33 15.55
C VAL E 310 7.18 15.87 16.51
N SER E 311 7.62 17.11 16.27
CA SER E 311 8.70 17.68 17.07
C SER E 311 8.33 17.83 18.55
N TYR E 312 7.10 18.26 18.85
CA TYR E 312 6.69 18.38 20.25
C TYR E 312 6.62 17.02 20.94
N VAL E 313 6.60 17.05 22.27
CA VAL E 313 6.53 15.82 23.04
C VAL E 313 5.07 15.54 23.36
N LYS E 314 4.76 14.26 23.52
CA LYS E 314 3.40 13.81 23.83
C LYS E 314 3.32 13.30 25.26
N ALA E 315 2.08 13.10 25.73
CA ALA E 315 1.89 12.60 27.08
C ALA E 315 2.37 11.16 27.21
N ILE E 316 2.33 10.41 26.12
CA ILE E 316 2.83 9.05 26.14
C ILE E 316 4.34 9.05 26.31
N ASP E 317 5.02 10.02 25.70
CA ASP E 317 6.46 10.09 25.85
C ASP E 317 6.83 10.49 27.28
N ILE E 318 6.02 11.35 27.90
CA ILE E 318 6.29 11.74 29.29
C ILE E 318 6.14 10.52 30.19
N TRP E 319 5.10 9.71 29.94
CA TRP E 319 4.83 8.53 30.74
C TRP E 319 5.96 7.52 30.64
N MET E 320 6.37 7.20 29.41
CA MET E 320 7.38 6.16 29.24
C MET E 320 8.79 6.67 29.49
N ALA E 321 9.00 7.99 29.48
CA ALA E 321 10.28 8.54 29.90
C ALA E 321 10.42 8.50 31.41
N VAL E 322 9.36 8.85 32.14
CA VAL E 322 9.44 8.77 33.59
C VAL E 322 9.58 7.31 34.04
N CYS E 323 8.81 6.40 33.43
CA CYS E 323 8.97 4.99 33.79
C CYS E 323 10.34 4.42 33.42
N LEU E 324 10.94 4.89 32.31
CA LEU E 324 12.30 4.48 31.98
C LEU E 324 13.30 5.04 32.96
N LEU E 325 13.06 6.26 33.47
CA LEU E 325 13.96 6.80 34.48
C LEU E 325 13.82 6.02 35.78
N PHE E 326 12.62 5.54 36.09
CA PHE E 326 12.41 4.77 37.31
C PHE E 326 13.16 3.43 37.25
N VAL E 327 13.09 2.75 36.11
CA VAL E 327 13.75 1.44 36.08
C VAL E 327 15.26 1.59 35.88
N PHE E 328 15.70 2.69 35.25
CA PHE E 328 17.13 2.92 35.13
C PHE E 328 17.69 3.31 36.49
N SER E 329 16.92 4.06 37.28
CA SER E 329 17.41 4.42 38.60
C SER E 329 17.43 3.20 39.50
N ALA E 330 16.53 2.24 39.26
CA ALA E 330 16.52 1.01 40.05
C ALA E 330 17.80 0.20 39.83
N LEU E 331 18.22 0.11 38.56
CA LEU E 331 19.50 -0.54 38.29
C LEU E 331 20.68 0.29 38.79
N LEU E 332 20.60 1.62 38.69
CA LEU E 332 21.70 2.41 39.26
C LEU E 332 21.74 2.29 40.78
N GLU E 333 20.59 2.01 41.41
CA GLU E 333 20.60 1.78 42.84
C GLU E 333 21.37 0.51 43.13
N TYR E 334 21.21 -0.50 42.27
CA TYR E 334 21.97 -1.71 42.56
C TYR E 334 23.45 -1.43 42.34
N ALA E 335 23.76 -0.59 41.34
CA ALA E 335 25.15 -0.24 41.07
C ALA E 335 25.77 0.51 42.23
N ALA E 336 24.93 1.11 43.08
CA ALA E 336 25.40 1.80 44.27
C ALA E 336 25.62 0.84 45.44
N VAL E 337 24.64 -0.02 45.70
CA VAL E 337 24.74 -0.96 46.83
C VAL E 337 25.85 -1.99 46.61
N ASN E 338 26.07 -2.42 45.37
CA ASN E 338 27.15 -3.37 45.09
C ASN E 338 28.53 -2.76 45.35
N PHE E 339 28.73 -1.49 44.99
CA PHE E 339 30.00 -0.83 45.31
C PHE E 339 30.12 -0.51 46.80
N VAL E 340 29.01 -0.22 47.47
CA VAL E 340 29.05 0.05 48.90
C VAL E 340 29.41 -1.21 49.68
N SER E 341 28.91 -2.36 49.23
CA SER E 341 29.11 -3.62 49.96
C SER E 341 30.58 -4.03 50.04
N ARG E 342 31.40 -3.66 49.06
CA ARG E 342 32.83 -4.00 49.07
C ARG E 342 33.66 -2.75 49.43
N GLN E 343 33.95 -2.61 50.73
CA GLN E 343 34.82 -1.54 51.21
C GLN E 343 35.81 -2.07 52.23
N HIS E 344 36.33 -3.28 52.01
CA HIS E 344 37.28 -3.88 52.94
C HIS E 344 38.40 -4.58 52.18
N LYS E 419 31.24 -4.67 61.11
CA LYS E 419 30.85 -4.58 59.70
C LYS E 419 29.75 -3.56 59.48
N VAL E 420 30.11 -2.27 59.56
CA VAL E 420 29.15 -1.21 59.35
C VAL E 420 28.76 -1.02 57.89
N PHE E 421 29.53 -1.58 56.96
CA PHE E 421 29.19 -1.50 55.54
C PHE E 421 28.18 -2.54 55.09
N ILE E 422 27.86 -3.53 55.92
CA ILE E 422 26.89 -4.55 55.56
C ILE E 422 25.46 -4.10 55.86
N ASP E 423 25.23 -3.62 57.08
CA ASP E 423 23.89 -3.14 57.43
C ASP E 423 23.56 -1.87 56.66
N ARG E 424 24.56 -1.05 56.34
CA ARG E 424 24.32 0.12 55.50
C ARG E 424 23.87 -0.31 54.11
N ALA E 425 24.46 -1.38 53.58
CA ALA E 425 24.05 -1.91 52.29
C ALA E 425 22.61 -2.42 52.34
N LYS E 426 22.24 -3.08 53.44
CA LYS E 426 20.87 -3.59 53.54
C LYS E 426 19.85 -2.47 53.76
N LYS E 427 20.29 -1.35 54.34
CA LYS E 427 19.39 -0.26 54.62
C LYS E 427 18.86 0.39 53.34
N ILE E 428 19.68 0.45 52.29
CA ILE E 428 19.21 1.00 51.03
C ILE E 428 18.13 0.12 50.43
N ASP E 429 18.29 -1.21 50.53
CA ASP E 429 17.29 -2.12 50.01
C ASP E 429 15.99 -2.00 50.78
N THR E 430 16.08 -1.87 52.12
CA THR E 430 14.86 -1.76 52.92
C THR E 430 14.16 -0.45 52.66
N ILE E 431 14.91 0.65 52.50
CA ILE E 431 14.28 1.94 52.23
C ILE E 431 13.64 1.92 50.84
N SER E 432 14.35 1.42 49.82
CA SER E 432 13.85 1.40 48.46
C SER E 432 12.66 0.47 48.29
N ARG E 433 12.48 -0.51 49.19
CA ARG E 433 11.28 -1.34 49.13
C ARG E 433 10.01 -0.52 49.35
N ALA E 434 10.07 0.50 50.20
CA ALA E 434 8.94 1.35 50.54
C ALA E 434 9.13 2.79 50.08
N CYS E 435 10.01 3.04 49.13
CA CYS E 435 10.24 4.36 48.56
C CYS E 435 9.90 4.44 47.08
N PHE E 436 10.35 3.47 46.28
CA PHE E 436 10.01 3.44 44.86
C PHE E 436 8.51 3.33 44.59
N PRO E 437 7.73 2.45 45.23
CA PRO E 437 6.27 2.52 45.03
C PRO E 437 5.64 3.82 45.51
N LEU E 438 6.16 4.44 46.56
CA LEU E 438 5.61 5.71 47.01
C LEU E 438 5.92 6.84 46.04
N ALA E 439 7.15 6.86 45.52
CA ALA E 439 7.52 7.86 44.53
C ALA E 439 6.91 7.59 43.17
N PHE E 440 6.36 6.39 42.95
CA PHE E 440 5.69 6.15 41.69
C PHE E 440 4.19 6.43 41.81
N LEU E 441 3.62 6.15 42.99
CA LEU E 441 2.22 6.48 43.21
C LEU E 441 2.02 7.98 43.20
N ILE E 442 3.00 8.74 43.72
CA ILE E 442 2.86 10.19 43.67
C ILE E 442 2.89 10.67 42.22
N PHE E 443 3.76 10.07 41.39
CA PHE E 443 3.79 10.47 39.99
C PHE E 443 2.49 10.09 39.29
N ASN E 444 1.90 8.95 39.67
CA ASN E 444 0.63 8.56 39.07
C ASN E 444 -0.46 9.57 39.41
N ILE E 445 -0.43 10.10 40.64
CA ILE E 445 -1.39 11.15 40.99
C ILE E 445 -1.08 12.41 40.19
N PHE E 446 0.19 12.72 40.02
CA PHE E 446 0.58 13.93 39.30
C PHE E 446 0.55 13.76 37.79
N TYR E 447 0.01 12.66 37.31
CA TYR E 447 -0.11 12.41 35.87
C TYR E 447 -1.55 12.17 35.47
N TRP E 448 -2.32 11.51 36.32
CA TRP E 448 -3.71 11.19 36.05
C TRP E 448 -4.67 12.25 36.59
N VAL E 449 -4.16 13.31 37.20
CA VAL E 449 -4.97 14.45 37.62
C VAL E 449 -4.69 15.68 36.76
N ILE E 450 -3.43 15.94 36.43
CA ILE E 450 -3.08 17.08 35.57
C ILE E 450 -3.55 16.88 34.14
N TYR E 451 -3.93 15.66 33.77
CA TYR E 451 -4.46 15.40 32.45
C TYR E 451 -5.97 15.25 32.42
N LYS E 452 -6.60 14.93 33.56
CA LYS E 452 -8.05 14.97 33.63
C LYS E 452 -8.58 16.35 33.97
N ILE E 453 -7.70 17.31 34.27
CA ILE E 453 -8.08 18.70 34.49
C ILE E 453 -8.02 19.49 33.20
N LEU E 454 -6.85 19.39 32.54
CA LEU E 454 -6.53 20.20 31.32
C LEU E 454 -7.22 19.65 30.07
N ARG E 455 -7.28 18.34 29.90
CA ARG E 455 -8.04 17.80 28.74
C ARG E 455 -9.49 18.20 28.94
N HIS E 456 -9.99 18.18 30.18
CA HIS E 456 -11.37 18.65 30.42
C HIS E 456 -11.48 20.10 29.97
N GLU E 457 -10.43 20.89 30.21
CA GLU E 457 -10.41 22.31 29.76
C GLU E 457 -10.28 22.34 28.23
N ASP E 458 -10.60 23.46 27.60
CA ASP E 458 -10.57 23.56 26.12
C ASP E 458 -11.53 22.53 25.52
N ILE E 459 -12.81 22.57 25.92
CA ILE E 459 -13.83 21.65 25.36
C ILE E 459 -13.91 21.92 23.85
N HIS E 460 -13.87 23.19 23.46
CA HIS E 460 -13.87 23.56 22.02
C HIS E 460 -12.48 24.08 21.65
C1 NAG F . 6.71 40.21 -24.65
C2 NAG F . 6.28 41.29 -25.64
C3 NAG F . 7.43 41.65 -26.55
C4 NAG F . 8.67 42.03 -25.74
C5 NAG F . 8.99 40.94 -24.72
C6 NAG F . 10.11 41.33 -23.78
C7 NAG F . 3.87 41.22 -26.12
C8 NAG F . 2.80 40.68 -27.02
N2 NAG F . 5.13 40.85 -26.41
O3 NAG F . 7.05 42.73 -27.40
O4 NAG F . 9.79 42.19 -26.62
O5 NAG F . 7.84 40.67 -23.91
O6 NAG F . 9.69 42.33 -22.85
O7 NAG F . 3.61 41.96 -25.17
C1 NAG F . 10.17 43.58 -26.68
C2 NAG F . 11.43 43.68 -27.56
C3 NAG F . 11.85 45.14 -27.69
C4 NAG F . 10.70 45.99 -28.20
C5 NAG F . 9.46 45.79 -27.30
C6 NAG F . 8.24 46.51 -27.82
C7 NAG F . 12.78 41.63 -27.42
C8 NAG F . 13.94 40.96 -26.74
N2 NAG F . 12.51 42.89 -27.01
O3 NAG F . 12.95 45.24 -28.60
O4 NAG F . 11.05 47.37 -28.19
O5 NAG F . 9.13 44.39 -27.24
O6 NAG F . 8.05 46.30 -29.21
O7 NAG F . 12.11 41.08 -28.28
C1 NAG G . 12.46 2.54 -45.91
C2 NAG G . 12.29 3.04 -47.34
C3 NAG G . 12.51 1.90 -48.33
C4 NAG G . 13.87 1.24 -48.07
C5 NAG G . 14.01 0.85 -46.60
C6 NAG G . 15.39 0.34 -46.26
C7 NAG G . 10.72 4.93 -47.50
C8 NAG G . 9.30 5.35 -47.71
N2 NAG G . 10.96 3.61 -47.53
O3 NAG G . 12.45 2.40 -49.66
O4 NAG G . 13.99 0.07 -48.89
O5 NAG G . 13.77 1.99 -45.77
O6 NAG G . 16.35 1.39 -46.25
O7 NAG G . 11.62 5.75 -47.31
C1 NAG G . 14.98 0.27 -49.91
C2 NAG G . 15.14 -1.04 -50.69
C3 NAG G . 16.15 -0.86 -51.82
C4 NAG G . 15.76 0.32 -52.69
C5 NAG G . 15.57 1.57 -51.84
C6 NAG G . 15.07 2.76 -52.64
C7 NAG G . 14.68 -2.97 -49.25
C8 NAG G . 15.27 -4.03 -48.37
N2 NAG G . 15.55 -2.12 -49.81
O3 NAG G . 16.20 -2.05 -52.60
O4 NAG G . 16.78 0.57 -53.66
O5 NAG G . 14.60 1.32 -50.82
O6 NAG G . 14.00 2.39 -53.49
O7 NAG G . 13.47 -2.90 -49.45
C1 NAG H . -20.69 -24.06 -35.57
C2 NAG H . -21.36 -24.15 -36.93
C3 NAG H . -22.55 -25.12 -36.86
C4 NAG H . -22.11 -26.46 -36.30
C5 NAG H . -21.37 -26.28 -34.97
C6 NAG H . -20.77 -27.57 -34.45
C7 NAG H . -21.10 -22.11 -38.27
C8 NAG H . -21.69 -20.79 -38.63
N2 NAG H . -21.79 -22.85 -37.39
O3 NAG H . -23.10 -25.28 -38.17
O4 NAG H . -23.26 -27.29 -36.08
O5 NAG H . -20.27 -25.36 -35.14
O6 NAG H . -19.66 -27.98 -35.22
O7 NAG H . -20.03 -22.51 -38.74
C1 NAG H . -23.28 -28.39 -37.01
C2 NAG H . -24.47 -29.28 -36.69
C3 NAG H . -24.55 -30.43 -37.67
C4 NAG H . -24.58 -29.91 -39.11
C5 NAG H . -23.39 -28.98 -39.34
C6 NAG H . -23.41 -28.33 -40.70
C7 NAG H . -24.99 -29.20 -34.28
C8 NAG H . -24.79 -29.85 -32.95
N2 NAG H . -24.38 -29.78 -35.32
O3 NAG H . -25.74 -31.20 -37.41
O4 NAG H . -24.53 -31.00 -40.02
O5 NAG H . -23.39 -27.92 -38.37
O6 NAG H . -24.70 -27.81 -41.01
O7 NAG H . -25.67 -28.18 -34.41
C1 NAG I . -46.89 -2.77 -7.75
C2 NAG I . -48.13 -2.64 -8.63
C3 NAG I . -49.26 -1.98 -7.85
C4 NAG I . -49.52 -2.72 -6.54
C5 NAG I . -48.21 -2.88 -5.75
C6 NAG I . -48.36 -3.74 -4.52
C7 NAG I . -47.58 -2.48 -11.02
C8 NAG I . -47.30 -1.56 -12.16
N2 NAG I . -47.84 -1.89 -9.84
O3 NAG I . -50.44 -1.98 -8.64
O4 NAG I . -50.45 -1.99 -5.75
O5 NAG I . -47.21 -3.51 -6.57
O6 NAG I . -48.53 -5.11 -4.85
O7 NAG I . -47.59 -3.70 -11.15
C1 NAG I . -51.70 -2.70 -5.66
C2 NAG I . -52.63 -1.92 -4.73
C3 NAG I . -53.99 -2.61 -4.65
C4 NAG I . -54.57 -2.83 -6.04
C5 NAG I . -53.56 -3.56 -6.92
C6 NAG I . -54.02 -3.71 -8.35
C7 NAG I . -51.36 -0.70 -3.03
C8 NAG I . -50.82 -0.72 -1.63
N2 NAG I . -52.05 -1.78 -3.41
O3 NAG I . -54.88 -1.82 -3.87
O4 NAG I . -55.76 -3.59 -5.95
O5 NAG I . -52.32 -2.84 -6.95
O6 NAG I . -54.54 -2.48 -8.86
O7 NAG I . -51.17 0.25 -3.78
C1 NAG J . -30.02 36.98 -1.01
C2 NAG J . -31.12 37.83 -1.66
C3 NAG J . -30.79 39.31 -1.50
C4 NAG J . -30.55 39.64 -0.03
C5 NAG J . -29.51 38.70 0.58
C6 NAG J . -29.34 38.89 2.06
C7 NAG J . -32.23 36.68 -3.52
C8 NAG J . -32.25 36.44 -5.00
N2 NAG J . -31.27 37.50 -3.06
O3 NAG J . -31.88 40.09 -2.00
O4 NAG J . -30.09 40.99 0.09
O5 NAG J . -29.90 37.34 0.36
O6 NAG J . -30.45 38.39 2.78
O7 NAG J . -33.05 36.17 -2.77
C1 NAG J . -31.09 41.82 0.71
C2 NAG J . -30.51 43.22 0.89
C3 NAG J . -31.54 44.15 1.51
C4 NAG J . -32.83 44.13 0.70
C5 NAG J . -33.32 42.70 0.52
C6 NAG J . -34.52 42.59 -0.38
C7 NAG J . -28.07 43.13 1.19
C8 NAG J . -26.94 43.10 2.18
N2 NAG J . -29.30 43.19 1.71
O3 NAG J . -31.02 45.48 1.58
O4 NAG J . -33.84 44.89 1.36
O5 NAG J . -32.28 41.90 -0.08
O6 NAG J . -34.35 43.36 -1.57
O7 NAG J . -27.87 43.11 -0.02
C1A PIO K . 24.78 24.64 19.80
O1A PIO K . 25.61 25.46 19.50
C2A PIO K . 24.89 23.62 20.91
O2C PIO K . 23.62 24.55 19.12
C3A PIO K . 26.17 23.70 21.71
C4A PIO K . 26.18 22.74 22.88
C5A PIO K . 26.16 21.29 22.44
C6A PIO K . 25.80 20.28 23.52
C7A PIO K . 26.69 20.29 24.73
C8A PIO K . 26.34 19.23 25.75
C1A PIO L . 21.04 20.88 20.53
O1A PIO L . 21.95 21.66 20.64
C2A PIO L . 20.60 19.86 21.57
O2C PIO L . 20.28 20.88 19.43
C3A PIO L . 21.68 18.90 21.96
C4A PIO L . 21.20 17.77 22.86
C5A PIO L . 22.28 16.79 23.24
C6A PIO L . 21.82 15.55 23.96
C7A PIO L . 22.93 14.62 24.38
C8A PIO L . 23.94 15.24 25.31
C1B PIO M . 11.22 19.88 21.85
O1B PIO M . 12.11 20.65 21.59
C2B PIO M . 11.44 18.40 22.09
C3B PIO M . 12.34 18.05 23.26
O3C PIO M . 9.94 20.25 21.94
C4B PIO M . 12.11 16.64 23.80
C5B PIO M . 12.93 16.22 25.02
C6B PIO M . 12.74 17.03 26.30
C1B PIO N . 17.04 20.30 24.54
O1B PIO N . 17.86 21.18 24.54
C2B PIO N . 17.37 18.84 24.78
C3B PIO N . 18.04 18.53 26.10
O3C PIO N . 15.75 20.53 24.34
C4B PIO N . 18.31 17.04 26.34
C5B PIO N . 19.05 16.68 27.62
C6B PIO N . 19.29 15.20 27.89
C1B PIO O . 45.47 -2.71 28.42
O1B PIO O . 46.17 -1.95 29.04
C2B PIO O . 43.99 -2.47 28.16
C3B PIO O . 43.59 -2.43 26.71
O3C PIO O . 45.93 -3.84 27.89
C4B PIO O . 42.12 -2.07 26.46
C5B PIO O . 41.67 -2.01 25.01
C6B PIO O . 40.28 -1.43 24.74
C7B PIO O . 39.88 -1.28 23.29
C1A PIO P . 47.58 -8.60 28.58
O1A PIO P . 48.33 -7.80 29.08
C2A PIO P . 46.10 -8.42 28.34
O2C PIO P . 48.03 -9.80 28.15
C3A PIO P . 45.68 -8.52 26.91
C4A PIO P . 44.18 -8.36 26.71
C5A PIO P . 43.75 -8.38 25.26
C6A PIO P . 42.26 -8.20 25.05
C7A PIO P . 41.83 -8.22 23.60
C8A PIO P . 40.72 -9.20 23.30
C1B PIO Q . 31.21 5.06 1.39
O1B PIO Q . 31.97 4.53 0.63
C2B PIO Q . 30.58 4.35 2.57
C3B PIO Q . 31.54 3.80 3.60
O3C PIO Q . 30.84 6.34 1.28
C4B PIO Q . 30.91 3.60 4.99
C5B PIO Q . 31.82 3.11 6.11
C6B PIO Q . 33.00 4.00 6.48
O5 PX4 R . 44.59 3.14 32.70
C9 PX4 R . 44.95 2.54 31.41
O6 PX4 R . 46.05 1.96 31.29
C10 PX4 R . 43.97 2.64 30.16
C11 PX4 R . 42.57 1.93 30.52
C12 PX4 R . 41.69 1.83 29.18
C13 PX4 R . 41.06 3.24 28.81
C14 PX4 R . 40.83 3.30 27.22
C15 PX4 R . 39.83 4.48 26.84
C16 PX4 R . 40.09 4.92 25.32
C17 PX4 R . 38.73 5.43 24.66
C18 PX4 R . 37.81 4.16 24.32
C19 PX4 R . 36.59 4.60 23.38
N GLY S . -11.85 30.83 -6.31
CA GLY S . -10.41 30.90 -6.09
C GLY S . -9.66 31.53 -7.25
O GLY S . -10.17 31.59 -8.37
OXT GLY S . -8.54 32.00 -7.09
N GLY T . 8.81 20.43 -25.21
CA GLY T . 9.70 19.28 -25.18
C GLY T . 9.74 18.52 -26.49
O GLY T . 8.83 18.62 -27.31
OXT GLY T . 10.68 17.78 -26.76
C1A PIO U . 39.66 -5.34 -4.17
O1A PIO U . 40.39 -5.82 -5.01
C2A PIO U . 39.79 -5.50 -2.67
O2C PIO U . 38.60 -4.60 -4.53
C3A PIO U . 40.98 -6.32 -2.23
C4A PIO U . 41.11 -6.35 -0.72
C5A PIO U . 39.97 -7.04 -0.03
C6A PIO U . 39.84 -6.81 1.46
C7A PIO U . 41.05 -7.19 2.27
C8A PIO U . 40.86 -7.00 3.76
C1A PIO V . 35.96 -3.40 -0.82
O1A PIO V . 36.95 -3.83 -1.33
C2A PIO V . 35.76 -3.11 0.65
O2C PIO V . 34.88 -3.10 -1.58
C3A PIO V . 35.96 -4.30 1.54
C4A PIO V . 35.60 -4.05 3.00
C5A PIO V . 35.79 -5.26 3.88
C6A PIO V . 35.26 -5.13 5.28
C7A PIO V . 35.51 -6.33 6.16
C8A PIO V . 36.97 -6.66 6.34
C1B PIO W . 36.07 1.07 2.70
O1B PIO W . 37.01 0.70 2.05
C2B PIO W . 35.50 0.27 3.86
C3B PIO W . 36.47 -0.02 4.99
O3C PIO W . 35.43 2.21 2.47
C4B PIO W . 35.85 -0.77 6.17
C5B PIO W . 36.80 -1.15 7.30
C6B PIO W . 36.19 -1.87 8.50
C1B PIO X . 38.64 -31.39 19.83
O1B PIO X . 39.83 -31.50 19.72
C2B PIO X . 37.89 -30.10 19.56
C3B PIO X . 36.81 -30.20 18.51
O3C PIO X . 37.86 -32.41 20.21
C4B PIO X . 36.15 -28.86 18.17
C5B PIO X . 35.05 -28.90 17.10
C6B PIO X . 34.55 -27.56 16.58
C7B PIO X . 33.53 -27.61 15.45
C1A PIO Y . 36.22 -35.49 23.90
O1A PIO Y . 37.40 -35.67 23.66
C2A PIO Y . 35.45 -34.20 23.68
O2C PIO Y . 35.46 -36.49 24.39
C3A PIO Y . 34.28 -34.34 22.75
C4A PIO Y . 33.51 -33.04 22.58
C5A PIO Y . 32.39 -33.13 21.57
C6A PIO Y . 31.63 -31.84 21.36
C7A PIO Y . 30.50 -31.94 20.36
C8A PIO Y . 29.18 -31.45 20.89
C1B PIO Z . 19.48 -24.46 -4.24
O1B PIO Z . 19.07 -25.56 -4.47
C2B PIO Z . 19.48 -23.83 -2.86
C3B PIO Z . 20.26 -24.55 -1.79
O3C PIO Z . 20.01 -23.67 -5.18
C4B PIO Z . 20.68 -23.65 -0.62
C5B PIO Z . 21.53 -24.29 0.47
C6B PIO Z . 22.89 -24.84 0.06
O5 PX4 AA . 44.38 -26.99 18.92
C9 PX4 AA . 43.41 -27.95 18.39
O6 PX4 AA . 43.53 -29.16 18.64
C10 PX4 AA . 42.20 -27.44 17.47
C11 PX4 AA . 41.31 -26.39 18.29
C12 PX4 AA . 39.96 -26.10 17.45
C13 PX4 AA . 40.28 -25.12 16.24
C14 PX4 AA . 39.22 -25.39 15.06
C15 PX4 AA . 39.20 -24.17 14.03
C16 PX4 AA . 38.65 -24.71 12.62
C17 PX4 AA . 37.87 -23.54 11.86
C18 PX4 AA . 36.43 -23.35 12.55
C19 PX4 AA . 35.51 -22.41 11.63
N GLY BA . 1.25 -7.37 -32.79
CA GLY BA . 1.03 -8.59 -32.03
C GLY BA . -0.22 -9.34 -32.45
O GLY BA . -1.12 -8.77 -33.06
OXT GLY BA . -0.36 -10.54 -32.20
N GLY CA . -24.18 -14.17 -18.65
CA GLY CA . -24.56 -14.23 -17.24
C GLY CA . -25.90 -13.57 -16.97
O GLY CA . -26.39 -12.76 -17.75
OXT GLY CA . -26.54 -13.85 -15.95
C1A PIO DA . 13.97 -37.61 -1.51
O1A PIO DA . 13.53 -38.68 -1.82
C2A PIO DA . 14.87 -37.32 -0.33
O2C PIO DA . 13.68 -36.51 -2.23
C3A PIO DA . 15.23 -38.52 0.48
C4A PIO DA . 16.23 -38.18 1.59
C5A PIO DA . 15.66 -37.25 2.63
C6A PIO DA . 16.66 -36.58 3.54
C7A PIO DA . 17.54 -37.52 4.34
C8A PIO DA . 18.48 -36.82 5.28
C1A PIO EA . 15.37 -32.59 -0.25
O1A PIO EA . 15.29 -33.78 -0.36
C2A PIO EA . 16.36 -31.86 0.62
O2C PIO EA . 14.55 -31.79 -0.94
C3A PIO EA . 16.28 -32.21 2.08
C4A PIO EA . 17.16 -31.36 2.98
C5A PIO EA . 17.06 -31.72 4.44
C6A PIO EA . 17.75 -30.76 5.38
C7A PIO EA . 17.69 -31.18 6.83
C8A PIO EA . 18.34 -32.52 7.11
C1B PIO FA . 20.31 -29.83 -0.79
O1B PIO FA . 20.15 -30.99 -1.07
C2B PIO FA . 20.26 -29.28 0.62
C3B PIO FA . 21.26 -29.88 1.58
O3C PIO FA . 20.54 -28.89 -1.72
C4B PIO FA . 21.23 -29.27 2.98
C5B PIO FA . 22.18 -29.89 4.01
C6B PIO FA . 22.19 -29.28 5.41
C1B PIO GA . 12.64 -39.76 33.84
O1B PIO GA . 13.10 -40.87 33.77
C2B PIO GA . 12.88 -38.68 32.80
C3B PIO GA . 11.63 -38.11 32.17
O3C PIO GA . 11.87 -39.37 34.86
C4B PIO GA . 11.90 -37.11 31.05
C5B PIO GA . 10.67 -36.51 30.36
C6B PIO GA . 10.90 -35.70 29.09
C7B PIO GA . 9.68 -35.21 28.36
C1A PIO HA . 11.46 -38.04 39.74
O1A PIO HA . 11.81 -39.19 39.62
C2A PIO HA . 11.73 -36.93 38.75
O2C PIO HA . 10.79 -37.62 40.84
C3A PIO HA . 10.49 -36.26 38.24
C4A PIO HA . 10.78 -35.14 37.26
C5A PIO HA . 9.54 -34.51 36.66
C6A PIO HA . 9.81 -33.41 35.66
C7A PIO HA . 8.57 -32.79 35.07
C8A PIO HA . 8.52 -31.28 35.20
O5 PX4 IA . 17.63 -43.26 29.82
C9 PX4 IA . 16.23 -42.96 30.15
O6 PX4 IA . 15.71 -43.47 31.17
C10 PX4 IA . 15.36 -42.00 29.20
C11 PX4 IA . 16.05 -40.55 29.13
C12 PX4 IA . 15.04 -39.53 28.40
C13 PX4 IA . 15.05 -39.79 26.82
C14 PX4 IA . 13.62 -39.35 26.23
C15 PX4 IA . 13.70 -39.16 24.64
C16 PX4 IA . 12.23 -39.35 24.03
C17 PX4 IA . 12.08 -38.44 22.72
C18 PX4 IA . 11.91 -36.91 23.17
C19 PX4 IA . 11.45 -36.02 21.92
C1A PIO JA . -16.67 -27.54 24.16
O1A PIO JA . -17.74 -27.68 24.71
C2A PIO JA . -15.31 -27.83 24.76
O2C PIO JA . -16.60 -27.08 22.90
C3A PIO JA . -15.35 -28.37 26.15
C4A PIO JA . -13.97 -28.76 26.67
C5A PIO JA . -13.05 -27.57 26.81
C6A PIO JA . -11.57 -27.88 26.95
C7A PIO JA . -11.22 -28.77 28.11
C8A PIO JA . -9.74 -29.01 28.25
C1A PIO KA . -12.16 -26.36 21.54
O1A PIO KA . -12.99 -26.79 22.27
C2A PIO KA . -10.67 -26.66 21.59
O2C PIO KA . -12.51 -25.54 20.52
C3A PIO KA . -10.03 -26.28 22.90
C4A PIO KA . -8.52 -26.42 22.90
C5A PIO KA . -7.88 -26.02 24.22
C6A PIO KA . -6.37 -25.94 24.20
C7A PIO KA . -5.75 -25.61 25.53
C8A PIO KA . -6.07 -26.61 26.62
C1B PIO LA . -7.64 -27.92 12.80
O1B PIO LA . -8.66 -28.06 13.42
C2B PIO LA . -6.41 -27.22 13.36
C3B PIO LA . -5.79 -27.86 14.59
O3C PIO LA . -7.48 -28.35 11.55
C4B PIO LA . -4.32 -27.50 14.79
C5B PIO LA . -3.59 -28.16 15.97
C6B PIO LA . -3.51 -29.68 15.97
C1B PIO MA . -8.35 -29.70 18.94
O1B PIO MA . -9.30 -30.11 19.55
C2B PIO MA . -7.17 -29.00 19.59
C3B PIO MA . -6.43 -29.81 20.63
O3C PIO MA . -8.23 -29.82 17.61
C4B PIO MA . -5.21 -29.10 21.23
C5B PIO MA . -4.47 -29.84 22.34
C6B PIO MA . -3.24 -29.18 22.93
C1B PIO NA . 3.33 -16.11 51.06
O1B PIO NA . 2.85 -16.96 51.75
C2B PIO NA . 3.45 -16.20 49.55
C3B PIO NA . 2.77 -15.11 48.77
O3C PIO NA . 3.81 -14.96 51.56
C4B PIO NA . 2.81 -15.30 47.25
C5B PIO NA . 2.13 -14.21 46.42
C6B PIO NA . 1.95 -14.48 44.93
C7B PIO NA . 1.18 -13.45 44.14
C1A PIO OA . 7.45 -12.58 54.17
O1A PIO OA . 6.86 -13.35 54.87
C2A PIO OA . 7.63 -12.66 52.67
O2C PIO OA . 8.05 -11.48 54.70
C3A PIO OA . 7.09 -11.49 51.91
C4A PIO OA . 7.31 -11.61 50.41
C5A PIO OA . 6.69 -10.48 49.62
C6A PIO OA . 6.87 -10.58 48.13
C7A PIO OA . 6.27 -9.45 47.34
C8A PIO OA . 7.23 -8.78 46.38
C1B PIO PA . -12.77 -0.46 28.92
O1B PIO PA . -12.98 0.56 29.52
C2B PIO PA . -11.39 -1.08 28.77
C3B PIO PA . -10.70 -1.48 30.04
O3C PIO PA . -13.74 -1.16 28.31
C4B PIO PA . -9.63 -2.55 29.86
C5B PIO PA . -8.93 -3.06 31.12
C6B PIO PA . -9.80 -3.73 32.17
O5 PX4 QA . 1.20 -23.04 50.30
C9 PX4 QA . 0.88 -21.62 50.42
O6 PX4 QA . 0.95 -21.05 51.52
C10 PX4 QA . 0.45 -20.78 49.12
C11 PX4 QA . 1.61 -20.83 48.02
C12 PX4 QA . 1.27 -19.78 46.86
C13 PX4 QA . 0.13 -20.38 45.90
C14 PX4 QA . -0.67 -19.15 45.25
C15 PX4 QA . -1.52 -19.65 43.98
C16 PX4 QA . -2.74 -18.64 43.75
C17 PX4 QA . -3.09 -18.57 42.19
C18 PX4 QA . -1.97 -17.67 41.47
C19 PX4 QA . -2.45 -17.31 39.98
C1B PIO RA . 23.52 6.72 47.73
O1B PIO RA . 23.19 7.01 48.85
C2B PIO RA . 22.59 6.10 46.71
C3B PIO RA . 22.44 6.88 45.42
O3C PIO RA . 24.77 6.91 47.27
C4B PIO RA . 21.40 6.30 44.45
C5B PIO RA . 21.20 7.05 43.14
C6B PIO RA . 20.03 6.63 42.27
C7B PIO RA . 19.77 7.46 41.02
C1A PIO SA . 29.65 5.52 47.29
O1A PIO SA . 29.31 5.95 48.37
C2A PIO SA . 28.76 4.85 46.27
O2C PIO SA . 30.94 5.60 46.89
C3A PIO SA . 28.73 5.55 44.94
C4A PIO SA . 27.83 4.85 43.92
C5A PIO SA . 27.73 5.58 42.61
C6A PIO SA . 26.83 4.91 41.59
C7A PIO SA . 26.72 5.64 40.28
C8A PIO SA . 27.01 4.78 39.07
O5 PX4 TA . 17.80 5.58 52.09
C9 PX4 TA . 18.57 6.45 51.21
O6 PX4 TA . 19.64 6.95 51.61
C10 PX4 TA . 18.05 6.75 49.72
C11 PX4 TA . 17.93 5.38 48.90
C12 PX4 TA . 17.67 5.73 47.36
C13 PX4 TA . 16.15 6.17 47.15
C14 PX4 TA . 16.08 7.15 45.88
C15 PX4 TA . 14.57 7.28 45.35
C16 PX4 TA . 14.43 8.67 44.56
C17 PX4 TA . 13.34 8.51 43.39
C18 PX4 TA . 13.99 7.68 42.19
C19 PX4 TA . 13.04 7.77 40.90
N GLY UA . -32.18 9.43 -2.14
CA GLY UA . -31.54 10.16 -1.08
C GLY UA . -31.64 11.67 -1.24
O GLY UA . -31.88 12.17 -2.35
OXT GLY UA . -31.49 12.43 -0.29
C1A PIO VA . -9.98 11.04 37.32
O1A PIO VA . -10.26 12.08 37.88
C2A PIO VA . -9.12 9.94 37.87
O2C PIO VA . -10.45 10.77 36.08
C3A PIO VA . -8.58 10.19 39.26
C4A PIO VA . -7.81 9.01 39.81
C5A PIO VA . -6.54 8.71 39.03
C6A PIO VA . -5.91 7.36 39.27
C7A PIO VA . -5.54 7.08 40.69
C8A PIO VA . -4.86 5.74 40.88
C1A PIO WA . -8.65 6.78 34.36
O1A PIO WA . -8.87 7.56 35.25
C2A PIO WA . -8.05 5.40 34.52
O2C PIO WA . -8.97 7.09 33.09
C3A PIO WA . -6.69 5.40 35.16
C4A PIO WA . -6.01 4.04 35.16
C5A PIO WA . -4.64 4.05 35.80
C6A PIO WA . -3.85 2.78 35.65
C7A PIO WA . -2.51 2.79 36.34
C8A PIO WA . -2.59 3.01 37.83
C1B PIO XA . -10.38 1.37 34.59
O1B PIO XA . -10.72 2.22 35.37
C2B PIO XA . -8.96 0.82 34.51
C3B PIO XA . -8.43 0.20 35.78
O3C PIO XA . -11.22 0.81 33.72
C4B PIO XA . -7.03 -0.40 35.65
C5B PIO XA . -6.41 -0.97 36.92
C6B PIO XA . -5.03 -1.61 36.79
#